data_1WH8
#
_entry.id   1WH8
#
_entity_poly.entity_id   1
_entity_poly.type   'polypeptide(L)'
_entity_poly.pdbx_seq_one_letter_code
;GSSGSSGYSGSQAPGGIQEIVAMSPELDTYSITKRVKEVLTDNNLGQRLFGESILGLTQGSVSDLLSRPKPWHKLSLKGR
EPFVRMQLWLNDPHNVEKLRDMKKLSGPSSG
;
_entity_poly.pdbx_strand_id   A
#
# COMPACT_ATOMS: atom_id res chain seq x y z
N GLY A 1 13.30 -20.95 -46.23
CA GLY A 1 13.85 -19.60 -46.04
C GLY A 1 12.74 -18.66 -45.64
N SER A 2 13.02 -17.36 -45.57
CA SER A 2 12.03 -16.30 -45.42
C SER A 2 12.59 -15.06 -46.15
N SER A 3 11.84 -13.97 -46.18
CA SER A 3 12.26 -12.66 -46.65
C SER A 3 11.34 -11.61 -46.00
N GLY A 4 11.56 -10.33 -46.29
CA GLY A 4 10.85 -9.23 -45.69
C GLY A 4 11.40 -8.90 -44.30
N SER A 5 10.72 -7.99 -43.60
CA SER A 5 11.11 -7.49 -42.29
C SER A 5 9.84 -7.15 -41.52
N SER A 6 9.80 -7.40 -40.22
CA SER A 6 8.65 -7.12 -39.37
C SER A 6 9.10 -6.96 -37.92
N GLY A 7 8.16 -6.61 -37.03
CA GLY A 7 8.43 -6.29 -35.64
C GLY A 7 8.78 -4.81 -35.48
N TYR A 8 8.92 -4.37 -34.23
CA TYR A 8 9.28 -3.03 -33.82
C TYR A 8 9.74 -3.10 -32.36
N SER A 9 10.17 -1.98 -31.80
CA SER A 9 10.32 -1.74 -30.38
C SER A 9 10.34 -0.22 -30.15
N GLY A 10 10.59 0.24 -28.93
CA GLY A 10 10.92 1.64 -28.67
C GLY A 10 9.73 2.38 -28.08
N SER A 11 9.48 2.20 -26.79
CA SER A 11 8.56 2.97 -25.97
C SER A 11 9.12 3.00 -24.55
N GLN A 12 8.80 4.02 -23.77
CA GLN A 12 9.07 4.08 -22.34
C GLN A 12 7.89 4.75 -21.63
N ALA A 13 7.98 4.84 -20.30
CA ALA A 13 7.01 5.49 -19.45
C ALA A 13 7.73 6.32 -18.39
N PRO A 14 7.11 7.40 -17.90
CA PRO A 14 7.68 8.20 -16.80
C PRO A 14 7.66 7.41 -15.49
N GLY A 15 6.66 6.54 -15.29
CA GLY A 15 6.42 5.89 -14.03
C GLY A 15 5.65 6.80 -13.08
N GLY A 16 5.51 6.34 -11.84
CA GLY A 16 4.84 7.06 -10.77
C GLY A 16 3.50 6.42 -10.45
N ILE A 17 3.07 6.54 -9.19
CA ILE A 17 1.87 5.88 -8.69
C ILE A 17 0.65 6.26 -9.53
N GLN A 18 0.51 7.53 -9.91
CA GLN A 18 -0.70 7.99 -10.54
C GLN A 18 -0.90 7.36 -11.93
N GLU A 19 0.16 6.90 -12.56
CA GLU A 19 0.14 6.22 -13.84
C GLU A 19 -0.16 4.73 -13.68
N ILE A 20 0.19 4.12 -12.54
CA ILE A 20 -0.25 2.77 -12.19
C ILE A 20 -1.77 2.83 -11.98
N VAL A 21 -2.22 3.79 -11.17
CA VAL A 21 -3.62 4.06 -10.86
C VAL A 21 -4.39 4.34 -12.15
N ALA A 22 -3.78 5.01 -13.14
CA ALA A 22 -4.42 5.35 -14.39
C ALA A 22 -4.91 4.08 -15.10
N MET A 23 -4.03 3.09 -15.14
CA MET A 23 -4.25 1.83 -15.83
C MET A 23 -5.18 0.90 -15.02
N SER A 24 -5.32 1.17 -13.72
CA SER A 24 -5.96 0.27 -12.77
C SER A 24 -7.42 -0.02 -13.17
N PRO A 25 -7.90 -1.25 -12.92
CA PRO A 25 -9.31 -1.57 -12.92
C PRO A 25 -9.97 -0.96 -11.67
N GLU A 26 -11.27 -1.13 -11.55
CA GLU A 26 -12.05 -0.70 -10.40
C GLU A 26 -11.63 -1.47 -9.15
N LEU A 27 -10.85 -0.82 -8.29
CA LEU A 27 -10.36 -1.36 -7.04
C LEU A 27 -11.37 -1.03 -5.96
N ASP A 28 -12.16 -2.03 -5.58
CA ASP A 28 -13.24 -1.95 -4.60
C ASP A 28 -12.73 -1.37 -3.29
N THR A 29 -12.93 -0.08 -3.09
CA THR A 29 -12.31 0.64 -2.01
C THR A 29 -12.72 0.00 -0.69
N TYR A 30 -14.00 -0.33 -0.53
CA TYR A 30 -14.53 -0.92 0.67
C TYR A 30 -13.82 -2.23 1.00
N SER A 31 -13.85 -3.21 0.10
CA SER A 31 -13.29 -4.53 0.31
C SER A 31 -11.79 -4.43 0.63
N ILE A 32 -11.06 -3.55 -0.04
CA ILE A 32 -9.65 -3.27 0.25
C ILE A 32 -9.57 -2.71 1.67
N THR A 33 -10.27 -1.63 2.04
CA THR A 33 -10.18 -1.07 3.39
C THR A 33 -10.48 -2.11 4.46
N LYS A 34 -11.51 -2.94 4.22
CA LYS A 34 -11.88 -4.05 5.08
C LYS A 34 -10.68 -4.97 5.27
N ARG A 35 -10.18 -5.56 4.19
CA ARG A 35 -9.09 -6.52 4.24
C ARG A 35 -7.85 -5.91 4.88
N VAL A 36 -7.54 -4.64 4.58
CA VAL A 36 -6.42 -3.89 5.11
C VAL A 36 -6.55 -3.75 6.63
N LYS A 37 -7.71 -3.29 7.12
CA LYS A 37 -7.99 -3.18 8.56
C LYS A 37 -7.75 -4.52 9.24
N GLU A 38 -8.24 -5.59 8.63
CA GLU A 38 -8.18 -6.92 9.22
C GLU A 38 -6.75 -7.42 9.28
N VAL A 39 -5.94 -7.11 8.28
CA VAL A 39 -4.50 -7.33 8.31
C VAL A 39 -3.84 -6.52 9.43
N LEU A 40 -4.20 -5.24 9.62
CA LEU A 40 -3.65 -4.45 10.73
C LEU A 40 -4.02 -5.10 12.06
N THR A 41 -5.29 -5.43 12.27
CA THR A 41 -5.78 -6.04 13.50
C THR A 41 -5.12 -7.41 13.73
N ASP A 42 -4.97 -8.27 12.72
CA ASP A 42 -4.41 -9.61 12.90
C ASP A 42 -3.01 -9.50 13.51
N ASN A 43 -2.22 -8.62 12.89
CA ASN A 43 -0.83 -8.34 13.25
C ASN A 43 -0.72 -7.32 14.38
N ASN A 44 -1.83 -6.89 14.98
CA ASN A 44 -1.97 -5.90 16.06
C ASN A 44 -1.31 -4.54 15.81
N LEU A 45 -1.09 -4.23 14.54
CA LEU A 45 -0.48 -3.01 14.02
C LEU A 45 -1.37 -1.80 14.29
N GLY A 46 -0.77 -0.62 14.18
CA GLY A 46 -1.35 0.69 14.42
C GLY A 46 -1.52 1.44 13.11
N GLN A 47 -2.76 1.77 12.72
CA GLN A 47 -3.14 2.36 11.44
C GLN A 47 -2.17 3.42 10.92
N ARG A 48 -1.71 4.31 11.81
CA ARG A 48 -0.85 5.44 11.43
C ARG A 48 0.35 5.00 10.65
N LEU A 49 1.05 3.97 11.12
CA LEU A 49 2.35 3.55 10.62
C LEU A 49 2.21 3.13 9.17
N PHE A 50 1.27 2.22 8.91
CA PHE A 50 0.84 1.89 7.57
C PHE A 50 0.57 3.16 6.74
N GLY A 51 -0.23 4.09 7.26
CA GLY A 51 -0.55 5.32 6.55
C GLY A 51 0.70 6.15 6.26
N GLU A 52 1.67 6.23 7.17
CA GLU A 52 2.91 6.96 6.99
C GLU A 52 3.72 6.30 5.89
N SER A 53 4.16 5.07 6.11
CA SER A 53 5.14 4.38 5.27
C SER A 53 4.58 4.00 3.89
N ILE A 54 3.32 3.59 3.81
CA ILE A 54 2.70 3.20 2.55
C ILE A 54 2.08 4.43 1.91
N LEU A 55 1.21 5.12 2.65
CA LEU A 55 0.26 6.06 2.04
C LEU A 55 0.69 7.53 2.14
N GLY A 56 1.72 7.86 2.92
CA GLY A 56 2.13 9.23 3.23
C GLY A 56 1.03 10.04 3.93
N LEU A 57 0.06 9.40 4.61
CA LEU A 57 -1.13 10.05 5.16
C LEU A 57 -0.98 10.26 6.67
N THR A 58 -1.46 11.42 7.13
CA THR A 58 -1.75 11.69 8.53
C THR A 58 -2.72 10.63 9.08
N GLN A 59 -2.63 10.31 10.37
CA GLN A 59 -3.51 9.31 10.98
C GLN A 59 -4.96 9.72 10.84
N GLY A 60 -5.28 11.01 11.02
CA GLY A 60 -6.62 11.52 10.78
C GLY A 60 -7.10 11.10 9.40
N SER A 61 -6.29 11.36 8.37
CA SER A 61 -6.59 11.07 6.98
C SER A 61 -6.67 9.57 6.69
N VAL A 62 -5.81 8.72 7.28
CA VAL A 62 -5.83 7.28 7.05
C VAL A 62 -7.03 6.65 7.75
N SER A 63 -7.32 7.04 8.99
CA SER A 63 -8.43 6.52 9.74
C SER A 63 -9.74 6.91 9.08
N ASP A 64 -9.86 8.11 8.52
CA ASP A 64 -11.00 8.50 7.69
C ASP A 64 -11.09 7.64 6.43
N LEU A 65 -9.95 7.34 5.80
CA LEU A 65 -9.90 6.50 4.61
C LEU A 65 -10.50 5.13 4.89
N LEU A 66 -10.03 4.47 5.96
CA LEU A 66 -10.54 3.16 6.35
C LEU A 66 -11.98 3.23 6.83
N SER A 67 -12.31 4.25 7.62
CA SER A 67 -13.62 4.41 8.22
C SER A 67 -14.68 4.47 7.13
N ARG A 68 -14.58 5.47 6.24
CA ARG A 68 -15.63 5.81 5.30
C ARG A 68 -15.00 6.04 3.92
N PRO A 69 -14.47 5.00 3.25
CA PRO A 69 -13.86 5.17 1.94
C PRO A 69 -14.92 5.69 0.98
N LYS A 70 -14.57 6.60 0.08
CA LYS A 70 -15.42 6.90 -1.06
C LYS A 70 -15.32 5.77 -2.09
N PRO A 71 -16.31 5.64 -2.98
CA PRO A 71 -16.29 4.62 -4.01
C PRO A 71 -15.18 4.96 -5.02
N TRP A 72 -14.71 3.95 -5.75
CA TRP A 72 -13.66 4.15 -6.75
C TRP A 72 -14.07 5.20 -7.77
N HIS A 73 -15.32 5.17 -8.26
CA HIS A 73 -15.82 6.13 -9.24
C HIS A 73 -15.66 7.58 -8.75
N LYS A 74 -15.99 7.84 -7.47
CA LYS A 74 -15.93 9.17 -6.86
C LYS A 74 -14.50 9.69 -6.85
N LEU A 75 -13.55 8.81 -6.58
CA LEU A 75 -12.17 9.17 -6.35
C LEU A 75 -11.55 9.46 -7.70
N SER A 76 -10.89 10.60 -7.83
CA SER A 76 -10.02 10.93 -8.96
C SER A 76 -8.76 10.06 -8.88
N LEU A 77 -7.81 10.12 -9.82
CA LEU A 77 -6.58 9.31 -9.72
C LEU A 77 -5.84 9.58 -8.42
N LYS A 78 -5.68 10.86 -8.04
CA LYS A 78 -5.14 11.25 -6.74
C LYS A 78 -5.97 10.70 -5.56
N GLY A 79 -7.28 10.50 -5.76
CA GLY A 79 -8.17 9.85 -4.81
C GLY A 79 -7.85 8.37 -4.64
N ARG A 80 -7.57 7.70 -5.75
CA ARG A 80 -7.36 6.27 -5.83
C ARG A 80 -5.94 5.88 -5.45
N GLU A 81 -5.00 6.82 -5.55
CA GLU A 81 -3.58 6.71 -5.25
C GLU A 81 -3.31 5.82 -4.02
N PRO A 82 -3.87 6.12 -2.84
CA PRO A 82 -3.61 5.30 -1.67
C PRO A 82 -4.21 3.90 -1.81
N PHE A 83 -5.45 3.75 -2.30
CA PHE A 83 -6.10 2.45 -2.39
C PHE A 83 -5.39 1.49 -3.33
N VAL A 84 -4.77 2.00 -4.40
CA VAL A 84 -3.91 1.19 -5.26
C VAL A 84 -2.74 0.67 -4.44
N ARG A 85 -2.04 1.55 -3.70
CA ARG A 85 -0.96 1.09 -2.85
C ARG A 85 -1.44 0.06 -1.84
N MET A 86 -2.64 0.18 -1.26
CA MET A 86 -3.17 -0.82 -0.37
C MET A 86 -3.40 -2.14 -1.09
N GLN A 87 -4.06 -2.16 -2.24
CA GLN A 87 -4.28 -3.39 -2.99
C GLN A 87 -2.92 -4.11 -3.23
N LEU A 88 -1.92 -3.39 -3.72
CA LEU A 88 -0.59 -3.96 -3.95
C LEU A 88 0.08 -4.37 -2.65
N TRP A 89 -0.02 -3.57 -1.57
CA TRP A 89 0.53 -3.90 -0.27
C TRP A 89 -0.14 -5.14 0.31
N LEU A 90 -1.39 -5.46 -0.05
CA LEU A 90 -2.02 -6.70 0.39
C LEU A 90 -1.39 -7.89 -0.34
N ASN A 91 -1.13 -7.74 -1.65
CA ASN A 91 -0.54 -8.77 -2.49
C ASN A 91 0.93 -9.01 -2.17
N ASP A 92 1.67 -7.98 -1.77
CA ASP A 92 3.08 -8.10 -1.44
C ASP A 92 3.25 -9.06 -0.26
N PRO A 93 4.07 -10.11 -0.36
CA PRO A 93 4.06 -11.17 0.64
C PRO A 93 4.90 -10.81 1.88
N HIS A 94 5.78 -9.82 1.75
CA HIS A 94 6.64 -9.28 2.81
C HIS A 94 6.17 -7.87 3.21
N ASN A 95 4.90 -7.59 2.99
CA ASN A 95 4.22 -6.35 3.28
C ASN A 95 4.25 -6.01 4.77
N VAL A 96 3.77 -6.91 5.63
CA VAL A 96 3.72 -6.76 7.06
C VAL A 96 5.14 -6.83 7.61
N GLU A 97 6.01 -7.65 7.02
CA GLU A 97 7.41 -7.75 7.41
C GLU A 97 8.06 -6.37 7.40
N LYS A 98 8.03 -5.71 6.25
CA LYS A 98 8.60 -4.38 6.08
C LYS A 98 7.88 -3.38 6.98
N LEU A 99 6.57 -3.54 7.17
CA LEU A 99 5.79 -2.62 8.00
C LEU A 99 6.16 -2.74 9.48
N ARG A 100 6.30 -3.96 10.02
CA ARG A 100 6.74 -4.14 11.40
C ARG A 100 8.15 -3.59 11.53
N ASP A 101 9.00 -3.83 10.52
CA ASP A 101 10.40 -3.43 10.53
C ASP A 101 10.60 -1.92 10.74
N MET A 102 9.60 -1.13 10.40
CA MET A 102 9.56 0.31 10.69
C MET A 102 9.66 0.57 12.18
N LYS A 103 8.82 -0.12 12.96
CA LYS A 103 8.76 -0.01 14.42
C LYS A 103 9.92 -0.79 15.04
N LYS A 104 10.28 -1.91 14.40
CA LYS A 104 11.09 -3.02 14.88
C LYS A 104 10.85 -3.19 16.39
N LEU A 105 11.90 -3.35 17.19
CA LEU A 105 11.80 -3.31 18.64
C LEU A 105 11.94 -1.85 19.04
N SER A 106 11.21 -1.39 20.07
CA SER A 106 11.38 -0.06 20.66
C SER A 106 11.56 -0.21 22.17
N GLY A 107 12.01 0.84 22.85
CA GLY A 107 12.02 0.88 24.31
C GLY A 107 10.60 0.97 24.87
N PRO A 108 10.43 0.85 26.20
CA PRO A 108 9.12 0.80 26.85
C PRO A 108 8.31 2.07 26.54
N SER A 109 6.99 1.94 26.48
CA SER A 109 6.07 3.05 26.30
C SER A 109 4.86 2.82 27.19
N SER A 110 4.55 3.83 28.02
CA SER A 110 3.62 3.73 29.16
C SER A 110 4.00 2.58 30.10
N GLY A 111 3.12 2.28 31.06
CA GLY A 111 3.05 0.96 31.68
C GLY A 111 2.20 0.11 30.77
N GLY A 1 44.68 -11.61 9.04
CA GLY A 1 43.99 -12.33 7.96
C GLY A 1 42.85 -11.47 7.45
N SER A 2 42.38 -11.73 6.23
CA SER A 2 41.36 -10.92 5.57
C SER A 2 40.66 -11.79 4.53
N SER A 3 39.53 -11.31 4.01
CA SER A 3 38.74 -11.86 2.91
C SER A 3 37.91 -10.69 2.36
N GLY A 4 36.98 -10.92 1.43
CA GLY A 4 36.05 -9.91 0.96
C GLY A 4 34.70 -10.54 0.65
N SER A 5 33.69 -9.70 0.44
CA SER A 5 32.32 -10.06 0.12
C SER A 5 31.79 -9.03 -0.87
N SER A 6 30.88 -9.47 -1.74
CA SER A 6 30.28 -8.67 -2.80
C SER A 6 28.80 -9.00 -2.89
N GLY A 7 27.97 -7.99 -3.13
CA GLY A 7 26.51 -8.09 -3.19
C GLY A 7 25.98 -7.37 -4.42
N TYR A 8 24.66 -7.25 -4.52
CA TYR A 8 23.95 -6.82 -5.73
C TYR A 8 22.88 -5.79 -5.36
N SER A 9 22.55 -4.91 -6.29
CA SER A 9 21.55 -3.85 -6.17
C SER A 9 20.73 -3.72 -7.46
N GLY A 10 19.61 -3.00 -7.41
CA GLY A 10 18.72 -2.79 -8.55
C GLY A 10 17.81 -4.00 -8.77
N SER A 11 16.55 -3.88 -8.34
CA SER A 11 15.52 -4.91 -8.45
C SER A 11 14.31 -4.40 -9.22
N GLN A 12 13.85 -3.18 -8.93
CA GLN A 12 12.76 -2.51 -9.61
C GLN A 12 13.26 -1.14 -10.08
N ALA A 13 12.53 -0.50 -11.00
CA ALA A 13 12.81 0.84 -11.48
C ALA A 13 11.81 1.82 -10.87
N PRO A 14 12.09 3.14 -10.87
CA PRO A 14 11.17 4.12 -10.33
C PRO A 14 10.02 4.39 -11.32
N GLY A 15 9.08 3.44 -11.39
CA GLY A 15 7.75 3.72 -11.92
C GLY A 15 7.05 4.72 -11.00
N GLY A 16 6.06 5.45 -11.52
CA GLY A 16 5.31 6.41 -10.75
C GLY A 16 3.89 5.90 -10.55
N ILE A 17 3.41 5.94 -9.30
CA ILE A 17 2.13 5.41 -8.87
C ILE A 17 0.97 5.89 -9.76
N GLN A 18 1.06 7.10 -10.30
CA GLN A 18 -0.06 7.70 -11.00
C GLN A 18 -0.33 7.01 -12.34
N GLU A 19 0.69 6.49 -13.01
CA GLU A 19 0.53 5.62 -14.16
C GLU A 19 -0.19 4.36 -13.72
N ILE A 20 0.26 3.71 -12.64
CA ILE A 20 -0.33 2.46 -12.16
C ILE A 20 -1.84 2.67 -11.94
N VAL A 21 -2.18 3.76 -11.27
CA VAL A 21 -3.56 4.14 -10.97
C VAL A 21 -4.32 4.51 -12.25
N ALA A 22 -3.63 5.06 -13.24
CA ALA A 22 -4.23 5.36 -14.53
C ALA A 22 -4.68 4.04 -15.14
N MET A 23 -3.78 3.07 -15.14
CA MET A 23 -3.91 1.77 -15.77
C MET A 23 -4.93 0.89 -15.02
N SER A 24 -5.08 1.09 -13.70
CA SER A 24 -5.78 0.16 -12.83
C SER A 24 -7.23 -0.11 -13.23
N PRO A 25 -7.76 -1.32 -12.94
CA PRO A 25 -9.18 -1.61 -13.03
C PRO A 25 -9.92 -0.97 -11.85
N GLU A 26 -11.24 -1.09 -11.81
CA GLU A 26 -12.01 -0.74 -10.63
C GLU A 26 -11.57 -1.60 -9.45
N LEU A 27 -11.33 -0.94 -8.31
CA LEU A 27 -10.69 -1.49 -7.14
C LEU A 27 -11.61 -1.22 -5.96
N ASP A 28 -12.24 -2.27 -5.45
CA ASP A 28 -13.32 -2.22 -4.48
C ASP A 28 -12.80 -1.59 -3.19
N THR A 29 -13.05 -0.29 -3.02
CA THR A 29 -12.42 0.51 -1.99
C THR A 29 -12.77 -0.04 -0.61
N TYR A 30 -14.04 -0.38 -0.38
CA TYR A 30 -14.54 -0.97 0.83
C TYR A 30 -13.81 -2.25 1.20
N SER A 31 -13.85 -3.26 0.32
CA SER A 31 -13.15 -4.53 0.47
C SER A 31 -11.67 -4.29 0.79
N ILE A 32 -11.00 -3.35 0.10
CA ILE A 32 -9.62 -3.01 0.41
C ILE A 32 -9.56 -2.51 1.87
N THR A 33 -10.28 -1.45 2.23
CA THR A 33 -10.15 -0.87 3.56
C THR A 33 -10.43 -1.86 4.69
N LYS A 34 -11.43 -2.73 4.49
CA LYS A 34 -11.75 -3.84 5.36
C LYS A 34 -10.53 -4.75 5.44
N ARG A 35 -10.16 -5.44 4.36
CA ARG A 35 -9.06 -6.41 4.34
C ARG A 35 -7.75 -5.83 4.86
N VAL A 36 -7.48 -4.56 4.62
CA VAL A 36 -6.32 -3.86 5.16
C VAL A 36 -6.43 -3.78 6.67
N LYS A 37 -7.57 -3.31 7.21
CA LYS A 37 -7.81 -3.30 8.66
C LYS A 37 -7.70 -4.70 9.23
N GLU A 38 -8.20 -5.72 8.54
CA GLU A 38 -8.07 -7.11 8.99
C GLU A 38 -6.60 -7.40 9.21
N VAL A 39 -5.77 -7.18 8.19
CA VAL A 39 -4.34 -7.49 8.21
C VAL A 39 -3.59 -6.64 9.26
N LEU A 40 -3.98 -5.38 9.51
CA LEU A 40 -3.37 -4.55 10.56
C LEU A 40 -3.79 -5.03 11.95
N THR A 41 -5.05 -5.39 12.12
CA THR A 41 -5.59 -5.92 13.35
C THR A 41 -4.90 -7.25 13.69
N ASP A 42 -4.82 -8.16 12.72
CA ASP A 42 -4.24 -9.49 12.83
C ASP A 42 -2.81 -9.41 13.33
N ASN A 43 -2.08 -8.39 12.89
CA ASN A 43 -0.67 -8.21 13.22
C ASN A 43 -0.49 -7.12 14.30
N ASN A 44 -1.61 -6.67 14.88
CA ASN A 44 -1.79 -5.68 15.94
C ASN A 44 -0.90 -4.46 15.73
N LEU A 45 -1.30 -3.66 14.74
CA LEU A 45 -0.57 -2.52 14.20
C LEU A 45 -1.40 -1.26 14.29
N GLY A 46 -0.78 -0.20 14.81
CA GLY A 46 -1.35 1.14 14.81
C GLY A 46 -1.58 1.63 13.39
N GLN A 47 -2.78 2.08 13.07
CA GLN A 47 -3.16 2.54 11.73
C GLN A 47 -2.17 3.60 11.19
N ARG A 48 -1.64 4.48 12.06
CA ARG A 48 -0.74 5.56 11.65
C ARG A 48 0.39 4.99 10.81
N LEU A 49 1.05 3.96 11.31
CA LEU A 49 2.23 3.34 10.74
C LEU A 49 1.95 2.95 9.29
N PHE A 50 0.83 2.25 9.05
CA PHE A 50 0.44 1.81 7.73
C PHE A 50 0.30 2.98 6.78
N GLY A 51 -0.51 3.98 7.17
CA GLY A 51 -0.69 5.16 6.35
C GLY A 51 0.65 5.81 6.09
N GLU A 52 1.46 6.04 7.12
CA GLU A 52 2.68 6.81 7.02
C GLU A 52 3.78 6.10 6.23
N SER A 53 3.77 4.77 6.16
CA SER A 53 4.78 3.99 5.45
C SER A 53 4.40 3.77 4.00
N ILE A 54 3.13 3.51 3.72
CA ILE A 54 2.65 3.07 2.43
C ILE A 54 2.01 4.27 1.72
N LEU A 55 1.04 4.90 2.38
CA LEU A 55 0.15 5.89 1.77
C LEU A 55 0.68 7.32 1.84
N GLY A 56 1.52 7.61 2.84
CA GLY A 56 1.92 8.96 3.21
C GLY A 56 0.86 9.68 4.04
N LEU A 57 0.00 8.96 4.79
CA LEU A 57 -1.11 9.56 5.52
C LEU A 57 -0.97 9.30 7.00
N THR A 58 -1.27 10.31 7.82
CA THR A 58 -1.21 10.18 9.28
C THR A 58 -2.48 9.48 9.81
N GLN A 59 -2.53 9.24 11.12
CA GLN A 59 -3.48 8.36 11.77
C GLN A 59 -4.91 8.82 11.52
N GLY A 60 -5.22 10.09 11.73
CA GLY A 60 -6.55 10.63 11.50
C GLY A 60 -6.96 10.46 10.05
N SER A 61 -6.12 10.93 9.11
CA SER A 61 -6.38 10.90 7.68
C SER A 61 -6.66 9.47 7.23
N VAL A 62 -5.82 8.52 7.66
CA VAL A 62 -5.92 7.14 7.23
C VAL A 62 -7.07 6.43 7.96
N SER A 63 -7.45 6.85 9.16
CA SER A 63 -8.64 6.33 9.83
C SER A 63 -9.87 6.78 9.08
N ASP A 64 -9.92 8.06 8.66
CA ASP A 64 -10.98 8.58 7.81
C ASP A 64 -11.02 7.79 6.51
N LEU A 65 -9.87 7.45 5.93
CA LEU A 65 -9.79 6.67 4.71
C LEU A 65 -10.31 5.25 4.89
N LEU A 66 -9.84 4.55 5.92
CA LEU A 66 -10.14 3.14 6.19
C LEU A 66 -11.58 2.95 6.66
N SER A 67 -12.02 3.83 7.55
CA SER A 67 -13.37 3.80 8.08
C SER A 67 -14.35 4.25 7.01
N ARG A 68 -14.11 5.36 6.29
CA ARG A 68 -15.05 5.89 5.31
C ARG A 68 -14.37 6.09 3.95
N PRO A 69 -14.12 5.00 3.20
CA PRO A 69 -13.68 5.10 1.81
C PRO A 69 -14.80 5.72 0.98
N LYS A 70 -14.44 6.61 0.05
CA LYS A 70 -15.31 7.00 -1.04
C LYS A 70 -15.31 5.92 -2.13
N PRO A 71 -16.30 5.90 -3.04
CA PRO A 71 -16.32 4.96 -4.13
C PRO A 71 -15.25 5.29 -5.17
N TRP A 72 -14.92 4.31 -6.01
CA TRP A 72 -13.87 4.42 -7.01
C TRP A 72 -14.13 5.53 -8.05
N HIS A 73 -15.38 5.94 -8.32
CA HIS A 73 -15.65 7.09 -9.19
C HIS A 73 -15.44 8.44 -8.48
N LYS A 74 -15.73 8.48 -7.18
CA LYS A 74 -15.55 9.68 -6.34
C LYS A 74 -14.08 9.95 -6.10
N LEU A 75 -13.26 8.92 -6.15
CA LEU A 75 -11.83 9.02 -6.10
C LEU A 75 -11.37 9.18 -7.55
N SER A 76 -10.80 10.32 -7.87
CA SER A 76 -10.04 10.46 -9.12
C SER A 76 -8.65 9.83 -8.92
N LEU A 77 -7.71 10.01 -9.84
CA LEU A 77 -6.38 9.38 -9.78
C LEU A 77 -5.73 9.62 -8.40
N LYS A 78 -5.55 10.86 -7.95
CA LYS A 78 -5.09 11.20 -6.60
C LYS A 78 -5.95 10.64 -5.46
N GLY A 79 -7.21 10.34 -5.74
CA GLY A 79 -8.11 9.60 -4.86
C GLY A 79 -7.74 8.13 -4.75
N ARG A 80 -7.41 7.51 -5.87
CA ARG A 80 -7.22 6.07 -6.00
C ARG A 80 -5.79 5.69 -5.65
N GLU A 81 -4.84 6.61 -5.81
CA GLU A 81 -3.42 6.50 -5.46
C GLU A 81 -3.18 5.66 -4.19
N PRO A 82 -3.78 6.00 -3.04
CA PRO A 82 -3.55 5.25 -1.84
C PRO A 82 -4.19 3.85 -1.92
N PHE A 83 -5.42 3.70 -2.44
CA PHE A 83 -6.11 2.41 -2.49
C PHE A 83 -5.38 1.41 -3.40
N VAL A 84 -4.79 1.89 -4.51
CA VAL A 84 -3.93 1.06 -5.34
C VAL A 84 -2.75 0.58 -4.49
N ARG A 85 -2.05 1.47 -3.78
CA ARG A 85 -0.97 1.03 -2.91
C ARG A 85 -1.44 0.02 -1.88
N MET A 86 -2.59 0.20 -1.24
CA MET A 86 -3.13 -0.76 -0.31
C MET A 86 -3.34 -2.12 -0.97
N GLN A 87 -3.95 -2.18 -2.15
CA GLN A 87 -4.17 -3.42 -2.87
C GLN A 87 -2.82 -4.12 -3.18
N LEU A 88 -1.84 -3.39 -3.72
CA LEU A 88 -0.53 -3.96 -4.03
C LEU A 88 0.22 -4.37 -2.76
N TRP A 89 0.06 -3.64 -1.66
CA TRP A 89 0.65 -3.99 -0.37
C TRP A 89 0.02 -5.29 0.07
N LEU A 90 -1.31 -5.42 0.04
CA LEU A 90 -2.00 -6.66 0.38
C LEU A 90 -1.50 -7.83 -0.45
N ASN A 91 -1.29 -7.61 -1.75
CA ASN A 91 -0.81 -8.61 -2.70
C ASN A 91 0.59 -9.12 -2.36
N ASP A 92 1.52 -8.25 -1.96
CA ASP A 92 2.92 -8.62 -1.70
C ASP A 92 3.00 -9.55 -0.46
N PRO A 93 3.97 -10.48 -0.39
CA PRO A 93 4.13 -11.39 0.73
C PRO A 93 4.95 -10.79 1.89
N HIS A 94 5.85 -9.84 1.62
CA HIS A 94 6.73 -9.19 2.60
C HIS A 94 6.13 -7.86 3.11
N ASN A 95 4.85 -7.63 2.83
CA ASN A 95 4.14 -6.37 3.08
C ASN A 95 4.01 -6.07 4.57
N VAL A 96 3.54 -7.03 5.38
CA VAL A 96 3.37 -6.87 6.81
C VAL A 96 4.76 -6.73 7.41
N GLU A 97 5.71 -7.55 6.98
CA GLU A 97 7.06 -7.59 7.49
C GLU A 97 7.73 -6.21 7.38
N LYS A 98 7.70 -5.62 6.19
CA LYS A 98 8.36 -4.33 5.97
C LYS A 98 7.60 -3.19 6.67
N LEU A 99 6.29 -3.33 6.90
CA LEU A 99 5.57 -2.42 7.78
C LEU A 99 6.09 -2.56 9.21
N ARG A 100 6.19 -3.79 9.73
CA ARG A 100 6.57 -4.07 11.10
C ARG A 100 7.98 -3.61 11.37
N ASP A 101 8.85 -3.60 10.34
CA ASP A 101 10.27 -3.27 10.45
C ASP A 101 10.45 -1.85 10.98
N MET A 102 9.59 -0.92 10.54
CA MET A 102 9.59 0.49 10.91
C MET A 102 9.68 0.65 12.43
N LYS A 103 8.71 0.08 13.14
CA LYS A 103 8.64 0.11 14.60
C LYS A 103 9.58 -0.92 15.21
N LYS A 104 9.58 -2.13 14.62
CA LYS A 104 10.04 -3.39 15.19
C LYS A 104 9.71 -3.46 16.68
N LEU A 105 10.66 -3.92 17.50
CA LEU A 105 10.72 -3.81 18.95
C LEU A 105 9.35 -3.84 19.61
N SER A 106 8.72 -5.02 19.66
CA SER A 106 7.48 -5.26 20.39
C SER A 106 7.42 -6.67 21.00
N GLY A 107 8.48 -7.47 20.90
CA GLY A 107 8.54 -8.83 21.38
C GLY A 107 9.06 -9.74 20.26
N PRO A 108 8.20 -10.41 19.49
CA PRO A 108 8.58 -11.44 18.52
C PRO A 108 9.41 -10.87 17.37
N SER A 109 10.55 -11.49 17.08
CA SER A 109 11.50 -11.08 16.04
C SER A 109 12.14 -12.31 15.36
N SER A 110 12.87 -12.10 14.27
CA SER A 110 13.55 -13.16 13.51
C SER A 110 14.99 -12.72 13.24
N GLY A 111 15.96 -13.48 13.74
CA GLY A 111 17.36 -13.35 13.43
C GLY A 111 17.86 -14.76 13.28
N GLY A 1 14.38 -17.76 -41.71
CA GLY A 1 15.12 -16.50 -41.50
C GLY A 1 15.37 -16.33 -40.00
N SER A 2 16.36 -15.54 -39.62
CA SER A 2 16.86 -15.46 -38.26
C SER A 2 17.40 -14.05 -38.06
N SER A 3 16.83 -13.27 -37.15
CA SER A 3 17.28 -11.94 -36.79
C SER A 3 16.71 -11.61 -35.41
N GLY A 4 17.09 -10.48 -34.83
CA GLY A 4 16.55 -9.96 -33.59
C GLY A 4 16.71 -8.45 -33.66
N SER A 5 15.61 -7.69 -33.64
CA SER A 5 15.62 -6.24 -33.82
C SER A 5 14.50 -5.55 -33.04
N SER A 6 13.73 -6.30 -32.25
CA SER A 6 12.61 -5.82 -31.46
C SER A 6 13.12 -5.15 -30.18
N GLY A 7 13.13 -3.82 -30.11
CA GLY A 7 13.45 -3.06 -28.91
C GLY A 7 12.52 -1.87 -28.79
N TYR A 8 12.52 -1.24 -27.61
CA TYR A 8 11.83 0.00 -27.32
C TYR A 8 12.51 0.58 -26.08
N SER A 9 12.90 1.85 -26.13
CA SER A 9 13.42 2.53 -24.96
C SER A 9 12.31 2.73 -23.95
N GLY A 10 12.66 2.81 -22.66
CA GLY A 10 11.74 2.93 -21.55
C GLY A 10 12.33 3.89 -20.53
N SER A 11 12.16 5.19 -20.77
CA SER A 11 12.53 6.26 -19.87
C SER A 11 11.34 7.21 -19.80
N GLN A 12 10.49 7.06 -18.78
CA GLN A 12 9.36 7.92 -18.51
C GLN A 12 9.36 8.17 -17.00
N ALA A 13 9.67 9.40 -16.59
CA ALA A 13 9.74 9.81 -15.18
C ALA A 13 10.69 8.89 -14.37
N PRO A 14 10.78 9.04 -13.04
CA PRO A 14 11.19 7.95 -12.17
C PRO A 14 9.94 7.16 -11.74
N GLY A 15 9.08 6.79 -12.70
CA GLY A 15 7.75 6.27 -12.42
C GLY A 15 6.82 7.34 -11.84
N GLY A 16 5.55 6.98 -11.63
CA GLY A 16 4.53 7.86 -11.10
C GLY A 16 3.27 7.07 -10.76
N ILE A 17 2.93 7.00 -9.46
CA ILE A 17 1.74 6.32 -8.95
C ILE A 17 0.48 6.73 -9.73
N GLN A 18 0.38 7.95 -10.26
CA GLN A 18 -0.75 8.40 -11.05
C GLN A 18 -0.97 7.53 -12.29
N GLU A 19 0.09 7.21 -13.02
CA GLU A 19 0.05 6.39 -14.22
C GLU A 19 -0.34 4.98 -13.81
N ILE A 20 0.25 4.44 -12.74
CA ILE A 20 -0.07 3.11 -12.25
C ILE A 20 -1.55 3.02 -11.92
N VAL A 21 -2.09 3.97 -11.15
CA VAL A 21 -3.50 4.06 -10.81
C VAL A 21 -4.34 4.16 -12.09
N ALA A 22 -3.89 4.93 -13.07
CA ALA A 22 -4.57 5.10 -14.34
C ALA A 22 -4.61 3.78 -15.13
N MET A 23 -3.61 2.91 -15.00
CA MET A 23 -3.47 1.62 -15.67
C MET A 23 -4.21 0.47 -14.97
N SER A 24 -4.81 0.70 -13.80
CA SER A 24 -5.19 -0.35 -12.86
C SER A 24 -6.70 -0.69 -13.00
N PRO A 25 -7.16 -1.88 -12.57
CA PRO A 25 -8.56 -2.32 -12.67
C PRO A 25 -9.44 -1.61 -11.63
N GLU A 26 -10.74 -1.88 -11.62
CA GLU A 26 -11.69 -1.24 -10.74
C GLU A 26 -11.64 -1.87 -9.34
N LEU A 27 -10.75 -1.34 -8.50
CA LEU A 27 -10.49 -1.84 -7.16
C LEU A 27 -11.67 -1.58 -6.25
N ASP A 28 -11.99 -2.56 -5.40
CA ASP A 28 -13.00 -2.45 -4.36
C ASP A 28 -12.47 -1.57 -3.24
N THR A 29 -12.74 -0.26 -3.25
CA THR A 29 -12.28 0.63 -2.20
C THR A 29 -12.71 0.10 -0.84
N TYR A 30 -14.00 -0.19 -0.67
CA TYR A 30 -14.56 -0.76 0.53
C TYR A 30 -13.84 -2.04 0.96
N SER A 31 -13.84 -3.06 0.11
CA SER A 31 -13.25 -4.35 0.43
C SER A 31 -11.76 -4.19 0.76
N ILE A 32 -11.00 -3.36 0.04
CA ILE A 32 -9.60 -3.08 0.38
C ILE A 32 -9.54 -2.52 1.79
N THR A 33 -10.33 -1.50 2.16
CA THR A 33 -10.26 -0.97 3.53
C THR A 33 -10.51 -2.06 4.56
N LYS A 34 -11.47 -2.96 4.28
CA LYS A 34 -11.79 -4.08 5.13
C LYS A 34 -10.57 -5.00 5.22
N ARG A 35 -10.09 -5.54 4.11
CA ARG A 35 -8.97 -6.46 4.01
C ARG A 35 -7.71 -5.88 4.66
N VAL A 36 -7.47 -4.57 4.51
CA VAL A 36 -6.38 -3.85 5.15
C VAL A 36 -6.58 -3.89 6.66
N LYS A 37 -7.73 -3.41 7.16
CA LYS A 37 -8.03 -3.39 8.59
C LYS A 37 -7.89 -4.78 9.19
N GLU A 38 -8.32 -5.81 8.48
CA GLU A 38 -8.18 -7.19 8.94
C GLU A 38 -6.72 -7.52 9.25
N VAL A 39 -5.81 -7.31 8.30
CA VAL A 39 -4.40 -7.58 8.44
C VAL A 39 -3.82 -6.72 9.59
N LEU A 40 -4.17 -5.43 9.65
CA LEU A 40 -3.62 -4.54 10.68
C LEU A 40 -4.07 -4.98 12.07
N THR A 41 -5.35 -5.34 12.23
CA THR A 41 -5.88 -5.89 13.45
C THR A 41 -5.13 -7.17 13.82
N ASP A 42 -5.06 -8.15 12.91
CA ASP A 42 -4.50 -9.47 13.13
C ASP A 42 -3.07 -9.36 13.64
N ASN A 43 -2.28 -8.49 13.03
CA ASN A 43 -0.86 -8.34 13.31
C ASN A 43 -0.61 -7.32 14.42
N ASN A 44 -1.67 -6.85 15.06
CA ASN A 44 -1.71 -5.84 16.12
C ASN A 44 -0.89 -4.60 15.75
N LEU A 45 -0.98 -4.18 14.49
CA LEU A 45 -0.33 -3.02 13.93
C LEU A 45 -1.16 -1.77 14.20
N GLY A 46 -0.57 -0.61 13.94
CA GLY A 46 -1.20 0.70 13.98
C GLY A 46 -1.57 1.12 12.58
N GLN A 47 -2.79 1.66 12.39
CA GLN A 47 -3.19 2.28 11.12
C GLN A 47 -2.26 3.44 10.79
N ARG A 48 -1.77 4.18 11.81
CA ARG A 48 -0.77 5.23 11.68
C ARG A 48 0.37 4.81 10.76
N LEU A 49 1.13 3.79 11.17
CA LEU A 49 2.35 3.34 10.50
C LEU A 49 2.05 2.95 9.06
N PHE A 50 1.06 2.09 8.89
CA PHE A 50 0.56 1.69 7.59
C PHE A 50 0.27 2.93 6.73
N GLY A 51 -0.51 3.87 7.25
CA GLY A 51 -0.87 5.06 6.53
C GLY A 51 0.28 6.03 6.36
N GLU A 52 1.43 5.84 7.00
CA GLU A 52 2.59 6.69 6.84
C GLU A 52 3.50 6.09 5.77
N SER A 53 4.06 4.90 6.03
CA SER A 53 5.04 4.26 5.18
C SER A 53 4.43 3.76 3.88
N ILE A 54 3.19 3.27 3.89
CA ILE A 54 2.54 2.85 2.66
C ILE A 54 1.98 4.11 2.02
N LEU A 55 1.10 4.83 2.72
CA LEU A 55 0.28 5.87 2.09
C LEU A 55 0.99 7.22 2.11
N GLY A 56 1.01 7.92 3.24
CA GLY A 56 1.53 9.28 3.42
C GLY A 56 0.58 10.17 4.20
N LEU A 57 -0.36 9.61 4.97
CA LEU A 57 -1.54 10.26 5.53
C LEU A 57 -1.47 10.19 7.04
N THR A 58 -2.05 11.17 7.71
CA THR A 58 -2.01 11.21 9.16
C THR A 58 -2.89 10.10 9.72
N GLN A 59 -2.71 9.72 11.00
CA GLN A 59 -3.57 8.73 11.66
C GLN A 59 -5.05 9.12 11.55
N GLY A 60 -5.37 10.41 11.64
CA GLY A 60 -6.74 10.90 11.53
C GLY A 60 -7.26 10.81 10.09
N SER A 61 -6.41 11.16 9.11
CA SER A 61 -6.76 11.10 7.70
C SER A 61 -7.01 9.65 7.28
N VAL A 62 -6.06 8.75 7.58
CA VAL A 62 -6.16 7.35 7.22
C VAL A 62 -7.32 6.68 7.97
N SER A 63 -7.64 7.12 9.20
CA SER A 63 -8.80 6.63 9.90
C SER A 63 -10.03 6.95 9.07
N ASP A 64 -10.22 8.22 8.68
CA ASP A 64 -11.40 8.65 7.92
C ASP A 64 -11.50 7.88 6.60
N LEU A 65 -10.34 7.59 5.98
CA LEU A 65 -10.24 6.82 4.75
C LEU A 65 -10.75 5.39 4.98
N LEU A 66 -10.17 4.69 5.96
CA LEU A 66 -10.44 3.27 6.23
C LEU A 66 -11.81 3.04 6.84
N SER A 67 -12.33 4.04 7.54
CA SER A 67 -13.65 4.06 8.14
C SER A 67 -14.73 4.16 7.06
N ARG A 68 -14.69 5.21 6.24
CA ARG A 68 -15.75 5.49 5.26
C ARG A 68 -15.13 5.78 3.90
N PRO A 69 -14.60 4.77 3.20
CA PRO A 69 -14.00 4.94 1.89
C PRO A 69 -15.08 5.37 0.90
N LYS A 70 -14.85 6.46 0.16
CA LYS A 70 -15.69 6.75 -0.99
C LYS A 70 -15.58 5.63 -2.04
N PRO A 71 -16.59 5.50 -2.93
CA PRO A 71 -16.52 4.59 -4.05
C PRO A 71 -15.30 4.85 -4.92
N TRP A 72 -14.81 3.83 -5.61
CA TRP A 72 -13.75 3.97 -6.61
C TRP A 72 -14.11 5.04 -7.66
N HIS A 73 -15.34 5.06 -8.19
CA HIS A 73 -15.74 6.13 -9.12
C HIS A 73 -15.71 7.53 -8.48
N LYS A 74 -16.00 7.64 -7.18
CA LYS A 74 -16.04 8.92 -6.46
C LYS A 74 -14.63 9.44 -6.18
N LEU A 75 -13.60 8.65 -6.45
CA LEU A 75 -12.21 9.02 -6.25
C LEU A 75 -11.62 9.30 -7.63
N SER A 76 -10.94 10.44 -7.79
CA SER A 76 -10.12 10.71 -8.97
C SER A 76 -8.83 9.87 -8.89
N LEU A 77 -7.90 9.99 -9.84
CA LEU A 77 -6.57 9.36 -9.75
C LEU A 77 -5.92 9.61 -8.38
N LYS A 78 -5.77 10.88 -7.99
CA LYS A 78 -5.34 11.31 -6.67
C LYS A 78 -6.18 10.74 -5.51
N GLY A 79 -7.47 10.51 -5.75
CA GLY A 79 -8.34 9.83 -4.81
C GLY A 79 -7.95 8.37 -4.62
N ARG A 80 -7.61 7.70 -5.71
CA ARG A 80 -7.38 6.27 -5.80
C ARG A 80 -5.96 5.90 -5.41
N GLU A 81 -5.01 6.85 -5.52
CA GLU A 81 -3.60 6.74 -5.19
C GLU A 81 -3.36 5.85 -3.96
N PRO A 82 -3.90 6.18 -2.77
CA PRO A 82 -3.61 5.40 -1.59
C PRO A 82 -4.20 4.00 -1.68
N PHE A 83 -5.44 3.87 -2.13
CA PHE A 83 -6.11 2.58 -2.18
C PHE A 83 -5.44 1.60 -3.16
N VAL A 84 -4.79 2.09 -4.22
CA VAL A 84 -3.98 1.24 -5.08
C VAL A 84 -2.75 0.78 -4.30
N ARG A 85 -2.05 1.68 -3.61
CA ARG A 85 -0.91 1.28 -2.78
C ARG A 85 -1.36 0.22 -1.76
N MET A 86 -2.52 0.37 -1.10
CA MET A 86 -3.08 -0.61 -0.18
C MET A 86 -3.27 -1.98 -0.83
N GLN A 87 -3.89 -2.04 -2.02
CA GLN A 87 -4.06 -3.30 -2.74
C GLN A 87 -2.71 -3.98 -2.96
N LEU A 88 -1.74 -3.29 -3.56
CA LEU A 88 -0.43 -3.90 -3.85
C LEU A 88 0.34 -4.22 -2.57
N TRP A 89 0.13 -3.49 -1.46
CA TRP A 89 0.72 -3.83 -0.17
C TRP A 89 0.11 -5.14 0.30
N LEU A 90 -1.22 -5.29 0.28
CA LEU A 90 -1.87 -6.55 0.65
C LEU A 90 -1.36 -7.72 -0.19
N ASN A 91 -0.98 -7.44 -1.43
CA ASN A 91 -0.47 -8.36 -2.44
C ASN A 91 1.02 -8.69 -2.29
N ASP A 92 1.71 -8.23 -1.24
CA ASP A 92 3.16 -8.34 -1.09
C ASP A 92 3.50 -9.32 0.04
N PRO A 93 4.35 -10.33 -0.16
CA PRO A 93 4.52 -11.42 0.80
C PRO A 93 5.09 -10.96 2.15
N HIS A 94 6.00 -9.96 2.11
CA HIS A 94 6.64 -9.39 3.30
C HIS A 94 5.93 -8.11 3.72
N ASN A 95 4.68 -7.88 3.31
CA ASN A 95 3.96 -6.63 3.55
C ASN A 95 3.99 -6.18 5.02
N VAL A 96 3.48 -6.99 5.94
CA VAL A 96 3.52 -6.72 7.35
C VAL A 96 4.96 -6.78 7.85
N GLU A 97 5.71 -7.79 7.40
CA GLU A 97 7.10 -8.04 7.80
C GLU A 97 7.94 -6.76 7.65
N LYS A 98 7.86 -6.13 6.49
CA LYS A 98 8.57 -4.92 6.11
C LYS A 98 7.93 -3.69 6.76
N LEU A 99 6.60 -3.60 6.81
CA LEU A 99 5.90 -2.54 7.54
C LEU A 99 6.38 -2.51 9.00
N ARG A 100 6.55 -3.65 9.66
CA ARG A 100 7.06 -3.69 11.01
C ARG A 100 8.52 -3.27 11.07
N ASP A 101 9.30 -3.57 10.05
CA ASP A 101 10.71 -3.18 9.99
C ASP A 101 10.86 -1.65 9.93
N MET A 102 9.87 -0.96 9.33
CA MET A 102 9.76 0.52 9.39
C MET A 102 9.85 0.99 10.84
N LYS A 103 9.15 0.31 11.76
CA LYS A 103 9.02 0.73 13.15
C LYS A 103 10.38 0.77 13.86
N LYS A 104 11.36 0.00 13.38
CA LYS A 104 12.76 0.17 13.74
C LYS A 104 13.28 1.34 12.91
N LEU A 105 13.38 1.12 11.59
CA LEU A 105 14.02 1.95 10.56
C LEU A 105 13.20 3.22 10.26
N SER A 106 12.87 3.98 11.30
CA SER A 106 12.07 5.20 11.35
C SER A 106 12.74 6.19 12.30
N GLY A 107 13.14 5.73 13.49
CA GLY A 107 13.62 6.55 14.58
C GLY A 107 13.27 5.87 15.91
N PRO A 108 13.67 6.44 17.06
CA PRO A 108 13.67 5.79 18.38
C PRO A 108 12.27 5.56 18.98
N SER A 109 11.51 4.66 18.37
CA SER A 109 10.29 4.09 18.87
C SER A 109 10.65 3.05 19.95
N SER A 110 11.49 2.06 19.61
CA SER A 110 11.91 0.96 20.47
C SER A 110 12.99 0.12 19.78
N GLY A 111 12.88 -0.10 18.47
CA GLY A 111 13.84 -0.89 17.70
C GLY A 111 14.95 0.00 17.21
N GLY A 1 47.20 5.51 -29.26
CA GLY A 1 46.31 5.01 -30.32
C GLY A 1 45.37 3.99 -29.71
N SER A 2 44.20 3.79 -30.31
CA SER A 2 43.14 2.92 -29.82
C SER A 2 42.25 2.57 -31.02
N SER A 3 41.31 1.64 -30.86
CA SER A 3 40.26 1.33 -31.82
C SER A 3 39.13 0.62 -31.05
N GLY A 4 38.03 0.33 -31.73
CA GLY A 4 36.86 -0.36 -31.20
C GLY A 4 35.60 0.45 -31.48
N SER A 5 34.44 -0.20 -31.40
CA SER A 5 33.12 0.40 -31.43
C SER A 5 32.16 -0.62 -30.82
N SER A 6 31.02 -0.18 -30.28
CA SER A 6 29.92 -0.98 -29.75
C SER A 6 28.75 -0.03 -29.44
N GLY A 7 27.58 -0.56 -29.07
CA GLY A 7 26.43 0.20 -28.61
C GLY A 7 25.42 -0.78 -28.01
N TYR A 8 24.40 -0.25 -27.34
CA TYR A 8 23.41 -1.03 -26.58
C TYR A 8 22.03 -0.37 -26.71
N SER A 9 21.01 -0.96 -26.08
CA SER A 9 19.63 -0.50 -26.04
C SER A 9 19.21 -0.48 -24.57
N GLY A 10 18.30 0.43 -24.20
CA GLY A 10 17.91 0.67 -22.83
C GLY A 10 16.50 1.27 -22.80
N SER A 11 15.73 0.90 -21.78
CA SER A 11 14.34 1.27 -21.63
C SER A 11 14.01 1.50 -20.16
N GLN A 12 13.69 2.74 -19.78
CA GLN A 12 13.19 3.08 -18.46
C GLN A 12 12.24 4.26 -18.59
N ALA A 13 11.32 4.41 -17.66
CA ALA A 13 10.43 5.55 -17.51
C ALA A 13 10.49 6.03 -16.05
N PRO A 14 10.00 7.24 -15.73
CA PRO A 14 9.96 7.75 -14.36
C PRO A 14 8.80 7.14 -13.56
N GLY A 15 8.73 5.80 -13.54
CA GLY A 15 7.68 4.99 -12.95
C GLY A 15 7.28 5.48 -11.57
N GLY A 16 6.13 6.11 -11.46
CA GLY A 16 5.62 6.75 -10.27
C GLY A 16 4.55 5.89 -9.61
N ILE A 17 3.32 6.39 -9.64
CA ILE A 17 2.13 5.68 -9.24
C ILE A 17 0.92 6.21 -10.01
N GLN A 18 0.81 7.52 -10.25
CA GLN A 18 -0.38 8.09 -10.90
C GLN A 18 -0.62 7.55 -12.32
N GLU A 19 0.40 7.01 -12.97
CA GLU A 19 0.36 6.26 -14.22
C GLU A 19 -0.24 4.87 -14.01
N ILE A 20 0.28 4.12 -13.03
CA ILE A 20 -0.16 2.78 -12.62
C ILE A 20 -1.63 2.85 -12.20
N VAL A 21 -2.00 3.85 -11.42
CA VAL A 21 -3.38 4.10 -10.99
C VAL A 21 -4.25 4.34 -12.23
N ALA A 22 -3.73 5.04 -13.23
CA ALA A 22 -4.43 5.28 -14.49
C ALA A 22 -4.74 3.94 -15.18
N MET A 23 -3.78 3.02 -15.21
CA MET A 23 -3.96 1.66 -15.72
C MET A 23 -4.49 0.68 -14.65
N SER A 24 -5.00 1.15 -13.51
CA SER A 24 -5.63 0.29 -12.53
C SER A 24 -6.99 -0.16 -13.05
N PRO A 25 -7.44 -1.39 -12.71
CA PRO A 25 -8.85 -1.75 -12.72
C PRO A 25 -9.64 -0.86 -11.75
N GLU A 26 -10.97 -1.01 -11.78
CA GLU A 26 -11.84 -0.58 -10.71
C GLU A 26 -11.56 -1.43 -9.46
N LEU A 27 -10.82 -0.84 -8.52
CA LEU A 27 -10.40 -1.46 -7.27
C LEU A 27 -11.42 -1.17 -6.19
N ASP A 28 -11.92 -2.21 -5.53
CA ASP A 28 -13.00 -2.09 -4.57
C ASP A 28 -12.50 -1.46 -3.27
N THR A 29 -12.64 -0.15 -3.18
CA THR A 29 -12.12 0.66 -2.10
C THR A 29 -12.51 0.06 -0.75
N TYR A 30 -13.81 -0.17 -0.53
CA TYR A 30 -14.36 -0.75 0.66
C TYR A 30 -13.73 -2.10 0.99
N SER A 31 -13.79 -3.06 0.06
CA SER A 31 -13.24 -4.39 0.30
C SER A 31 -11.76 -4.31 0.67
N ILE A 32 -10.96 -3.53 -0.08
CA ILE A 32 -9.55 -3.30 0.22
C ILE A 32 -9.43 -2.72 1.63
N THR A 33 -10.15 -1.66 2.01
CA THR A 33 -9.99 -1.09 3.35
C THR A 33 -10.35 -2.10 4.45
N LYS A 34 -11.38 -2.92 4.23
CA LYS A 34 -11.78 -3.99 5.11
C LYS A 34 -10.62 -4.97 5.25
N ARG A 35 -10.11 -5.50 4.14
CA ARG A 35 -9.00 -6.45 4.07
C ARG A 35 -7.75 -5.87 4.73
N VAL A 36 -7.48 -4.58 4.55
CA VAL A 36 -6.36 -3.88 5.17
C VAL A 36 -6.58 -3.86 6.68
N LYS A 37 -7.71 -3.33 7.15
CA LYS A 37 -8.03 -3.26 8.58
C LYS A 37 -7.92 -4.63 9.22
N GLU A 38 -8.45 -5.67 8.57
CA GLU A 38 -8.35 -7.05 9.01
C GLU A 38 -6.88 -7.41 9.25
N VAL A 39 -6.02 -7.29 8.24
CA VAL A 39 -4.59 -7.62 8.37
C VAL A 39 -3.92 -6.77 9.47
N LEU A 40 -4.25 -5.47 9.58
CA LEU A 40 -3.65 -4.62 10.61
C LEU A 40 -4.07 -5.09 12.00
N THR A 41 -5.34 -5.43 12.20
CA THR A 41 -5.85 -5.97 13.45
C THR A 41 -5.27 -7.36 13.73
N ASP A 42 -5.15 -8.24 12.74
CA ASP A 42 -4.62 -9.60 12.86
C ASP A 42 -3.20 -9.57 13.43
N ASN A 43 -2.43 -8.57 13.01
CA ASN A 43 -1.04 -8.36 13.38
C ASN A 43 -0.91 -7.33 14.50
N ASN A 44 -2.04 -6.82 15.02
CA ASN A 44 -2.17 -5.77 16.02
C ASN A 44 -1.37 -4.50 15.69
N LEU A 45 -1.09 -4.25 14.41
CA LEU A 45 -0.36 -3.10 13.92
C LEU A 45 -1.14 -1.81 14.17
N GLY A 46 -0.41 -0.73 14.41
CA GLY A 46 -0.96 0.61 14.49
C GLY A 46 -1.33 1.11 13.09
N GLN A 47 -2.58 1.53 12.88
CA GLN A 47 -3.05 2.16 11.64
C GLN A 47 -2.11 3.29 11.19
N ARG A 48 -1.60 4.08 12.15
CA ARG A 48 -0.69 5.18 11.82
C ARG A 48 0.50 4.68 11.03
N LEU A 49 1.17 3.60 11.44
CA LEU A 49 2.38 3.10 10.78
C LEU A 49 2.06 2.86 9.30
N PHE A 50 0.99 2.10 9.06
CA PHE A 50 0.55 1.76 7.72
C PHE A 50 0.33 3.03 6.89
N GLY A 51 -0.46 3.97 7.42
CA GLY A 51 -0.71 5.19 6.69
C GLY A 51 0.54 6.04 6.56
N GLU A 52 1.51 5.96 7.45
CA GLU A 52 2.75 6.72 7.39
C GLU A 52 3.63 6.19 6.26
N SER A 53 4.07 4.93 6.31
CA SER A 53 5.09 4.42 5.40
C SER A 53 4.52 4.02 4.03
N ILE A 54 3.27 3.54 3.98
CA ILE A 54 2.68 3.12 2.71
C ILE A 54 2.04 4.34 2.07
N LEU A 55 1.17 5.05 2.81
CA LEU A 55 0.27 6.03 2.19
C LEU A 55 0.79 7.47 2.26
N GLY A 56 1.46 7.89 3.33
CA GLY A 56 1.84 9.26 3.66
C GLY A 56 0.80 10.01 4.49
N LEU A 57 -0.28 9.36 4.94
CA LEU A 57 -1.42 9.99 5.60
C LEU A 57 -1.22 10.02 7.11
N THR A 58 -1.83 10.99 7.79
CA THR A 58 -1.80 11.04 9.25
C THR A 58 -2.66 9.91 9.83
N GLN A 59 -2.55 9.64 11.15
CA GLN A 59 -3.40 8.66 11.81
C GLN A 59 -4.88 8.99 11.57
N GLY A 60 -5.27 10.26 11.66
CA GLY A 60 -6.67 10.63 11.53
C GLY A 60 -7.14 10.65 10.08
N SER A 61 -6.27 10.99 9.13
CA SER A 61 -6.63 10.93 7.71
C SER A 61 -6.73 9.48 7.24
N VAL A 62 -5.78 8.61 7.62
CA VAL A 62 -5.88 7.21 7.27
C VAL A 62 -7.08 6.59 7.99
N SER A 63 -7.38 7.03 9.22
CA SER A 63 -8.58 6.60 9.89
C SER A 63 -9.79 6.99 9.08
N ASP A 64 -9.93 8.24 8.63
CA ASP A 64 -11.04 8.64 7.77
C ASP A 64 -11.13 7.77 6.51
N LEU A 65 -9.98 7.46 5.90
CA LEU A 65 -9.93 6.64 4.69
C LEU A 65 -10.50 5.25 4.95
N LEU A 66 -10.13 4.65 6.09
CA LEU A 66 -10.51 3.29 6.46
C LEU A 66 -11.88 3.22 7.13
N SER A 67 -12.32 4.32 7.75
CA SER A 67 -13.65 4.53 8.31
C SER A 67 -14.67 4.57 7.18
N ARG A 68 -14.57 5.59 6.32
CA ARG A 68 -15.54 5.90 5.27
C ARG A 68 -14.78 6.07 3.96
N PRO A 69 -14.38 4.96 3.30
CA PRO A 69 -13.79 5.01 1.98
C PRO A 69 -14.86 5.41 0.99
N LYS A 70 -14.65 6.47 0.22
CA LYS A 70 -15.48 6.76 -0.94
C LYS A 70 -15.32 5.64 -1.98
N PRO A 71 -16.31 5.48 -2.88
CA PRO A 71 -16.25 4.48 -3.94
C PRO A 71 -15.17 4.85 -4.95
N TRP A 72 -14.69 3.87 -5.71
CA TRP A 72 -13.64 4.09 -6.71
C TRP A 72 -14.05 5.18 -7.71
N HIS A 73 -15.28 5.16 -8.23
CA HIS A 73 -15.73 6.18 -9.17
C HIS A 73 -15.61 7.61 -8.58
N LYS A 74 -15.92 7.78 -7.28
CA LYS A 74 -15.86 9.08 -6.60
C LYS A 74 -14.43 9.57 -6.49
N LEU A 75 -13.48 8.67 -6.35
CA LEU A 75 -12.09 9.02 -6.23
C LEU A 75 -11.59 9.32 -7.64
N SER A 76 -10.85 10.40 -7.83
CA SER A 76 -10.05 10.64 -9.02
C SER A 76 -8.73 9.89 -8.91
N LEU A 77 -7.80 10.04 -9.87
CA LEU A 77 -6.48 9.39 -9.84
C LEU A 77 -5.78 9.60 -8.49
N LYS A 78 -5.62 10.85 -8.08
CA LYS A 78 -5.09 11.22 -6.77
C LYS A 78 -5.87 10.58 -5.60
N GLY A 79 -7.17 10.38 -5.78
CA GLY A 79 -8.04 9.70 -4.84
C GLY A 79 -7.68 8.23 -4.70
N ARG A 80 -7.39 7.59 -5.83
CA ARG A 80 -7.17 6.16 -5.98
C ARG A 80 -5.74 5.76 -5.61
N GLU A 81 -4.79 6.67 -5.75
CA GLU A 81 -3.37 6.54 -5.37
C GLU A 81 -3.15 5.69 -4.11
N PRO A 82 -3.78 5.99 -2.97
CA PRO A 82 -3.59 5.21 -1.76
C PRO A 82 -4.20 3.83 -1.87
N PHE A 83 -5.43 3.68 -2.37
CA PHE A 83 -6.11 2.39 -2.45
C PHE A 83 -5.39 1.42 -3.39
N VAL A 84 -4.74 1.92 -4.44
CA VAL A 84 -3.85 1.13 -5.27
C VAL A 84 -2.72 0.60 -4.39
N ARG A 85 -1.99 1.45 -3.66
CA ARG A 85 -0.94 0.97 -2.76
C ARG A 85 -1.50 -0.01 -1.73
N MET A 86 -2.71 0.17 -1.20
CA MET A 86 -3.30 -0.77 -0.27
C MET A 86 -3.50 -2.13 -0.93
N GLN A 87 -4.12 -2.18 -2.11
CA GLN A 87 -4.28 -3.41 -2.87
C GLN A 87 -2.91 -4.09 -3.07
N LEU A 88 -1.92 -3.34 -3.55
CA LEU A 88 -0.59 -3.89 -3.88
C LEU A 88 0.17 -4.30 -2.62
N TRP A 89 0.04 -3.56 -1.51
CA TRP A 89 0.67 -3.88 -0.23
C TRP A 89 0.07 -5.21 0.22
N LEU A 90 -1.25 -5.36 0.19
CA LEU A 90 -1.91 -6.62 0.53
C LEU A 90 -1.48 -7.81 -0.34
N ASN A 91 -0.84 -7.56 -1.48
CA ASN A 91 -0.37 -8.61 -2.38
C ASN A 91 1.11 -8.92 -2.19
N ASP A 92 1.89 -8.06 -1.52
CA ASP A 92 3.29 -8.38 -1.21
C ASP A 92 3.27 -9.38 -0.05
N PRO A 93 4.12 -10.41 -0.03
CA PRO A 93 4.11 -11.40 1.04
C PRO A 93 4.56 -10.75 2.34
N HIS A 94 5.73 -10.10 2.26
CA HIS A 94 6.45 -9.40 3.32
C HIS A 94 5.81 -8.05 3.67
N ASN A 95 4.59 -7.76 3.24
CA ASN A 95 3.95 -6.47 3.44
C ASN A 95 3.90 -6.04 4.90
N VAL A 96 3.44 -6.92 5.79
CA VAL A 96 3.39 -6.70 7.21
C VAL A 96 4.82 -6.61 7.75
N GLU A 97 5.73 -7.44 7.25
CA GLU A 97 7.12 -7.51 7.67
C GLU A 97 7.85 -6.19 7.38
N LYS A 98 7.92 -5.73 6.13
CA LYS A 98 8.47 -4.42 5.76
C LYS A 98 7.81 -3.33 6.61
N LEU A 99 6.50 -3.36 6.76
CA LEU A 99 5.79 -2.35 7.54
C LEU A 99 6.31 -2.34 8.98
N ARG A 100 6.42 -3.49 9.63
CA ARG A 100 6.91 -3.60 10.98
C ARG A 100 8.38 -3.23 11.09
N ASP A 101 9.16 -3.47 10.03
CA ASP A 101 10.57 -3.13 9.90
C ASP A 101 10.76 -1.64 10.18
N MET A 102 9.87 -0.80 9.64
CA MET A 102 9.83 0.65 9.85
C MET A 102 9.83 1.05 11.32
N LYS A 103 9.20 0.24 12.18
CA LYS A 103 9.15 0.50 13.62
C LYS A 103 10.41 0.00 14.32
N LYS A 104 10.99 -1.11 13.87
CA LYS A 104 12.30 -1.54 14.36
C LYS A 104 13.37 -0.78 13.55
N LEU A 105 14.62 -1.18 13.69
CA LEU A 105 15.75 -0.73 12.86
C LEU A 105 15.96 0.79 12.79
N SER A 106 15.29 1.57 13.64
CA SER A 106 15.48 3.00 13.73
C SER A 106 16.75 3.26 14.56
N GLY A 107 17.40 4.40 14.30
CA GLY A 107 18.64 4.82 14.95
C GLY A 107 19.84 3.96 14.53
N PRO A 108 21.06 4.51 14.42
CA PRO A 108 22.25 3.73 14.07
C PRO A 108 22.55 2.76 15.23
N SER A 109 22.20 1.49 15.07
CA SER A 109 22.12 0.49 16.13
C SER A 109 21.43 1.04 17.39
N SER A 110 20.25 1.65 17.21
CA SER A 110 19.44 2.28 18.26
C SER A 110 20.05 3.59 18.80
N GLY A 111 20.91 4.27 18.04
CA GLY A 111 21.25 5.66 18.32
C GLY A 111 20.04 6.60 18.16
N GLY A 1 -4.51 -29.17 -9.78
CA GLY A 1 -3.33 -28.81 -8.99
C GLY A 1 -2.08 -28.95 -9.83
N SER A 2 -1.26 -27.91 -9.84
CA SER A 2 0.10 -27.91 -10.34
C SER A 2 0.84 -26.79 -9.60
N SER A 3 2.16 -26.86 -9.52
CA SER A 3 2.97 -25.81 -8.93
C SER A 3 4.40 -25.91 -9.46
N GLY A 4 5.25 -25.00 -9.01
CA GLY A 4 6.56 -24.71 -9.55
C GLY A 4 6.72 -23.19 -9.52
N SER A 5 7.94 -22.71 -9.31
CA SER A 5 8.19 -21.31 -9.03
C SER A 5 9.50 -20.88 -9.68
N SER A 6 9.51 -20.78 -11.00
CA SER A 6 10.43 -19.90 -11.70
C SER A 6 9.71 -18.58 -11.99
N GLY A 7 10.47 -17.54 -12.29
CA GLY A 7 10.05 -16.47 -13.18
C GLY A 7 11.24 -16.16 -14.06
N TYR A 8 10.96 -15.65 -15.25
CA TYR A 8 11.96 -15.24 -16.22
C TYR A 8 11.48 -13.94 -16.84
N SER A 9 12.38 -13.26 -17.53
CA SER A 9 12.13 -11.93 -18.09
C SER A 9 11.56 -10.97 -17.03
N GLY A 10 10.95 -9.89 -17.49
CA GLY A 10 10.44 -8.80 -16.67
C GLY A 10 10.39 -7.55 -17.52
N SER A 11 9.75 -6.50 -16.99
CA SER A 11 9.59 -5.21 -17.64
C SER A 11 9.89 -4.10 -16.63
N GLN A 12 10.35 -2.96 -17.13
CA GLN A 12 10.77 -1.80 -16.35
C GLN A 12 9.59 -0.83 -16.31
N ALA A 13 9.15 -0.50 -15.09
CA ALA A 13 7.99 0.36 -14.88
C ALA A 13 8.30 1.81 -15.29
N PRO A 14 7.30 2.66 -15.54
CA PRO A 14 7.51 4.05 -15.96
C PRO A 14 7.83 4.99 -14.79
N GLY A 15 7.95 4.49 -13.56
CA GLY A 15 8.02 5.33 -12.38
C GLY A 15 6.70 6.07 -12.12
N GLY A 16 6.60 6.71 -10.96
CA GLY A 16 5.38 7.35 -10.48
C GLY A 16 4.26 6.38 -10.09
N ILE A 17 3.20 6.91 -9.49
CA ILE A 17 2.06 6.16 -8.98
C ILE A 17 0.82 6.48 -9.82
N GLN A 18 0.66 7.73 -10.30
CA GLN A 18 -0.58 8.12 -10.99
C GLN A 18 -0.82 7.31 -12.25
N GLU A 19 0.22 6.96 -13.02
CA GLU A 19 0.07 6.12 -14.20
C GLU A 19 -0.41 4.72 -13.81
N ILE A 20 0.21 4.12 -12.80
CA ILE A 20 -0.16 2.79 -12.32
C ILE A 20 -1.63 2.76 -11.90
N VAL A 21 -2.09 3.82 -11.23
CA VAL A 21 -3.46 4.04 -10.80
C VAL A 21 -4.36 4.25 -12.01
N ALA A 22 -3.87 4.94 -13.05
CA ALA A 22 -4.63 5.22 -14.27
C ALA A 22 -4.96 3.92 -14.96
N MET A 23 -3.94 3.10 -15.09
CA MET A 23 -3.96 1.78 -15.68
C MET A 23 -4.72 0.77 -14.82
N SER A 24 -5.05 1.10 -13.56
CA SER A 24 -5.73 0.19 -12.63
C SER A 24 -7.20 0.00 -13.05
N PRO A 25 -7.77 -1.20 -12.90
CA PRO A 25 -9.19 -1.49 -13.06
C PRO A 25 -10.00 -0.90 -11.89
N GLU A 26 -11.32 -1.05 -11.93
CA GLU A 26 -12.25 -0.65 -10.88
C GLU A 26 -11.99 -1.45 -9.58
N LEU A 27 -11.18 -0.89 -8.69
CA LEU A 27 -10.78 -1.49 -7.41
C LEU A 27 -11.84 -1.25 -6.36
N ASP A 28 -12.21 -2.31 -5.63
CA ASP A 28 -13.22 -2.24 -4.58
C ASP A 28 -12.62 -1.59 -3.35
N THR A 29 -12.74 -0.25 -3.28
CA THR A 29 -12.23 0.58 -2.19
C THR A 29 -12.65 -0.01 -0.85
N TYR A 30 -13.95 -0.27 -0.66
CA TYR A 30 -14.52 -0.88 0.52
C TYR A 30 -13.80 -2.17 0.94
N SER A 31 -13.78 -3.16 0.04
CA SER A 31 -13.16 -4.47 0.25
C SER A 31 -11.69 -4.29 0.68
N ILE A 32 -10.92 -3.47 -0.04
CA ILE A 32 -9.53 -3.16 0.28
C ILE A 32 -9.47 -2.56 1.70
N THR A 33 -10.29 -1.57 2.07
CA THR A 33 -10.27 -1.01 3.44
C THR A 33 -10.50 -2.05 4.52
N LYS A 34 -11.44 -2.94 4.28
CA LYS A 34 -11.75 -4.07 5.15
C LYS A 34 -10.50 -4.92 5.26
N ARG A 35 -10.02 -5.47 4.14
CA ARG A 35 -8.92 -6.42 4.08
C ARG A 35 -7.67 -5.84 4.75
N VAL A 36 -7.35 -4.58 4.46
CA VAL A 36 -6.22 -3.87 5.05
C VAL A 36 -6.36 -3.82 6.56
N LYS A 37 -7.50 -3.34 7.05
CA LYS A 37 -7.74 -3.22 8.48
C LYS A 37 -7.64 -4.56 9.16
N GLU A 38 -8.23 -5.59 8.58
CA GLU A 38 -8.16 -6.96 9.11
C GLU A 38 -6.70 -7.33 9.33
N VAL A 39 -5.83 -7.18 8.31
CA VAL A 39 -4.41 -7.50 8.41
C VAL A 39 -3.74 -6.67 9.53
N LEU A 40 -4.01 -5.36 9.61
CA LEU A 40 -3.40 -4.50 10.62
C LEU A 40 -3.83 -4.93 12.02
N THR A 41 -5.12 -5.16 12.23
CA THR A 41 -5.70 -5.65 13.46
C THR A 41 -5.06 -7.00 13.83
N ASP A 42 -5.05 -7.98 12.91
CA ASP A 42 -4.60 -9.35 13.16
C ASP A 42 -3.11 -9.37 13.54
N ASN A 43 -2.31 -8.43 13.03
CA ASN A 43 -0.89 -8.29 13.35
C ASN A 43 -0.63 -7.27 14.46
N ASN A 44 -1.69 -6.80 15.13
CA ASN A 44 -1.64 -5.86 16.25
C ASN A 44 -0.89 -4.56 15.89
N LEU A 45 -1.00 -4.09 14.66
CA LEU A 45 -0.29 -2.91 14.15
C LEU A 45 -1.05 -1.61 14.43
N GLY A 46 -0.42 -0.49 14.08
CA GLY A 46 -0.92 0.86 14.20
C GLY A 46 -1.31 1.39 12.82
N GLN A 47 -2.58 1.81 12.63
CA GLN A 47 -3.06 2.44 11.40
C GLN A 47 -2.14 3.58 10.97
N ARG A 48 -1.66 4.40 11.91
CA ARG A 48 -0.80 5.55 11.62
C ARG A 48 0.48 5.12 10.89
N LEU A 49 1.09 3.99 11.28
CA LEU A 49 2.33 3.54 10.67
C LEU A 49 2.09 3.18 9.20
N PHE A 50 1.03 2.39 8.94
CA PHE A 50 0.62 2.02 7.60
C PHE A 50 0.34 3.27 6.76
N GLY A 51 -0.41 4.22 7.32
CA GLY A 51 -0.71 5.45 6.62
C GLY A 51 0.53 6.30 6.40
N GLU A 52 1.55 6.23 7.26
CA GLU A 52 2.77 6.99 7.10
C GLU A 52 3.67 6.34 6.05
N SER A 53 4.18 5.13 6.32
CA SER A 53 5.16 4.47 5.49
C SER A 53 4.63 4.06 4.12
N ILE A 54 3.35 3.74 3.97
CA ILE A 54 2.79 3.46 2.65
C ILE A 54 2.17 4.73 2.09
N LEU A 55 1.18 5.31 2.77
CA LEU A 55 0.27 6.26 2.13
C LEU A 55 0.78 7.70 2.16
N GLY A 56 1.53 8.09 3.19
CA GLY A 56 1.71 9.48 3.54
C GLY A 56 0.38 10.14 3.89
N LEU A 57 -0.35 9.63 4.87
CA LEU A 57 -1.50 10.27 5.50
C LEU A 57 -1.31 10.17 7.01
N THR A 58 -1.84 11.13 7.77
CA THR A 58 -1.80 11.03 9.22
C THR A 58 -2.94 10.13 9.72
N GLN A 59 -2.90 9.79 11.01
CA GLN A 59 -3.80 8.84 11.64
C GLN A 59 -5.26 9.24 11.41
N GLY A 60 -5.62 10.52 11.57
CA GLY A 60 -6.99 10.98 11.39
C GLY A 60 -7.42 10.77 9.94
N SER A 61 -6.63 11.24 9.00
CA SER A 61 -6.87 11.18 7.55
C SER A 61 -7.06 9.74 7.10
N VAL A 62 -6.19 8.83 7.57
CA VAL A 62 -6.23 7.42 7.22
C VAL A 62 -7.38 6.73 7.94
N SER A 63 -7.71 7.14 9.17
CA SER A 63 -8.84 6.60 9.91
C SER A 63 -10.12 6.88 9.12
N ASP A 64 -10.32 8.10 8.62
CA ASP A 64 -11.42 8.42 7.72
C ASP A 64 -11.40 7.50 6.51
N LEU A 65 -10.24 7.39 5.86
CA LEU A 65 -10.12 6.65 4.60
C LEU A 65 -10.59 5.21 4.77
N LEU A 66 -10.18 4.57 5.86
CA LEU A 66 -10.45 3.17 6.17
C LEU A 66 -11.84 2.95 6.78
N SER A 67 -12.34 3.95 7.49
CA SER A 67 -13.65 3.95 8.13
C SER A 67 -14.75 4.08 7.07
N ARG A 68 -14.65 5.11 6.23
CA ARG A 68 -15.65 5.50 5.25
C ARG A 68 -14.93 5.81 3.94
N PRO A 69 -14.46 4.79 3.20
CA PRO A 69 -13.87 5.01 1.90
C PRO A 69 -14.93 5.54 0.95
N LYS A 70 -14.56 6.47 0.06
CA LYS A 70 -15.42 6.81 -1.07
C LYS A 70 -15.37 5.68 -2.11
N PRO A 71 -16.38 5.60 -2.98
CA PRO A 71 -16.37 4.70 -4.12
C PRO A 71 -15.17 4.97 -5.03
N TRP A 72 -14.70 3.95 -5.74
CA TRP A 72 -13.73 4.12 -6.81
C TRP A 72 -14.26 5.03 -7.92
N HIS A 73 -15.57 5.00 -8.21
CA HIS A 73 -16.14 5.93 -9.18
C HIS A 73 -15.91 7.38 -8.73
N LYS A 74 -16.17 7.67 -7.44
CA LYS A 74 -16.09 8.98 -6.83
C LYS A 74 -14.67 9.50 -6.82
N LEU A 75 -13.71 8.62 -6.55
CA LEU A 75 -12.30 8.96 -6.47
C LEU A 75 -11.76 9.10 -7.90
N SER A 76 -11.00 10.16 -8.16
CA SER A 76 -10.14 10.28 -9.34
C SER A 76 -8.75 9.73 -9.00
N LEU A 77 -7.76 9.77 -9.91
CA LEU A 77 -6.43 9.18 -9.71
C LEU A 77 -5.83 9.50 -8.32
N LYS A 78 -5.70 10.77 -7.98
CA LYS A 78 -5.28 11.27 -6.66
C LYS A 78 -6.10 10.74 -5.47
N GLY A 79 -7.35 10.38 -5.73
CA GLY A 79 -8.24 9.68 -4.81
C GLY A 79 -7.88 8.22 -4.65
N ARG A 80 -7.57 7.56 -5.76
CA ARG A 80 -7.34 6.12 -5.86
C ARG A 80 -5.92 5.75 -5.49
N GLU A 81 -4.98 6.68 -5.63
CA GLU A 81 -3.55 6.58 -5.32
C GLU A 81 -3.28 5.72 -4.08
N PRO A 82 -3.85 6.06 -2.92
CA PRO A 82 -3.62 5.26 -1.73
C PRO A 82 -4.20 3.86 -1.92
N PHE A 83 -5.47 3.72 -2.31
CA PHE A 83 -6.15 2.43 -2.44
C PHE A 83 -5.44 1.46 -3.38
N VAL A 84 -4.78 1.95 -4.43
CA VAL A 84 -3.94 1.12 -5.29
C VAL A 84 -2.75 0.63 -4.47
N ARG A 85 -2.02 1.51 -3.78
CA ARG A 85 -0.92 1.06 -2.95
C ARG A 85 -1.43 0.04 -1.92
N MET A 86 -2.62 0.23 -1.33
CA MET A 86 -3.25 -0.67 -0.39
C MET A 86 -3.50 -2.04 -1.02
N GLN A 87 -4.15 -2.09 -2.18
CA GLN A 87 -4.39 -3.34 -2.90
C GLN A 87 -3.06 -4.09 -3.14
N LEU A 88 -2.02 -3.39 -3.62
CA LEU A 88 -0.73 -4.01 -3.88
C LEU A 88 0.04 -4.32 -2.58
N TRP A 89 -0.17 -3.57 -1.50
CA TRP A 89 0.45 -3.85 -0.20
C TRP A 89 -0.14 -5.15 0.32
N LEU A 90 -1.41 -5.42 0.04
CA LEU A 90 -2.02 -6.69 0.38
C LEU A 90 -1.55 -7.82 -0.54
N ASN A 91 -1.06 -7.50 -1.75
CA ASN A 91 -0.52 -8.51 -2.67
C ASN A 91 0.91 -8.90 -2.27
N ASP A 92 1.72 -7.91 -1.90
CA ASP A 92 3.09 -8.07 -1.41
C ASP A 92 3.08 -9.06 -0.23
N PRO A 93 3.93 -10.10 -0.18
CA PRO A 93 3.92 -11.07 0.90
C PRO A 93 4.76 -10.61 2.10
N HIS A 94 5.90 -9.96 1.86
CA HIS A 94 6.71 -9.31 2.89
C HIS A 94 6.16 -7.92 3.22
N ASN A 95 4.86 -7.73 3.06
CA ASN A 95 4.12 -6.51 3.33
C ASN A 95 4.17 -6.17 4.81
N VAL A 96 3.57 -7.01 5.65
CA VAL A 96 3.51 -6.86 7.08
C VAL A 96 4.95 -6.86 7.62
N GLU A 97 5.81 -7.75 7.12
CA GLU A 97 7.21 -7.81 7.55
C GLU A 97 7.89 -6.45 7.41
N LYS A 98 7.91 -5.86 6.21
CA LYS A 98 8.51 -4.54 6.01
C LYS A 98 7.84 -3.50 6.93
N LEU A 99 6.52 -3.55 7.10
CA LEU A 99 5.80 -2.62 7.97
C LEU A 99 6.27 -2.76 9.41
N ARG A 100 6.43 -3.99 9.92
CA ARG A 100 6.90 -4.26 11.25
C ARG A 100 8.37 -3.91 11.41
N ASP A 101 9.14 -3.93 10.31
CA ASP A 101 10.55 -3.57 10.25
C ASP A 101 10.75 -2.07 10.37
N MET A 102 9.71 -1.26 10.09
CA MET A 102 9.67 0.16 10.40
C MET A 102 9.76 0.33 11.92
N LYS A 103 8.74 -0.15 12.64
CA LYS A 103 8.61 0.07 14.08
C LYS A 103 9.75 -0.62 14.83
N LYS A 104 9.81 -1.95 14.67
CA LYS A 104 10.70 -2.89 15.33
C LYS A 104 10.74 -2.78 16.87
N LEU A 105 11.31 -3.79 17.52
CA LEU A 105 11.41 -3.98 18.97
C LEU A 105 10.09 -3.68 19.69
N SER A 106 9.20 -4.69 19.77
CA SER A 106 7.97 -4.55 20.53
C SER A 106 7.37 -5.87 21.07
N GLY A 107 7.70 -7.04 20.55
CA GLY A 107 7.16 -8.30 21.07
C GLY A 107 7.12 -9.38 19.98
N PRO A 108 8.14 -10.25 19.86
CA PRO A 108 8.22 -11.30 18.86
C PRO A 108 7.32 -12.48 19.26
N SER A 109 6.02 -12.30 19.12
CA SER A 109 5.01 -13.35 19.20
C SER A 109 4.73 -13.91 17.80
N SER A 110 4.12 -15.09 17.74
CA SER A 110 3.57 -15.69 16.54
C SER A 110 4.60 -15.90 15.40
N GLY A 111 4.06 -16.26 14.24
CA GLY A 111 4.61 -17.11 13.21
C GLY A 111 3.50 -18.13 13.04
N GLY A 1 -5.45 -33.06 -23.74
CA GLY A 1 -5.05 -32.13 -24.81
C GLY A 1 -4.10 -31.08 -24.25
N SER A 2 -3.69 -30.12 -25.08
CA SER A 2 -2.85 -28.99 -24.71
C SER A 2 -3.19 -27.82 -25.61
N SER A 3 -3.08 -26.59 -25.09
CA SER A 3 -3.26 -25.35 -25.85
C SER A 3 -2.66 -24.17 -25.06
N GLY A 4 -2.13 -23.17 -25.77
CA GLY A 4 -1.56 -21.96 -25.19
C GLY A 4 -0.62 -21.30 -26.19
N SER A 5 -0.26 -20.04 -25.93
CA SER A 5 0.74 -19.24 -26.63
C SER A 5 0.87 -17.93 -25.86
N SER A 6 1.83 -17.82 -24.94
CA SER A 6 2.07 -16.64 -24.12
C SER A 6 3.41 -16.76 -23.39
N GLY A 7 3.83 -15.68 -22.73
CA GLY A 7 4.93 -15.63 -21.80
C GLY A 7 5.81 -14.44 -22.14
N TYR A 8 5.87 -13.47 -21.24
CA TYR A 8 6.39 -12.14 -21.48
C TYR A 8 7.26 -11.68 -20.32
N SER A 9 8.45 -11.19 -20.66
CA SER A 9 9.49 -10.78 -19.74
C SER A 9 9.36 -9.26 -19.56
N GLY A 10 9.96 -8.48 -20.45
CA GLY A 10 9.98 -7.02 -20.44
C GLY A 10 10.63 -6.43 -19.19
N SER A 11 10.97 -5.15 -19.23
CA SER A 11 11.59 -4.43 -18.13
C SER A 11 11.33 -2.92 -18.28
N GLN A 12 11.78 -2.14 -17.29
CA GLN A 12 11.49 -0.74 -17.03
C GLN A 12 10.01 -0.55 -16.71
N ALA A 13 9.70 -0.30 -15.44
CA ALA A 13 8.37 0.13 -15.01
C ALA A 13 8.03 1.49 -15.66
N PRO A 14 6.74 1.84 -15.80
CA PRO A 14 6.35 3.09 -16.46
C PRO A 14 6.72 4.34 -15.65
N GLY A 15 6.84 4.25 -14.32
CA GLY A 15 7.43 5.29 -13.50
C GLY A 15 6.41 6.33 -13.02
N GLY A 16 5.40 5.90 -12.26
CA GLY A 16 4.49 6.78 -11.53
C GLY A 16 3.59 5.95 -10.63
N ILE A 17 2.93 6.58 -9.63
CA ILE A 17 1.76 5.99 -8.98
C ILE A 17 0.51 6.36 -9.80
N GLN A 18 0.42 7.62 -10.25
CA GLN A 18 -0.70 8.13 -11.05
C GLN A 18 -0.94 7.23 -12.26
N GLU A 19 0.12 6.88 -12.97
CA GLU A 19 0.08 6.02 -14.15
C GLU A 19 -0.54 4.67 -13.80
N ILE A 20 0.01 4.01 -12.78
CA ILE A 20 -0.40 2.68 -12.40
C ILE A 20 -1.85 2.69 -11.92
N VAL A 21 -2.27 3.73 -11.20
CA VAL A 21 -3.64 3.95 -10.75
C VAL A 21 -4.55 4.17 -11.95
N ALA A 22 -4.08 4.93 -12.93
CA ALA A 22 -4.84 5.24 -14.13
C ALA A 22 -5.09 3.93 -14.90
N MET A 23 -4.08 3.05 -14.90
CA MET A 23 -4.11 1.71 -15.45
C MET A 23 -4.74 0.68 -14.49
N SER A 24 -5.13 1.02 -13.27
CA SER A 24 -5.82 0.09 -12.39
C SER A 24 -7.24 -0.12 -12.93
N PRO A 25 -7.76 -1.36 -12.96
CA PRO A 25 -9.19 -1.59 -13.14
C PRO A 25 -9.92 -1.07 -11.89
N GLU A 26 -11.25 -1.14 -11.87
CA GLU A 26 -11.98 -0.75 -10.68
C GLU A 26 -11.59 -1.64 -9.49
N LEU A 27 -11.10 -0.97 -8.44
CA LEU A 27 -10.50 -1.51 -7.24
C LEU A 27 -11.42 -1.14 -6.10
N ASP A 28 -11.99 -2.17 -5.48
CA ASP A 28 -13.15 -2.04 -4.64
C ASP A 28 -12.81 -1.41 -3.29
N THR A 29 -12.91 -0.09 -3.23
CA THR A 29 -12.34 0.73 -2.16
C THR A 29 -12.68 0.16 -0.77
N TYR A 30 -13.96 -0.12 -0.51
CA TYR A 30 -14.46 -0.70 0.72
C TYR A 30 -13.72 -1.98 1.08
N SER A 31 -13.84 -3.02 0.26
CA SER A 31 -13.22 -4.32 0.50
C SER A 31 -11.72 -4.17 0.72
N ILE A 32 -11.02 -3.33 -0.04
CA ILE A 32 -9.59 -3.11 0.14
C ILE A 32 -9.38 -2.57 1.56
N THR A 33 -10.11 -1.53 1.99
CA THR A 33 -9.95 -1.03 3.36
C THR A 33 -10.22 -2.12 4.38
N LYS A 34 -11.23 -2.96 4.14
CA LYS A 34 -11.58 -4.06 5.02
C LYS A 34 -10.38 -4.97 5.15
N ARG A 35 -9.94 -5.56 4.05
CA ARG A 35 -8.82 -6.48 3.98
C ARG A 35 -7.56 -5.87 4.62
N VAL A 36 -7.28 -4.59 4.38
CA VAL A 36 -6.16 -3.87 4.96
C VAL A 36 -6.28 -3.82 6.49
N LYS A 37 -7.43 -3.37 6.99
CA LYS A 37 -7.70 -3.28 8.42
C LYS A 37 -7.60 -4.64 9.06
N GLU A 38 -8.13 -5.70 8.42
CA GLU A 38 -7.98 -7.06 8.93
C GLU A 38 -6.49 -7.33 9.13
N VAL A 39 -5.65 -7.14 8.11
CA VAL A 39 -4.21 -7.38 8.23
C VAL A 39 -3.58 -6.58 9.37
N LEU A 40 -3.88 -5.28 9.55
CA LEU A 40 -3.34 -4.54 10.70
C LEU A 40 -3.87 -5.07 12.03
N THR A 41 -5.14 -5.42 12.09
CA THR A 41 -5.81 -5.93 13.27
C THR A 41 -5.17 -7.26 13.69
N ASP A 42 -5.16 -8.22 12.77
CA ASP A 42 -4.70 -9.58 12.89
C ASP A 42 -3.28 -9.57 13.46
N ASN A 43 -2.41 -8.77 12.84
CA ASN A 43 -0.98 -8.66 13.17
C ASN A 43 -0.70 -7.64 14.27
N ASN A 44 -1.76 -7.02 14.80
CA ASN A 44 -1.82 -5.94 15.77
C ASN A 44 -0.76 -4.84 15.51
N LEU A 45 -1.09 -3.96 14.57
CA LEU A 45 -0.28 -2.88 14.02
C LEU A 45 -1.04 -1.56 14.14
N GLY A 46 -0.32 -0.45 14.01
CA GLY A 46 -0.87 0.89 14.08
C GLY A 46 -1.22 1.40 12.69
N GLN A 47 -2.49 1.78 12.47
CA GLN A 47 -2.97 2.43 11.25
C GLN A 47 -2.07 3.59 10.84
N ARG A 48 -1.60 4.41 11.79
CA ARG A 48 -0.77 5.58 11.48
C ARG A 48 0.46 5.17 10.69
N LEU A 49 1.14 4.10 11.09
CA LEU A 49 2.40 3.65 10.48
C LEU A 49 2.16 3.27 9.02
N PHE A 50 1.09 2.52 8.78
CA PHE A 50 0.68 2.12 7.45
C PHE A 50 0.39 3.37 6.58
N GLY A 51 -0.34 4.34 7.13
CA GLY A 51 -0.61 5.58 6.41
C GLY A 51 0.68 6.33 6.12
N GLU A 52 1.59 6.41 7.08
CA GLU A 52 2.84 7.15 6.99
C GLU A 52 3.67 6.66 5.80
N SER A 53 4.02 5.38 5.80
CA SER A 53 4.87 4.80 4.78
C SER A 53 4.10 4.65 3.47
N ILE A 54 3.04 3.84 3.47
CA ILE A 54 2.42 3.37 2.25
C ILE A 54 1.67 4.55 1.63
N LEU A 55 0.76 5.18 2.40
CA LEU A 55 -0.21 6.09 1.80
C LEU A 55 0.28 7.53 1.69
N GLY A 56 1.18 8.00 2.56
CA GLY A 56 1.48 9.40 2.69
C GLY A 56 0.43 10.16 3.50
N LEU A 57 -0.21 9.50 4.47
CA LEU A 57 -1.28 10.07 5.26
C LEU A 57 -0.98 9.90 6.74
N THR A 58 -1.23 10.94 7.53
CA THR A 58 -1.22 10.82 8.99
C THR A 58 -2.50 10.12 9.43
N GLN A 59 -2.58 9.75 10.71
CA GLN A 59 -3.64 8.93 11.23
C GLN A 59 -4.99 9.61 11.06
N GLY A 60 -5.09 10.93 11.24
CA GLY A 60 -6.36 11.62 11.12
C GLY A 60 -7.01 11.39 9.76
N SER A 61 -6.20 11.51 8.70
CA SER A 61 -6.64 11.23 7.34
C SER A 61 -6.95 9.74 7.18
N VAL A 62 -6.08 8.86 7.66
CA VAL A 62 -6.14 7.43 7.37
C VAL A 62 -7.25 6.72 8.16
N SER A 63 -7.54 7.12 9.40
CA SER A 63 -8.62 6.58 10.21
C SER A 63 -9.92 6.74 9.44
N ASP A 64 -10.21 7.98 9.04
CA ASP A 64 -11.33 8.41 8.21
C ASP A 64 -11.31 7.65 6.89
N LEU A 65 -10.16 7.57 6.19
CA LEU A 65 -10.06 6.86 4.91
C LEU A 65 -10.55 5.41 5.00
N LEU A 66 -10.16 4.71 6.06
CA LEU A 66 -10.47 3.30 6.27
C LEU A 66 -11.83 3.10 6.94
N SER A 67 -12.25 4.10 7.68
CA SER A 67 -13.54 4.22 8.36
C SER A 67 -14.64 4.33 7.31
N ARG A 68 -14.49 5.23 6.34
CA ARG A 68 -15.57 5.66 5.46
C ARG A 68 -15.07 5.87 4.03
N PRO A 69 -14.48 4.83 3.39
CA PRO A 69 -13.85 4.97 2.09
C PRO A 69 -14.89 5.32 1.03
N LYS A 70 -14.78 6.52 0.44
CA LYS A 70 -15.64 6.91 -0.66
C LYS A 70 -15.42 5.98 -1.86
N PRO A 71 -16.41 5.92 -2.77
CA PRO A 71 -16.40 4.93 -3.83
C PRO A 71 -15.34 5.28 -4.87
N TRP A 72 -14.95 4.29 -5.68
CA TRP A 72 -13.95 4.50 -6.72
C TRP A 72 -14.42 5.54 -7.73
N HIS A 73 -15.73 5.66 -8.05
CA HIS A 73 -16.22 6.69 -8.97
C HIS A 73 -16.13 8.13 -8.42
N LYS A 74 -16.05 8.30 -7.09
CA LYS A 74 -15.89 9.59 -6.42
C LYS A 74 -14.43 9.96 -6.34
N LEU A 75 -13.57 8.99 -6.05
CA LEU A 75 -12.16 9.20 -5.87
C LEU A 75 -11.55 9.38 -7.24
N SER A 76 -10.90 10.52 -7.48
CA SER A 76 -10.16 10.77 -8.71
C SER A 76 -8.82 10.00 -8.67
N LEU A 77 -7.89 10.16 -9.62
CA LEU A 77 -6.55 9.54 -9.56
C LEU A 77 -5.89 9.81 -8.19
N LYS A 78 -5.80 11.09 -7.79
CA LYS A 78 -5.38 11.55 -6.47
C LYS A 78 -6.16 10.94 -5.30
N GLY A 79 -7.34 10.42 -5.56
CA GLY A 79 -8.22 9.72 -4.62
C GLY A 79 -7.94 8.23 -4.55
N ARG A 80 -7.58 7.64 -5.68
CA ARG A 80 -7.42 6.21 -5.88
C ARG A 80 -5.98 5.79 -5.54
N GLU A 81 -5.03 6.72 -5.64
CA GLU A 81 -3.62 6.60 -5.28
C GLU A 81 -3.43 5.71 -4.05
N PRO A 82 -4.02 6.03 -2.88
CA PRO A 82 -3.80 5.22 -1.70
C PRO A 82 -4.39 3.82 -1.88
N PHE A 83 -5.60 3.68 -2.40
CA PHE A 83 -6.29 2.39 -2.52
C PHE A 83 -5.55 1.42 -3.46
N VAL A 84 -4.90 1.93 -4.51
CA VAL A 84 -4.05 1.12 -5.36
C VAL A 84 -2.82 0.68 -4.55
N ARG A 85 -2.14 1.61 -3.88
CA ARG A 85 -0.99 1.24 -3.04
C ARG A 85 -1.39 0.21 -1.99
N MET A 86 -2.58 0.29 -1.41
CA MET A 86 -3.13 -0.68 -0.49
C MET A 86 -3.28 -2.03 -1.17
N GLN A 87 -3.97 -2.09 -2.31
CA GLN A 87 -4.23 -3.35 -3.00
C GLN A 87 -2.90 -4.08 -3.27
N LEU A 88 -1.91 -3.39 -3.83
CA LEU A 88 -0.65 -4.04 -4.17
C LEU A 88 0.25 -4.24 -2.95
N TRP A 89 0.11 -3.46 -1.87
CA TRP A 89 0.76 -3.76 -0.58
C TRP A 89 0.26 -5.11 -0.07
N LEU A 90 -1.05 -5.35 -0.16
CA LEU A 90 -1.67 -6.61 0.27
C LEU A 90 -1.19 -7.82 -0.54
N ASN A 91 -0.70 -7.61 -1.76
CA ASN A 91 -0.18 -8.68 -2.62
C ASN A 91 1.28 -8.99 -2.36
N ASP A 92 2.00 -8.11 -1.65
CA ASP A 92 3.42 -8.29 -1.43
C ASP A 92 3.63 -9.42 -0.41
N PRO A 93 4.75 -10.15 -0.49
CA PRO A 93 4.97 -11.31 0.39
C PRO A 93 5.41 -10.85 1.78
N HIS A 94 6.38 -9.93 1.87
CA HIS A 94 6.95 -9.47 3.15
C HIS A 94 6.27 -8.18 3.62
N ASN A 95 5.09 -7.85 3.10
CA ASN A 95 4.40 -6.59 3.34
C ASN A 95 4.24 -6.29 4.83
N VAL A 96 3.68 -7.20 5.61
CA VAL A 96 3.48 -7.02 7.03
C VAL A 96 4.84 -6.98 7.73
N GLU A 97 5.73 -7.93 7.47
CA GLU A 97 7.02 -8.04 8.14
C GLU A 97 7.86 -6.77 7.97
N LYS A 98 7.90 -6.22 6.75
CA LYS A 98 8.59 -4.96 6.48
C LYS A 98 7.88 -3.82 7.20
N LEU A 99 6.55 -3.75 7.18
CA LEU A 99 5.80 -2.71 7.92
C LEU A 99 6.11 -2.78 9.42
N ARG A 100 6.11 -3.97 10.01
CA ARG A 100 6.41 -4.20 11.40
C ARG A 100 7.85 -3.79 11.69
N ASP A 101 8.78 -4.05 10.77
CA ASP A 101 10.17 -3.65 10.91
C ASP A 101 10.33 -2.12 10.93
N MET A 102 9.41 -1.35 10.33
CA MET A 102 9.38 0.12 10.45
C MET A 102 9.03 0.59 11.86
N LYS A 103 8.36 -0.26 12.64
CA LYS A 103 8.00 0.02 14.03
C LYS A 103 9.23 -0.09 14.94
N LYS A 104 10.38 -0.50 14.39
CA LYS A 104 11.72 -0.51 14.95
C LYS A 104 12.55 0.47 14.10
N LEU A 105 13.71 0.90 14.60
CA LEU A 105 14.72 1.68 13.85
C LEU A 105 14.08 2.81 13.04
N SER A 106 13.18 3.58 13.66
CA SER A 106 12.46 4.65 13.00
C SER A 106 11.93 5.68 14.00
N GLY A 107 11.63 5.29 15.24
CA GLY A 107 11.05 6.17 16.24
C GLY A 107 10.69 5.38 17.50
N PRO A 108 10.29 6.09 18.58
CA PRO A 108 10.02 5.49 19.87
C PRO A 108 8.78 4.60 19.81
N SER A 109 8.99 3.29 19.77
CA SER A 109 8.08 2.31 20.34
C SER A 109 8.92 1.25 21.07
N SER A 110 8.25 0.45 21.92
CA SER A 110 8.89 -0.48 22.84
C SER A 110 9.83 0.29 23.78
N GLY A 111 10.76 -0.39 24.46
CA GLY A 111 11.67 0.18 25.42
C GLY A 111 12.73 -0.84 25.79
N GLY A 1 48.46 -0.77 -4.80
CA GLY A 1 47.67 -1.57 -5.73
C GLY A 1 46.96 -0.65 -6.70
N SER A 2 46.07 -1.19 -7.54
CA SER A 2 45.11 -0.42 -8.33
C SER A 2 43.86 -1.30 -8.47
N SER A 3 42.76 -0.72 -8.94
CA SER A 3 41.47 -1.38 -9.06
C SER A 3 40.57 -0.50 -9.94
N GLY A 4 39.56 -1.08 -10.58
CA GLY A 4 38.58 -0.36 -11.38
C GLY A 4 37.38 -1.26 -11.59
N SER A 5 36.23 -0.89 -11.03
CA SER A 5 34.96 -1.62 -11.16
C SER A 5 33.85 -0.62 -10.87
N SER A 6 33.39 0.10 -11.89
CA SER A 6 32.55 1.26 -11.72
C SER A 6 31.76 1.49 -13.01
N GLY A 7 30.43 1.51 -12.93
CA GLY A 7 29.57 1.77 -14.07
C GLY A 7 28.13 1.45 -13.72
N TYR A 8 27.22 1.73 -14.65
CA TYR A 8 25.79 1.44 -14.60
C TYR A 8 25.35 1.14 -16.02
N SER A 9 24.33 0.30 -16.20
CA SER A 9 23.72 0.03 -17.50
C SER A 9 22.33 -0.54 -17.25
N GLY A 10 21.36 0.32 -16.93
CA GLY A 10 19.99 -0.12 -16.74
C GLY A 10 19.21 0.89 -15.91
N SER A 11 18.45 1.75 -16.57
CA SER A 11 17.65 2.81 -15.95
C SER A 11 16.15 2.56 -16.17
N GLN A 12 15.71 1.29 -16.08
CA GLN A 12 14.31 0.85 -16.06
C GLN A 12 13.56 1.58 -14.94
N ALA A 13 12.92 2.71 -15.26
CA ALA A 13 12.29 3.59 -14.29
C ALA A 13 11.13 2.89 -13.56
N PRO A 14 10.80 3.29 -12.33
CA PRO A 14 9.63 2.77 -11.62
C PRO A 14 8.32 3.25 -12.26
N GLY A 15 8.32 4.44 -12.87
CA GLY A 15 7.12 5.17 -13.22
C GLY A 15 6.57 5.89 -11.99
N GLY A 16 5.53 6.69 -12.18
CA GLY A 16 4.88 7.47 -11.13
C GLY A 16 3.90 6.62 -10.34
N ILE A 17 2.99 7.26 -9.61
CA ILE A 17 1.82 6.63 -9.00
C ILE A 17 0.59 6.79 -9.90
N GLN A 18 0.45 7.95 -10.55
CA GLN A 18 -0.81 8.37 -11.14
C GLN A 18 -1.19 7.55 -12.37
N GLU A 19 -0.22 7.10 -13.16
CA GLU A 19 -0.46 6.32 -14.36
C GLU A 19 -0.64 4.84 -14.02
N ILE A 20 -0.05 4.33 -12.93
CA ILE A 20 -0.42 3.03 -12.40
C ILE A 20 -1.91 3.06 -12.08
N VAL A 21 -2.34 4.10 -11.35
CA VAL A 21 -3.73 4.27 -10.96
C VAL A 21 -4.61 4.46 -12.19
N ALA A 22 -4.11 5.14 -13.23
CA ALA A 22 -4.83 5.31 -14.47
C ALA A 22 -5.17 3.94 -15.06
N MET A 23 -4.16 3.08 -15.09
CA MET A 23 -4.20 1.73 -15.61
C MET A 23 -4.98 0.79 -14.69
N SER A 24 -5.25 1.15 -13.43
CA SER A 24 -5.92 0.25 -12.48
C SER A 24 -7.36 -0.04 -12.90
N PRO A 25 -7.82 -1.30 -12.82
CA PRO A 25 -9.23 -1.68 -12.89
C PRO A 25 -9.97 -1.18 -11.64
N GLU A 26 -11.29 -1.40 -11.55
CA GLU A 26 -12.00 -1.20 -10.29
C GLU A 26 -11.36 -2.06 -9.19
N LEU A 27 -10.60 -1.38 -8.33
CA LEU A 27 -10.06 -1.89 -7.09
C LEU A 27 -11.12 -1.61 -6.04
N ASP A 28 -11.68 -2.67 -5.47
CA ASP A 28 -12.86 -2.58 -4.62
C ASP A 28 -12.52 -1.85 -3.33
N THR A 29 -12.73 -0.54 -3.34
CA THR A 29 -12.33 0.38 -2.29
C THR A 29 -12.68 -0.18 -0.91
N TYR A 30 -13.94 -0.54 -0.69
CA TYR A 30 -14.41 -1.12 0.54
C TYR A 30 -13.65 -2.39 0.91
N SER A 31 -13.68 -3.40 0.03
CA SER A 31 -13.08 -4.69 0.34
C SER A 31 -11.59 -4.53 0.64
N ILE A 32 -10.86 -3.68 -0.10
CA ILE A 32 -9.46 -3.33 0.17
C ILE A 32 -9.38 -2.74 1.57
N THR A 33 -10.13 -1.69 1.91
CA THR A 33 -10.00 -1.05 3.21
C THR A 33 -10.24 -2.01 4.36
N LYS A 34 -11.25 -2.87 4.20
CA LYS A 34 -11.57 -3.87 5.19
C LYS A 34 -10.42 -4.86 5.28
N ARG A 35 -10.00 -5.50 4.19
CA ARG A 35 -8.89 -6.46 4.18
C ARG A 35 -7.62 -5.86 4.80
N VAL A 36 -7.33 -4.60 4.49
CA VAL A 36 -6.22 -3.86 5.07
C VAL A 36 -6.44 -3.76 6.59
N LYS A 37 -7.56 -3.18 7.03
CA LYS A 37 -7.86 -3.01 8.44
C LYS A 37 -7.72 -4.31 9.19
N GLU A 38 -8.29 -5.38 8.65
CA GLU A 38 -8.27 -6.73 9.18
C GLU A 38 -6.81 -7.10 9.44
N VAL A 39 -5.96 -7.19 8.40
CA VAL A 39 -4.55 -7.51 8.55
C VAL A 39 -3.87 -6.62 9.60
N LEU A 40 -4.12 -5.31 9.61
CA LEU A 40 -3.48 -4.39 10.55
C LEU A 40 -3.97 -4.62 11.99
N THR A 41 -5.27 -4.87 12.20
CA THR A 41 -5.86 -5.23 13.48
C THR A 41 -5.23 -6.54 13.93
N ASP A 42 -5.27 -7.56 13.07
CA ASP A 42 -4.92 -8.93 13.37
C ASP A 42 -3.45 -9.03 13.75
N ASN A 43 -2.57 -8.18 13.19
CA ASN A 43 -1.13 -8.11 13.50
C ASN A 43 -0.79 -7.00 14.50
N ASN A 44 -1.79 -6.39 15.18
CA ASN A 44 -1.65 -5.27 16.12
C ASN A 44 -0.76 -4.14 15.56
N LEU A 45 -0.83 -3.88 14.26
CA LEU A 45 -0.08 -2.82 13.60
C LEU A 45 -0.85 -1.51 13.74
N GLY A 46 -0.13 -0.42 13.99
CA GLY A 46 -0.74 0.90 14.04
C GLY A 46 -1.18 1.31 12.64
N GLN A 47 -2.45 1.72 12.49
CA GLN A 47 -2.94 2.35 11.27
C GLN A 47 -2.07 3.55 10.87
N ARG A 48 -1.53 4.29 11.84
CA ARG A 48 -0.64 5.41 11.56
C ARG A 48 0.59 4.92 10.80
N LEU A 49 1.29 3.88 11.27
CA LEU A 49 2.45 3.29 10.62
C LEU A 49 2.11 2.96 9.17
N PHE A 50 1.04 2.19 8.95
CA PHE A 50 0.60 1.83 7.62
C PHE A 50 0.39 3.09 6.77
N GLY A 51 -0.36 4.05 7.28
CA GLY A 51 -0.65 5.27 6.57
C GLY A 51 0.53 6.22 6.45
N GLU A 52 1.67 5.96 7.12
CA GLU A 52 2.89 6.73 6.99
C GLU A 52 3.75 6.05 5.91
N SER A 53 4.16 4.82 6.17
CA SER A 53 5.11 4.09 5.35
C SER A 53 4.55 3.78 3.97
N ILE A 54 3.30 3.30 3.92
CA ILE A 54 2.65 2.92 2.67
C ILE A 54 2.16 4.21 2.03
N LEU A 55 1.27 4.92 2.74
CA LEU A 55 0.49 5.99 2.12
C LEU A 55 1.24 7.32 2.15
N GLY A 56 1.40 7.94 3.32
CA GLY A 56 1.90 9.30 3.51
C GLY A 56 0.80 10.26 4.00
N LEU A 57 -0.15 9.77 4.80
CA LEU A 57 -1.32 10.50 5.27
C LEU A 57 -1.18 10.85 6.76
N THR A 58 -2.12 11.61 7.32
CA THR A 58 -2.24 11.70 8.78
C THR A 58 -2.96 10.44 9.28
N GLN A 59 -2.90 10.18 10.60
CA GLN A 59 -3.72 9.13 11.18
C GLN A 59 -5.21 9.49 11.04
N GLY A 60 -5.59 10.76 11.15
CA GLY A 60 -6.98 11.19 11.05
C GLY A 60 -7.52 10.88 9.66
N SER A 61 -6.76 11.26 8.62
CA SER A 61 -7.07 11.00 7.23
C SER A 61 -7.21 9.50 7.00
N VAL A 62 -6.20 8.71 7.38
CA VAL A 62 -6.18 7.28 7.13
C VAL A 62 -7.30 6.57 7.89
N SER A 63 -7.64 7.05 9.09
CA SER A 63 -8.75 6.54 9.85
C SER A 63 -10.03 6.76 9.06
N ASP A 64 -10.32 7.97 8.61
CA ASP A 64 -11.51 8.25 7.82
C ASP A 64 -11.50 7.47 6.51
N LEU A 65 -10.33 7.24 5.91
CA LEU A 65 -10.20 6.48 4.68
C LEU A 65 -10.62 5.03 4.88
N LEU A 66 -10.14 4.41 5.96
CA LEU A 66 -10.40 2.99 6.24
C LEU A 66 -11.77 2.76 6.88
N SER A 67 -12.25 3.76 7.61
CA SER A 67 -13.57 3.82 8.22
C SER A 67 -14.61 3.98 7.11
N ARG A 68 -14.61 5.11 6.42
CA ARG A 68 -15.63 5.52 5.47
C ARG A 68 -14.93 5.82 4.14
N PRO A 69 -14.45 4.79 3.41
CA PRO A 69 -13.87 4.98 2.10
C PRO A 69 -14.92 5.55 1.17
N LYS A 70 -14.54 6.47 0.29
CA LYS A 70 -15.38 6.76 -0.85
C LYS A 70 -15.19 5.64 -1.88
N PRO A 71 -16.22 5.37 -2.71
CA PRO A 71 -16.20 4.36 -3.75
C PRO A 71 -15.25 4.74 -4.88
N TRP A 72 -14.87 3.75 -5.70
CA TRP A 72 -13.96 3.94 -6.81
C TRP A 72 -14.51 4.97 -7.81
N HIS A 73 -15.84 5.07 -8.01
CA HIS A 73 -16.44 6.09 -8.86
C HIS A 73 -16.14 7.50 -8.33
N LYS A 74 -16.45 7.76 -7.04
CA LYS A 74 -16.23 9.04 -6.34
C LYS A 74 -14.79 9.51 -6.45
N LEU A 75 -13.86 8.57 -6.29
CA LEU A 75 -12.44 8.84 -6.19
C LEU A 75 -11.90 9.10 -7.60
N SER A 76 -11.32 10.28 -7.83
CA SER A 76 -10.51 10.59 -9.02
C SER A 76 -9.19 9.79 -8.95
N LEU A 77 -8.23 9.99 -9.86
CA LEU A 77 -6.93 9.30 -9.78
C LEU A 77 -6.25 9.58 -8.44
N LYS A 78 -6.10 10.85 -8.07
CA LYS A 78 -5.70 11.28 -6.72
C LYS A 78 -6.53 10.64 -5.61
N GLY A 79 -7.81 10.39 -5.86
CA GLY A 79 -8.70 9.68 -4.98
C GLY A 79 -8.21 8.25 -4.73
N ARG A 80 -7.94 7.55 -5.82
CA ARG A 80 -7.64 6.13 -5.90
C ARG A 80 -6.20 5.83 -5.51
N GLU A 81 -5.29 6.79 -5.68
CA GLU A 81 -3.85 6.75 -5.40
C GLU A 81 -3.51 5.90 -4.17
N PRO A 82 -4.05 6.19 -2.97
CA PRO A 82 -3.74 5.40 -1.78
C PRO A 82 -4.35 4.00 -1.84
N PHE A 83 -5.58 3.81 -2.34
CA PHE A 83 -6.21 2.50 -2.40
C PHE A 83 -5.46 1.55 -3.32
N VAL A 84 -4.89 2.08 -4.40
CA VAL A 84 -4.04 1.29 -5.27
C VAL A 84 -2.76 0.92 -4.52
N ARG A 85 -2.11 1.82 -3.75
CA ARG A 85 -0.97 1.45 -2.92
C ARG A 85 -1.37 0.31 -1.97
N MET A 86 -2.54 0.39 -1.32
CA MET A 86 -3.07 -0.63 -0.42
C MET A 86 -3.22 -1.97 -1.11
N GLN A 87 -3.87 -2.00 -2.28
CA GLN A 87 -4.05 -3.23 -3.03
C GLN A 87 -2.68 -3.89 -3.30
N LEU A 88 -1.68 -3.12 -3.75
CA LEU A 88 -0.37 -3.69 -4.05
C LEU A 88 0.40 -4.03 -2.78
N TRP A 89 0.22 -3.34 -1.65
CA TRP A 89 0.81 -3.75 -0.39
C TRP A 89 0.23 -5.11 0.00
N LEU A 90 -1.09 -5.26 -0.12
CA LEU A 90 -1.81 -6.51 0.12
C LEU A 90 -1.44 -7.65 -0.85
N ASN A 91 -0.67 -7.35 -1.90
CA ASN A 91 -0.18 -8.32 -2.89
C ASN A 91 1.22 -8.84 -2.55
N ASP A 92 1.95 -8.18 -1.65
CA ASP A 92 3.31 -8.54 -1.24
C ASP A 92 3.20 -9.48 -0.03
N PRO A 93 3.96 -10.57 0.05
CA PRO A 93 3.84 -11.52 1.15
C PRO A 93 4.58 -11.02 2.41
N HIS A 94 5.69 -10.30 2.20
CA HIS A 94 6.52 -9.67 3.22
C HIS A 94 5.93 -8.33 3.70
N ASN A 95 4.75 -7.95 3.23
CA ASN A 95 4.16 -6.64 3.45
C ASN A 95 4.04 -6.29 4.94
N VAL A 96 3.52 -7.21 5.76
CA VAL A 96 3.38 -7.05 7.18
C VAL A 96 4.76 -6.99 7.84
N GLU A 97 5.69 -7.85 7.41
CA GLU A 97 7.04 -7.95 7.97
C GLU A 97 7.78 -6.62 7.79
N LYS A 98 7.88 -6.15 6.55
CA LYS A 98 8.57 -4.90 6.20
C LYS A 98 7.89 -3.70 6.86
N LEU A 99 6.56 -3.73 7.00
CA LEU A 99 5.84 -2.70 7.74
C LEU A 99 6.27 -2.70 9.21
N ARG A 100 6.30 -3.86 9.87
CA ARG A 100 6.76 -3.99 11.25
C ARG A 100 8.18 -3.43 11.41
N ASP A 101 9.07 -3.72 10.45
CA ASP A 101 10.50 -3.40 10.49
C ASP A 101 10.74 -1.90 10.72
N MET A 102 9.85 -1.05 10.21
CA MET A 102 9.85 0.39 10.46
C MET A 102 10.08 0.68 11.94
N LYS A 103 9.25 0.10 12.81
CA LYS A 103 9.30 0.25 14.24
C LYS A 103 10.31 -0.71 14.87
N LYS A 104 10.30 -1.98 14.46
CA LYS A 104 11.04 -3.11 15.03
C LYS A 104 11.04 -3.13 16.57
N LEU A 105 12.06 -3.78 17.16
CA LEU A 105 12.35 -3.84 18.59
C LEU A 105 11.08 -4.18 19.36
N SER A 106 10.52 -5.36 19.09
CA SER A 106 9.22 -5.74 19.61
C SER A 106 9.17 -7.26 19.81
N GLY A 107 8.49 -7.70 20.86
CA GLY A 107 8.45 -9.09 21.32
C GLY A 107 9.76 -9.50 22.00
N PRO A 108 9.77 -10.56 22.82
CA PRO A 108 10.95 -11.03 23.51
C PRO A 108 11.95 -11.67 22.54
N SER A 109 11.46 -12.48 21.59
CA SER A 109 12.21 -12.93 20.44
C SER A 109 11.23 -13.20 19.31
N SER A 110 11.73 -13.11 18.08
CA SER A 110 10.97 -13.14 16.84
C SER A 110 9.77 -12.17 16.89
N GLY A 111 8.75 -12.46 16.09
CA GLY A 111 7.41 -11.92 16.08
C GLY A 111 6.56 -12.93 15.35
N GLY A 1 1.39 -23.69 -48.70
CA GLY A 1 1.76 -22.86 -47.54
C GLY A 1 1.34 -21.44 -47.87
N SER A 2 0.79 -20.73 -46.89
CA SER A 2 0.16 -19.44 -47.06
C SER A 2 -0.06 -18.84 -45.65
N SER A 3 -0.42 -17.56 -45.59
CA SER A 3 -0.57 -16.82 -44.33
C SER A 3 0.74 -16.79 -43.54
N GLY A 4 0.69 -16.37 -42.27
CA GLY A 4 1.82 -16.22 -41.39
C GLY A 4 1.32 -15.73 -40.03
N SER A 5 2.22 -15.46 -39.09
CA SER A 5 1.94 -14.86 -37.80
C SER A 5 3.22 -14.17 -37.31
N SER A 6 3.14 -13.40 -36.23
CA SER A 6 4.27 -12.75 -35.58
C SER A 6 3.86 -12.43 -34.14
N GLY A 7 4.76 -11.84 -33.36
CA GLY A 7 4.53 -11.36 -32.00
C GLY A 7 5.59 -10.30 -31.66
N TYR A 8 5.43 -9.64 -30.52
CA TYR A 8 6.28 -8.55 -30.08
C TYR A 8 6.44 -8.58 -28.55
N SER A 9 7.43 -7.85 -28.04
CA SER A 9 7.66 -7.64 -26.61
C SER A 9 6.79 -6.46 -26.16
N GLY A 10 6.82 -5.34 -26.89
CA GLY A 10 6.09 -4.13 -26.57
C GLY A 10 6.76 -3.41 -25.41
N SER A 11 6.48 -3.88 -24.18
CA SER A 11 6.89 -3.34 -22.89
C SER A 11 6.10 -2.08 -22.49
N GLN A 12 6.10 -1.77 -21.20
CA GLN A 12 5.58 -0.54 -20.61
C GLN A 12 6.45 -0.28 -19.36
N ALA A 13 6.10 0.62 -18.44
CA ALA A 13 7.02 1.10 -17.41
C ALA A 13 6.31 1.28 -16.06
N PRO A 14 7.05 1.39 -14.93
CA PRO A 14 6.41 1.64 -13.64
C PRO A 14 5.94 3.08 -13.48
N GLY A 15 6.52 4.06 -14.19
CA GLY A 15 6.23 5.47 -13.94
C GLY A 15 6.56 5.81 -12.49
N GLY A 16 5.62 6.41 -11.77
CA GLY A 16 5.67 6.58 -10.32
C GLY A 16 4.54 5.76 -9.72
N ILE A 17 3.52 6.42 -9.21
CA ILE A 17 2.27 5.77 -8.79
C ILE A 17 1.14 6.13 -9.77
N GLN A 18 1.14 7.35 -10.32
CA GLN A 18 -0.04 7.94 -10.92
C GLN A 18 -0.41 7.29 -12.27
N GLU A 19 0.55 6.81 -13.05
CA GLU A 19 0.34 6.05 -14.29
C GLU A 19 -0.15 4.64 -13.97
N ILE A 20 0.41 3.97 -12.95
CA ILE A 20 -0.07 2.65 -12.54
C ILE A 20 -1.51 2.76 -12.06
N VAL A 21 -1.85 3.77 -11.26
CA VAL A 21 -3.21 4.01 -10.79
C VAL A 21 -4.13 4.30 -11.98
N ALA A 22 -3.64 5.05 -12.97
CA ALA A 22 -4.40 5.33 -14.19
C ALA A 22 -4.75 4.03 -14.90
N MET A 23 -3.77 3.14 -15.04
CA MET A 23 -3.89 1.84 -15.66
C MET A 23 -4.75 0.86 -14.84
N SER A 24 -4.98 1.11 -13.55
CA SER A 24 -5.64 0.18 -12.65
C SER A 24 -7.06 -0.15 -13.14
N PRO A 25 -7.54 -1.39 -12.92
CA PRO A 25 -8.95 -1.71 -13.00
C PRO A 25 -9.68 -1.15 -11.77
N GLU A 26 -10.99 -1.34 -11.72
CA GLU A 26 -11.86 -0.91 -10.64
C GLU A 26 -11.56 -1.68 -9.35
N LEU A 27 -10.76 -1.06 -8.48
CA LEU A 27 -10.42 -1.55 -7.15
C LEU A 27 -11.51 -1.11 -6.18
N ASP A 28 -12.18 -2.08 -5.56
CA ASP A 28 -13.20 -1.85 -4.55
C ASP A 28 -12.61 -1.15 -3.33
N THR A 29 -12.89 0.14 -3.15
CA THR A 29 -12.36 0.90 -2.04
C THR A 29 -12.75 0.22 -0.72
N TYR A 30 -14.05 -0.01 -0.51
CA TYR A 30 -14.60 -0.62 0.69
C TYR A 30 -13.94 -1.94 1.04
N SER A 31 -13.95 -2.90 0.11
CA SER A 31 -13.31 -4.20 0.27
C SER A 31 -11.87 -4.00 0.70
N ILE A 32 -11.08 -3.22 -0.04
CA ILE A 32 -9.68 -2.95 0.31
C ILE A 32 -9.62 -2.46 1.75
N THR A 33 -10.38 -1.44 2.15
CA THR A 33 -10.28 -0.92 3.51
C THR A 33 -10.58 -1.99 4.57
N LYS A 34 -11.61 -2.81 4.37
CA LYS A 34 -12.00 -3.87 5.30
C LYS A 34 -10.93 -4.96 5.35
N ARG A 35 -10.42 -5.38 4.20
CA ARG A 35 -9.37 -6.38 4.08
C ARG A 35 -8.09 -5.88 4.73
N VAL A 36 -7.73 -4.63 4.51
CA VAL A 36 -6.55 -3.97 5.06
C VAL A 36 -6.68 -3.92 6.58
N LYS A 37 -7.78 -3.36 7.10
CA LYS A 37 -8.01 -3.22 8.54
C LYS A 37 -7.83 -4.56 9.22
N GLU A 38 -8.42 -5.61 8.66
CA GLU A 38 -8.22 -6.95 9.17
C GLU A 38 -6.75 -7.35 9.23
N VAL A 39 -5.98 -7.17 8.16
CA VAL A 39 -4.55 -7.50 8.20
C VAL A 39 -3.83 -6.68 9.28
N LEU A 40 -4.26 -5.44 9.58
CA LEU A 40 -3.70 -4.67 10.68
C LEU A 40 -4.04 -5.33 12.01
N THR A 41 -5.32 -5.60 12.27
CA THR A 41 -5.79 -6.29 13.46
C THR A 41 -5.02 -7.60 13.65
N ASP A 42 -4.96 -8.45 12.61
CA ASP A 42 -4.40 -9.79 12.64
C ASP A 42 -2.94 -9.77 13.07
N ASN A 43 -2.21 -8.73 12.68
CA ASN A 43 -0.77 -8.60 12.89
C ASN A 43 -0.45 -7.63 14.01
N ASN A 44 -1.44 -7.24 14.82
CA ASN A 44 -1.32 -6.32 15.95
C ASN A 44 -0.80 -4.93 15.54
N LEU A 45 -0.91 -4.57 14.26
CA LEU A 45 -0.48 -3.28 13.77
C LEU A 45 -1.49 -2.20 14.22
N GLY A 46 -1.08 -0.95 14.07
CA GLY A 46 -1.88 0.25 14.29
C GLY A 46 -2.08 0.96 12.96
N GLN A 47 -3.22 1.64 12.74
CA GLN A 47 -3.50 2.29 11.47
C GLN A 47 -2.45 3.35 11.08
N ARG A 48 -1.84 4.05 12.06
CA ARG A 48 -0.93 5.18 11.78
C ARG A 48 0.17 4.75 10.83
N LEU A 49 0.96 3.82 11.31
CA LEU A 49 2.22 3.33 10.78
C LEU A 49 2.02 2.82 9.37
N PHE A 50 0.98 2.02 9.20
CA PHE A 50 0.48 1.61 7.89
C PHE A 50 0.34 2.80 6.94
N GLY A 51 -0.39 3.87 7.30
CA GLY A 51 -0.51 5.01 6.41
C GLY A 51 0.81 5.75 6.21
N GLU A 52 1.65 5.89 7.22
CA GLU A 52 2.93 6.61 7.12
C GLU A 52 3.90 5.86 6.19
N SER A 53 3.96 4.53 6.33
CA SER A 53 4.84 3.64 5.59
C SER A 53 4.42 3.59 4.11
N ILE A 54 3.14 3.34 3.85
CA ILE A 54 2.69 2.91 2.52
C ILE A 54 2.14 4.11 1.76
N LEU A 55 1.32 4.92 2.41
CA LEU A 55 0.57 6.00 1.76
C LEU A 55 1.29 7.34 1.84
N GLY A 56 1.92 7.63 2.98
CA GLY A 56 2.27 8.98 3.39
C GLY A 56 1.01 9.73 3.84
N LEU A 57 0.18 9.18 4.74
CA LEU A 57 -0.94 9.89 5.33
C LEU A 57 -0.90 9.81 6.85
N THR A 58 -1.33 10.88 7.52
CA THR A 58 -1.44 11.03 8.96
C THR A 58 -2.57 10.14 9.51
N GLN A 59 -2.54 9.86 10.82
CA GLN A 59 -3.44 8.89 11.47
C GLN A 59 -4.89 9.27 11.23
N GLY A 60 -5.24 10.54 11.46
CA GLY A 60 -6.59 11.04 11.25
C GLY A 60 -7.03 10.85 9.82
N SER A 61 -6.17 11.24 8.87
CA SER A 61 -6.42 11.15 7.44
C SER A 61 -6.64 9.70 7.03
N VAL A 62 -5.82 8.79 7.50
CA VAL A 62 -5.88 7.40 7.08
C VAL A 62 -7.02 6.66 7.79
N SER A 63 -7.33 7.04 9.03
CA SER A 63 -8.45 6.48 9.77
C SER A 63 -9.76 6.93 9.13
N ASP A 64 -9.85 8.17 8.66
CA ASP A 64 -10.95 8.65 7.83
C ASP A 64 -11.07 7.77 6.59
N LEU A 65 -9.96 7.52 5.91
CA LEU A 65 -9.93 6.73 4.68
C LEU A 65 -10.47 5.32 4.91
N LEU A 66 -10.05 4.69 6.02
CA LEU A 66 -10.30 3.29 6.31
C LEU A 66 -11.63 3.04 7.01
N SER A 67 -12.12 4.01 7.77
CA SER A 67 -13.50 4.01 8.24
C SER A 67 -14.43 4.17 7.04
N ARG A 68 -14.26 5.27 6.29
CA ARG A 68 -15.28 5.78 5.40
C ARG A 68 -14.65 6.05 4.03
N PRO A 69 -14.31 5.01 3.27
CA PRO A 69 -13.81 5.20 1.92
C PRO A 69 -14.92 5.79 1.05
N LYS A 70 -14.59 6.80 0.25
CA LYS A 70 -15.40 7.12 -0.91
C LYS A 70 -15.33 5.97 -1.90
N PRO A 71 -16.32 5.83 -2.79
CA PRO A 71 -16.32 4.82 -3.83
C PRO A 71 -15.25 5.13 -4.88
N TRP A 72 -14.82 4.13 -5.64
CA TRP A 72 -13.84 4.30 -6.71
C TRP A 72 -14.28 5.39 -7.69
N HIS A 73 -15.59 5.46 -8.01
CA HIS A 73 -16.14 6.48 -8.92
C HIS A 73 -16.01 7.91 -8.40
N LYS A 74 -15.87 8.10 -7.08
CA LYS A 74 -15.74 9.40 -6.41
C LYS A 74 -14.28 9.81 -6.27
N LEU A 75 -13.34 8.92 -6.56
CA LEU A 75 -11.93 9.17 -6.42
C LEU A 75 -11.38 9.39 -7.81
N SER A 76 -10.74 10.52 -8.06
CA SER A 76 -9.87 10.67 -9.22
C SER A 76 -8.52 9.99 -8.92
N LEU A 77 -7.56 10.06 -9.85
CA LEU A 77 -6.26 9.38 -9.77
C LEU A 77 -5.60 9.54 -8.40
N LYS A 78 -5.27 10.77 -7.98
CA LYS A 78 -4.72 11.05 -6.66
C LYS A 78 -5.58 10.50 -5.52
N GLY A 79 -6.90 10.43 -5.73
CA GLY A 79 -7.86 9.82 -4.81
C GLY A 79 -7.61 8.33 -4.61
N ARG A 80 -7.32 7.63 -5.70
CA ARG A 80 -7.16 6.19 -5.80
C ARG A 80 -5.74 5.76 -5.44
N GLU A 81 -4.79 6.68 -5.58
CA GLU A 81 -3.36 6.52 -5.31
C GLU A 81 -3.10 5.66 -4.07
N PRO A 82 -3.67 5.99 -2.90
CA PRO A 82 -3.43 5.19 -1.72
C PRO A 82 -4.05 3.79 -1.82
N PHE A 83 -5.30 3.68 -2.27
CA PHE A 83 -6.00 2.40 -2.31
C PHE A 83 -5.33 1.40 -3.25
N VAL A 84 -4.75 1.88 -4.36
CA VAL A 84 -3.94 1.04 -5.24
C VAL A 84 -2.75 0.50 -4.46
N ARG A 85 -1.98 1.35 -3.76
CA ARG A 85 -0.88 0.85 -2.95
C ARG A 85 -1.37 -0.14 -1.90
N MET A 86 -2.51 0.08 -1.24
CA MET A 86 -3.09 -0.87 -0.29
C MET A 86 -3.39 -2.21 -0.95
N GLN A 87 -4.01 -2.25 -2.12
CA GLN A 87 -4.26 -3.50 -2.84
C GLN A 87 -2.96 -4.25 -3.11
N LEU A 88 -1.89 -3.56 -3.54
CA LEU A 88 -0.63 -4.24 -3.85
C LEU A 88 0.17 -4.56 -2.59
N TRP A 89 -0.01 -3.83 -1.49
CA TRP A 89 0.53 -4.21 -0.19
C TRP A 89 -0.19 -5.47 0.30
N LEU A 90 -1.50 -5.60 0.03
CA LEU A 90 -2.24 -6.82 0.31
C LEU A 90 -1.80 -8.01 -0.56
N ASN A 91 -1.04 -7.76 -1.63
CA ASN A 91 -0.42 -8.76 -2.51
C ASN A 91 1.10 -8.83 -2.30
N ASP A 92 1.67 -8.20 -1.28
CA ASP A 92 3.11 -8.23 -1.05
C ASP A 92 3.40 -9.29 0.02
N PRO A 93 4.20 -10.32 -0.24
CA PRO A 93 4.43 -11.39 0.72
C PRO A 93 5.20 -10.92 1.95
N HIS A 94 5.95 -9.82 1.84
CA HIS A 94 6.69 -9.17 2.93
C HIS A 94 6.09 -7.80 3.22
N ASN A 95 4.77 -7.67 3.07
CA ASN A 95 4.01 -6.46 3.38
C ASN A 95 4.18 -6.03 4.84
N VAL A 96 3.76 -6.87 5.78
CA VAL A 96 3.75 -6.63 7.21
C VAL A 96 5.17 -6.68 7.74
N GLU A 97 6.03 -7.51 7.16
CA GLU A 97 7.47 -7.54 7.42
C GLU A 97 8.06 -6.13 7.25
N LYS A 98 8.01 -5.58 6.03
CA LYS A 98 8.54 -4.25 5.77
C LYS A 98 7.87 -3.19 6.64
N LEU A 99 6.56 -3.31 6.84
CA LEU A 99 5.84 -2.36 7.70
C LEU A 99 6.35 -2.43 9.14
N ARG A 100 6.63 -3.61 9.68
CA ARG A 100 7.16 -3.72 11.04
C ARG A 100 8.59 -3.18 11.12
N ASP A 101 9.32 -3.19 10.00
CA ASP A 101 10.68 -2.65 9.88
C ASP A 101 10.67 -1.16 10.20
N MET A 102 9.67 -0.42 9.73
CA MET A 102 9.43 0.98 10.09
C MET A 102 9.25 1.16 11.61
N LYS A 103 8.69 0.16 12.28
CA LYS A 103 8.49 0.17 13.74
C LYS A 103 9.78 -0.11 14.50
N LYS A 104 10.78 -0.76 13.90
CA LYS A 104 12.16 -0.79 14.42
C LYS A 104 12.87 0.42 13.80
N LEU A 105 14.20 0.47 13.88
CA LEU A 105 15.04 1.42 13.15
C LEU A 105 14.62 2.90 13.34
N SER A 106 14.19 3.29 14.55
CA SER A 106 14.05 4.70 14.90
C SER A 106 15.42 5.38 14.83
N GLY A 107 15.70 6.14 13.77
CA GLY A 107 16.84 7.03 13.67
C GLY A 107 17.88 6.54 12.66
N PRO A 108 18.97 7.30 12.46
CA PRO A 108 19.98 7.05 11.45
C PRO A 108 20.88 5.86 11.77
N SER A 109 20.56 4.67 11.25
CA SER A 109 21.55 3.62 11.04
C SER A 109 22.39 4.01 9.83
N SER A 110 23.47 4.76 10.03
CA SER A 110 24.33 5.26 8.96
C SER A 110 25.12 4.15 8.23
N GLY A 111 24.99 2.88 8.61
CA GLY A 111 25.71 1.78 8.00
C GLY A 111 24.96 0.50 8.31
N GLY A 1 5.93 -34.18 -32.32
CA GLY A 1 6.02 -33.57 -30.98
C GLY A 1 6.83 -32.29 -31.07
N SER A 2 7.00 -31.58 -29.95
CA SER A 2 7.97 -30.51 -29.81
C SER A 2 8.36 -30.51 -28.32
N SER A 3 9.45 -29.82 -27.98
CA SER A 3 10.01 -29.77 -26.63
C SER A 3 11.03 -28.63 -26.58
N GLY A 4 11.16 -27.97 -25.44
CA GLY A 4 12.17 -26.95 -25.21
C GLY A 4 11.89 -26.30 -23.86
N SER A 5 12.84 -25.49 -23.38
CA SER A 5 12.75 -24.79 -22.11
C SER A 5 13.62 -23.54 -22.20
N SER A 6 13.28 -22.52 -21.40
CA SER A 6 14.03 -21.30 -21.14
C SER A 6 13.28 -20.55 -20.04
N GLY A 7 13.93 -19.56 -19.43
CA GLY A 7 13.28 -18.54 -18.64
C GLY A 7 14.02 -17.23 -18.87
N TYR A 8 13.35 -16.10 -18.66
CA TYR A 8 13.88 -14.76 -18.87
C TYR A 8 13.42 -13.87 -17.73
N SER A 9 13.96 -12.65 -17.63
CA SER A 9 13.39 -11.52 -16.91
C SER A 9 13.77 -10.27 -17.70
N GLY A 10 13.29 -9.09 -17.27
CA GLY A 10 13.46 -7.86 -18.01
C GLY A 10 12.66 -6.78 -17.29
N SER A 11 11.87 -6.02 -18.05
CA SER A 11 10.97 -4.98 -17.58
C SER A 11 11.73 -3.79 -16.96
N GLN A 12 11.03 -2.68 -16.77
CA GLN A 12 11.48 -1.56 -15.95
C GLN A 12 10.26 -0.85 -15.38
N ALA A 13 9.32 -0.44 -16.25
CA ALA A 13 8.37 0.67 -16.09
C ALA A 13 9.13 2.01 -16.04
N PRO A 14 8.50 3.14 -16.38
CA PRO A 14 9.07 4.45 -16.13
C PRO A 14 8.86 4.89 -14.67
N GLY A 15 7.76 4.44 -14.06
CA GLY A 15 7.41 4.77 -12.69
C GLY A 15 6.68 6.12 -12.61
N GLY A 16 6.17 6.45 -11.43
CA GLY A 16 5.30 7.60 -11.23
C GLY A 16 3.87 7.10 -11.03
N ILE A 17 3.53 6.78 -9.78
CA ILE A 17 2.32 6.09 -9.34
C ILE A 17 1.04 6.52 -10.04
N GLN A 18 0.90 7.80 -10.35
CA GLN A 18 -0.24 8.38 -11.05
C GLN A 18 -0.64 7.53 -12.27
N GLU A 19 0.34 7.15 -13.09
CA GLU A 19 0.16 6.32 -14.26
C GLU A 19 -0.25 4.88 -13.88
N ILE A 20 0.36 4.27 -12.86
CA ILE A 20 0.02 2.94 -12.36
C ILE A 20 -1.42 2.87 -11.83
N VAL A 21 -1.90 3.97 -11.26
CA VAL A 21 -3.29 4.12 -10.85
C VAL A 21 -4.17 4.29 -12.08
N ALA A 22 -3.64 4.92 -13.14
CA ALA A 22 -4.38 5.13 -14.37
C ALA A 22 -4.61 3.80 -15.09
N MET A 23 -3.59 2.93 -15.15
CA MET A 23 -3.73 1.59 -15.74
C MET A 23 -4.55 0.64 -14.85
N SER A 24 -4.71 0.93 -13.55
CA SER A 24 -5.37 0.03 -12.61
C SER A 24 -6.82 -0.31 -13.02
N PRO A 25 -7.29 -1.55 -12.75
CA PRO A 25 -8.69 -1.96 -12.82
C PRO A 25 -9.55 -1.26 -11.76
N GLU A 26 -10.86 -1.51 -11.73
CA GLU A 26 -11.76 -0.98 -10.72
C GLU A 26 -11.55 -1.70 -9.37
N LEU A 27 -10.90 -1.01 -8.44
CA LEU A 27 -10.53 -1.52 -7.12
C LEU A 27 -11.62 -1.18 -6.11
N ASP A 28 -12.14 -2.23 -5.46
CA ASP A 28 -13.17 -2.14 -4.43
C ASP A 28 -12.62 -1.45 -3.20
N THR A 29 -12.71 -0.12 -3.14
CA THR A 29 -12.14 0.65 -2.04
C THR A 29 -12.64 0.10 -0.70
N TYR A 30 -13.94 -0.19 -0.59
CA TYR A 30 -14.55 -0.74 0.61
C TYR A 30 -13.90 -2.06 1.04
N SER A 31 -13.89 -3.05 0.15
CA SER A 31 -13.29 -4.35 0.42
C SER A 31 -11.84 -4.12 0.86
N ILE A 32 -11.03 -3.37 0.10
CA ILE A 32 -9.64 -3.06 0.44
C ILE A 32 -9.56 -2.48 1.85
N THR A 33 -10.34 -1.46 2.22
CA THR A 33 -10.21 -0.86 3.55
C THR A 33 -10.44 -1.87 4.67
N LYS A 34 -11.41 -2.75 4.48
CA LYS A 34 -11.69 -3.86 5.38
C LYS A 34 -10.49 -4.81 5.39
N ARG A 35 -10.10 -5.34 4.23
CA ARG A 35 -9.04 -6.32 4.04
C ARG A 35 -7.73 -5.84 4.67
N VAL A 36 -7.42 -4.55 4.51
CA VAL A 36 -6.29 -3.88 5.12
C VAL A 36 -6.44 -3.95 6.64
N LYS A 37 -7.56 -3.47 7.18
CA LYS A 37 -7.78 -3.39 8.61
C LYS A 37 -7.67 -4.74 9.28
N GLU A 38 -8.22 -5.78 8.67
CA GLU A 38 -8.10 -7.16 9.12
C GLU A 38 -6.63 -7.52 9.33
N VAL A 39 -5.81 -7.40 8.30
CA VAL A 39 -4.37 -7.66 8.38
C VAL A 39 -3.72 -6.80 9.48
N LEU A 40 -4.07 -5.52 9.61
CA LEU A 40 -3.49 -4.67 10.65
C LEU A 40 -3.90 -5.16 12.05
N THR A 41 -5.17 -5.53 12.25
CA THR A 41 -5.72 -6.04 13.50
C THR A 41 -4.96 -7.28 13.95
N ASP A 42 -4.86 -8.26 13.04
CA ASP A 42 -4.27 -9.56 13.31
C ASP A 42 -2.81 -9.40 13.71
N ASN A 43 -2.11 -8.42 13.15
CA ASN A 43 -0.71 -8.14 13.43
C ASN A 43 -0.54 -7.05 14.48
N ASN A 44 -1.63 -6.63 15.15
CA ASN A 44 -1.66 -5.64 16.24
C ASN A 44 -1.10 -4.27 15.82
N LEU A 45 -1.09 -3.97 14.52
CA LEU A 45 -0.44 -2.81 13.94
C LEU A 45 -1.29 -1.54 14.09
N GLY A 46 -0.61 -0.41 13.98
CA GLY A 46 -1.22 0.90 13.97
C GLY A 46 -1.59 1.25 12.52
N GLN A 47 -2.85 1.63 12.30
CA GLN A 47 -3.28 2.26 11.06
C GLN A 47 -2.37 3.44 10.74
N ARG A 48 -1.92 4.22 11.75
CA ARG A 48 -1.02 5.34 11.48
C ARG A 48 0.25 4.86 10.80
N LEU A 49 1.01 3.93 11.40
CA LEU A 49 2.25 3.40 10.82
C LEU A 49 2.02 2.99 9.37
N PHE A 50 0.94 2.25 9.11
CA PHE A 50 0.55 1.82 7.77
C PHE A 50 0.33 3.02 6.84
N GLY A 51 -0.43 4.02 7.28
CA GLY A 51 -0.69 5.22 6.50
C GLY A 51 0.59 5.98 6.24
N GLU A 52 1.46 6.12 7.23
CA GLU A 52 2.74 6.82 7.15
C GLU A 52 3.65 6.15 6.12
N SER A 53 3.97 4.86 6.35
CA SER A 53 4.89 4.09 5.54
C SER A 53 4.39 3.89 4.12
N ILE A 54 3.13 3.47 3.95
CA ILE A 54 2.63 3.08 2.63
C ILE A 54 2.04 4.32 1.95
N LEU A 55 1.07 4.95 2.61
CA LEU A 55 0.13 5.89 1.98
C LEU A 55 0.56 7.34 2.05
N GLY A 56 1.57 7.67 2.86
CA GLY A 56 1.89 9.03 3.24
C GLY A 56 0.68 9.76 3.83
N LEU A 57 -0.06 9.16 4.77
CA LEU A 57 -1.17 9.81 5.45
C LEU A 57 -1.02 9.70 6.97
N THR A 58 -1.38 10.78 7.65
CA THR A 58 -1.45 10.83 9.11
C THR A 58 -2.63 9.99 9.59
N GLN A 59 -2.66 9.67 10.90
CA GLN A 59 -3.71 8.83 11.47
C GLN A 59 -5.09 9.40 11.17
N GLY A 60 -5.30 10.72 11.32
CA GLY A 60 -6.63 11.30 11.17
C GLY A 60 -7.17 11.05 9.78
N SER A 61 -6.33 11.31 8.76
CA SER A 61 -6.64 11.12 7.37
C SER A 61 -6.81 9.64 7.02
N VAL A 62 -6.00 8.73 7.59
CA VAL A 62 -6.06 7.32 7.25
C VAL A 62 -7.20 6.62 8.00
N SER A 63 -7.50 7.01 9.24
CA SER A 63 -8.66 6.53 9.97
C SER A 63 -9.89 6.88 9.17
N ASP A 64 -10.00 8.12 8.68
CA ASP A 64 -11.10 8.51 7.80
C ASP A 64 -11.15 7.63 6.55
N LEU A 65 -10.00 7.48 5.87
CA LEU A 65 -9.92 6.75 4.62
C LEU A 65 -10.42 5.32 4.77
N LEU A 66 -9.98 4.66 5.84
CA LEU A 66 -10.32 3.27 6.13
C LEU A 66 -11.74 3.14 6.66
N SER A 67 -12.20 4.13 7.41
CA SER A 67 -13.51 4.16 8.03
C SER A 67 -14.59 4.29 6.97
N ARG A 68 -14.52 5.31 6.12
CA ARG A 68 -15.57 5.61 5.16
C ARG A 68 -14.93 5.97 3.82
N PRO A 69 -14.37 4.98 3.09
CA PRO A 69 -13.81 5.22 1.78
C PRO A 69 -14.89 5.76 0.85
N LYS A 70 -14.61 6.86 0.18
CA LYS A 70 -15.36 7.26 -1.02
C LYS A 70 -15.15 6.18 -2.09
N PRO A 71 -16.09 6.03 -3.04
CA PRO A 71 -16.03 4.95 -4.01
C PRO A 71 -14.96 5.23 -5.06
N TRP A 72 -14.53 4.19 -5.77
CA TRP A 72 -13.51 4.28 -6.82
C TRP A 72 -13.90 5.35 -7.84
N HIS A 73 -15.14 5.34 -8.31
CA HIS A 73 -15.61 6.28 -9.33
C HIS A 73 -15.56 7.74 -8.87
N LYS A 74 -15.66 8.02 -7.56
CA LYS A 74 -15.62 9.38 -7.03
C LYS A 74 -14.17 9.86 -6.98
N LEU A 75 -13.25 8.97 -6.71
CA LEU A 75 -11.86 9.29 -6.51
C LEU A 75 -11.23 9.49 -7.88
N SER A 76 -10.53 10.62 -8.06
CA SER A 76 -9.61 10.80 -9.18
C SER A 76 -8.36 9.92 -8.98
N LEU A 77 -7.37 9.95 -9.89
CA LEU A 77 -6.06 9.32 -9.69
C LEU A 77 -5.50 9.62 -8.30
N LYS A 78 -5.40 10.90 -7.95
CA LYS A 78 -4.98 11.39 -6.64
C LYS A 78 -5.82 10.85 -5.48
N GLY A 79 -7.06 10.47 -5.74
CA GLY A 79 -7.95 9.78 -4.82
C GLY A 79 -7.67 8.30 -4.70
N ARG A 80 -7.28 7.66 -5.79
CA ARG A 80 -7.16 6.22 -5.94
C ARG A 80 -5.77 5.74 -5.54
N GLU A 81 -4.77 6.62 -5.63
CA GLU A 81 -3.38 6.42 -5.21
C GLU A 81 -3.29 5.55 -3.95
N PRO A 82 -3.88 5.96 -2.81
CA PRO A 82 -3.69 5.19 -1.60
C PRO A 82 -4.34 3.81 -1.73
N PHE A 83 -5.56 3.69 -2.23
CA PHE A 83 -6.24 2.39 -2.35
C PHE A 83 -5.51 1.43 -3.27
N VAL A 84 -4.89 1.90 -4.35
CA VAL A 84 -4.02 1.10 -5.20
C VAL A 84 -2.81 0.63 -4.38
N ARG A 85 -2.11 1.54 -3.69
CA ARG A 85 -0.98 1.15 -2.86
C ARG A 85 -1.41 0.09 -1.84
N MET A 86 -2.57 0.25 -1.19
CA MET A 86 -3.14 -0.72 -0.26
C MET A 86 -3.33 -2.07 -0.94
N GLN A 87 -3.95 -2.10 -2.13
CA GLN A 87 -4.17 -3.32 -2.86
C GLN A 87 -2.86 -4.06 -3.16
N LEU A 88 -1.85 -3.37 -3.68
CA LEU A 88 -0.55 -3.99 -3.98
C LEU A 88 0.16 -4.43 -2.70
N TRP A 89 0.02 -3.66 -1.61
CA TRP A 89 0.59 -4.00 -0.32
C TRP A 89 -0.05 -5.30 0.14
N LEU A 90 -1.38 -5.39 0.08
CA LEU A 90 -2.15 -6.58 0.42
C LEU A 90 -1.83 -7.80 -0.45
N ASN A 91 -1.08 -7.64 -1.54
CA ASN A 91 -0.63 -8.76 -2.37
C ASN A 91 0.83 -9.10 -2.10
N ASP A 92 1.61 -8.26 -1.41
CA ASP A 92 3.04 -8.49 -1.20
C ASP A 92 3.27 -9.53 -0.09
N PRO A 93 4.24 -10.44 -0.20
CA PRO A 93 4.51 -11.44 0.82
C PRO A 93 5.14 -10.84 2.09
N HIS A 94 5.91 -9.76 1.97
CA HIS A 94 6.60 -9.12 3.08
C HIS A 94 5.90 -7.81 3.44
N ASN A 95 4.61 -7.67 3.08
CA ASN A 95 3.83 -6.46 3.31
C ASN A 95 3.82 -6.09 4.79
N VAL A 96 3.40 -7.02 5.65
CA VAL A 96 3.38 -6.82 7.08
C VAL A 96 4.81 -6.66 7.58
N GLU A 97 5.74 -7.44 7.05
CA GLU A 97 7.07 -7.57 7.62
C GLU A 97 7.85 -6.28 7.46
N LYS A 98 7.89 -5.72 6.25
CA LYS A 98 8.48 -4.40 6.03
C LYS A 98 7.76 -3.37 6.88
N LEU A 99 6.44 -3.46 7.04
CA LEU A 99 5.70 -2.53 7.86
C LEU A 99 6.12 -2.64 9.34
N ARG A 100 6.40 -3.84 9.84
CA ARG A 100 6.99 -4.04 11.15
C ARG A 100 8.36 -3.39 11.18
N ASP A 101 9.23 -3.72 10.22
CA ASP A 101 10.61 -3.25 10.12
C ASP A 101 10.72 -1.72 10.11
N MET A 102 9.74 -1.02 9.53
CA MET A 102 9.62 0.44 9.58
C MET A 102 9.76 0.96 11.00
N LYS A 103 9.07 0.34 11.96
CA LYS A 103 9.10 0.72 13.37
C LYS A 103 10.17 -0.07 14.14
N LYS A 104 10.23 -1.39 13.93
CA LYS A 104 10.86 -2.45 14.72
C LYS A 104 10.82 -2.17 16.23
N LEU A 105 11.73 -2.76 17.02
CA LEU A 105 11.97 -2.47 18.43
C LEU A 105 10.68 -2.26 19.23
N SER A 106 9.79 -3.25 19.20
CA SER A 106 8.61 -3.31 20.03
C SER A 106 8.21 -4.78 20.19
N GLY A 107 7.73 -5.13 21.37
CA GLY A 107 7.40 -6.49 21.76
C GLY A 107 8.63 -7.40 21.82
N PRO A 108 8.47 -8.66 22.26
CA PRO A 108 9.46 -9.71 22.07
C PRO A 108 9.35 -10.31 20.66
N SER A 109 9.08 -9.46 19.66
CA SER A 109 8.71 -9.85 18.31
C SER A 109 9.76 -10.78 17.71
N SER A 110 11.02 -10.35 17.71
CA SER A 110 12.16 -10.99 17.05
C SER A 110 11.98 -11.10 15.53
N GLY A 111 13.07 -11.38 14.82
CA GLY A 111 13.16 -11.40 13.37
C GLY A 111 14.20 -10.40 12.90
N GLY A 1 44.16 -9.39 -11.00
CA GLY A 1 43.39 -10.00 -12.09
C GLY A 1 42.35 -9.00 -12.58
N SER A 2 41.69 -9.30 -13.70
CA SER A 2 40.51 -8.60 -14.19
C SER A 2 39.73 -9.60 -15.05
N SER A 3 38.54 -9.20 -15.50
CA SER A 3 37.72 -9.95 -16.45
C SER A 3 37.11 -8.94 -17.43
N GLY A 4 36.15 -8.12 -16.95
CA GLY A 4 35.31 -7.30 -17.81
C GLY A 4 34.23 -8.15 -18.47
N SER A 5 33.31 -7.49 -19.19
CA SER A 5 32.28 -8.12 -20.00
C SER A 5 31.76 -7.08 -20.99
N SER A 6 30.87 -7.50 -21.90
CA SER A 6 29.92 -6.57 -22.52
C SER A 6 28.84 -6.21 -21.48
N GLY A 7 27.92 -5.32 -21.84
CA GLY A 7 26.71 -5.03 -21.09
C GLY A 7 25.82 -4.11 -21.92
N TYR A 8 24.55 -3.97 -21.54
CA TYR A 8 23.56 -3.17 -22.27
C TYR A 8 22.67 -2.49 -21.23
N SER A 9 22.44 -1.19 -21.38
CA SER A 9 21.63 -0.37 -20.50
C SER A 9 20.13 -0.68 -20.69
N GLY A 10 19.25 0.00 -19.95
CA GLY A 10 17.80 -0.11 -20.08
C GLY A 10 17.08 0.87 -19.15
N SER A 11 15.88 1.30 -19.53
CA SER A 11 15.13 2.36 -18.87
C SER A 11 13.73 2.37 -19.48
N GLN A 12 12.64 2.29 -18.69
CA GLN A 12 11.28 2.31 -19.22
C GLN A 12 10.42 3.31 -18.44
N ALA A 13 10.28 4.52 -18.99
CA ALA A 13 9.64 5.73 -18.43
C ALA A 13 10.26 6.13 -17.07
N PRO A 14 9.94 7.32 -16.51
CA PRO A 14 10.22 7.61 -15.11
C PRO A 14 9.25 6.84 -14.21
N GLY A 15 7.98 6.75 -14.63
CA GLY A 15 6.90 6.15 -13.89
C GLY A 15 6.47 7.00 -12.69
N GLY A 16 5.37 6.61 -12.08
CA GLY A 16 4.86 7.18 -10.84
C GLY A 16 3.57 6.46 -10.48
N ILE A 17 3.18 6.49 -9.21
CA ILE A 17 1.96 5.85 -8.72
C ILE A 17 0.76 6.29 -9.57
N GLN A 18 0.69 7.55 -9.99
CA GLN A 18 -0.44 8.05 -10.75
C GLN A 18 -0.58 7.34 -12.11
N GLU A 19 0.51 6.93 -12.76
CA GLU A 19 0.45 6.24 -14.04
C GLU A 19 0.16 4.75 -13.88
N ILE A 20 0.39 4.18 -12.69
CA ILE A 20 -0.12 2.87 -12.33
C ILE A 20 -1.63 2.99 -12.13
N VAL A 21 -2.05 3.95 -11.30
CA VAL A 21 -3.45 4.21 -10.99
C VAL A 21 -4.24 4.53 -12.26
N ALA A 22 -3.62 5.18 -13.24
CA ALA A 22 -4.24 5.56 -14.50
C ALA A 22 -4.91 4.37 -15.16
N MET A 23 -4.18 3.25 -15.20
CA MET A 23 -4.54 1.99 -15.81
C MET A 23 -5.55 1.20 -14.97
N SER A 24 -5.65 1.50 -13.67
CA SER A 24 -6.22 0.61 -12.68
C SER A 24 -7.72 0.37 -12.94
N PRO A 25 -8.19 -0.88 -12.77
CA PRO A 25 -9.61 -1.21 -12.71
C PRO A 25 -10.23 -0.64 -11.44
N GLU A 26 -11.54 -0.82 -11.29
CA GLU A 26 -12.38 -0.27 -10.25
C GLU A 26 -12.20 -1.00 -8.92
N LEU A 27 -11.04 -0.76 -8.31
CA LEU A 27 -10.61 -1.31 -7.04
C LEU A 27 -11.61 -0.98 -5.95
N ASP A 28 -12.25 -2.03 -5.40
CA ASP A 28 -13.29 -1.92 -4.38
C ASP A 28 -12.70 -1.36 -3.11
N THR A 29 -12.76 -0.03 -3.00
CA THR A 29 -12.18 0.74 -1.93
C THR A 29 -12.61 0.14 -0.59
N TYR A 30 -13.91 -0.12 -0.43
CA TYR A 30 -14.52 -0.79 0.69
C TYR A 30 -13.84 -2.12 1.03
N SER A 31 -13.88 -3.09 0.11
CA SER A 31 -13.30 -4.41 0.29
C SER A 31 -11.82 -4.30 0.70
N ILE A 32 -11.05 -3.48 -0.02
CA ILE A 32 -9.64 -3.22 0.27
C ILE A 32 -9.53 -2.68 1.71
N THR A 33 -10.26 -1.63 2.08
CA THR A 33 -10.15 -1.06 3.43
C THR A 33 -10.41 -2.11 4.51
N LYS A 34 -11.43 -2.95 4.31
CA LYS A 34 -11.76 -4.08 5.18
C LYS A 34 -10.54 -4.98 5.31
N ARG A 35 -10.08 -5.56 4.21
CA ARG A 35 -8.97 -6.52 4.23
C ARG A 35 -7.70 -5.89 4.83
N VAL A 36 -7.46 -4.61 4.56
CA VAL A 36 -6.33 -3.88 5.12
C VAL A 36 -6.50 -3.80 6.65
N LYS A 37 -7.64 -3.31 7.14
CA LYS A 37 -7.94 -3.23 8.57
C LYS A 37 -7.79 -4.59 9.23
N GLU A 38 -8.34 -5.63 8.62
CA GLU A 38 -8.26 -7.01 9.09
C GLU A 38 -6.80 -7.37 9.34
N VAL A 39 -5.95 -7.23 8.34
CA VAL A 39 -4.52 -7.55 8.42
C VAL A 39 -3.84 -6.72 9.53
N LEU A 40 -4.19 -5.44 9.69
CA LEU A 40 -3.59 -4.59 10.72
C LEU A 40 -4.09 -4.98 12.12
N THR A 41 -5.35 -5.38 12.28
CA THR A 41 -5.88 -5.89 13.53
C THR A 41 -5.24 -7.24 13.87
N ASP A 42 -5.21 -8.17 12.91
CA ASP A 42 -4.67 -9.52 13.05
C ASP A 42 -3.22 -9.46 13.53
N ASN A 43 -2.40 -8.63 12.86
CA ASN A 43 -0.99 -8.47 13.21
C ASN A 43 -0.77 -7.44 14.33
N ASN A 44 -1.85 -6.86 14.89
CA ASN A 44 -1.85 -5.90 16.00
C ASN A 44 -0.95 -4.71 15.71
N LEU A 45 -1.32 -3.91 14.71
CA LEU A 45 -0.53 -2.82 14.15
C LEU A 45 -1.28 -1.50 14.20
N GLY A 46 -0.53 -0.41 14.37
CA GLY A 46 -1.06 0.94 14.33
C GLY A 46 -1.45 1.33 12.90
N GLN A 47 -2.67 1.87 12.74
CA GLN A 47 -3.09 2.46 11.48
C GLN A 47 -2.10 3.55 11.03
N ARG A 48 -1.57 4.36 11.98
CA ARG A 48 -0.68 5.46 11.60
C ARG A 48 0.54 4.91 10.87
N LEU A 49 1.19 3.89 11.43
CA LEU A 49 2.33 3.22 10.82
C LEU A 49 1.96 2.86 9.39
N PHE A 50 0.86 2.13 9.16
CA PHE A 50 0.40 1.74 7.84
C PHE A 50 0.29 2.94 6.90
N GLY A 51 -0.25 4.07 7.35
CA GLY A 51 -0.29 5.25 6.51
C GLY A 51 1.06 5.92 6.35
N GLU A 52 2.07 5.70 7.19
CA GLU A 52 3.29 6.48 7.18
C GLU A 52 4.27 6.05 6.08
N SER A 53 4.43 4.75 5.80
CA SER A 53 5.31 4.25 4.76
C SER A 53 4.53 4.04 3.46
N ILE A 54 3.45 3.25 3.51
CA ILE A 54 2.73 2.82 2.31
C ILE A 54 2.13 4.04 1.65
N LEU A 55 1.34 4.81 2.41
CA LEU A 55 0.58 5.90 1.85
C LEU A 55 1.41 7.18 1.93
N GLY A 56 1.32 7.90 3.03
CA GLY A 56 2.11 9.08 3.37
C GLY A 56 1.36 9.98 4.36
N LEU A 57 0.45 9.44 5.18
CA LEU A 57 -0.65 10.20 5.78
C LEU A 57 -0.67 10.07 7.31
N THR A 58 -1.30 11.02 7.98
CA THR A 58 -1.46 11.03 9.42
C THR A 58 -2.60 10.09 9.84
N GLN A 59 -2.68 9.78 11.15
CA GLN A 59 -3.64 8.79 11.64
C GLN A 59 -5.07 9.21 11.35
N GLY A 60 -5.42 10.49 11.53
CA GLY A 60 -6.77 10.97 11.31
C GLY A 60 -7.20 10.74 9.86
N SER A 61 -6.33 11.11 8.91
CA SER A 61 -6.60 11.00 7.49
C SER A 61 -6.69 9.53 7.07
N VAL A 62 -5.79 8.67 7.54
CA VAL A 62 -5.84 7.27 7.15
C VAL A 62 -7.00 6.53 7.85
N SER A 63 -7.37 6.94 9.07
CA SER A 63 -8.54 6.42 9.77
C SER A 63 -9.80 6.84 9.01
N ASP A 64 -9.90 8.11 8.56
CA ASP A 64 -10.97 8.54 7.67
C ASP A 64 -11.04 7.63 6.45
N LEU A 65 -9.90 7.31 5.84
CA LEU A 65 -9.88 6.47 4.66
C LEU A 65 -10.43 5.08 4.94
N LEU A 66 -9.98 4.44 6.02
CA LEU A 66 -10.32 3.06 6.34
C LEU A 66 -11.74 2.92 6.88
N SER A 67 -12.23 3.96 7.54
CA SER A 67 -13.59 4.03 8.06
C SER A 67 -14.57 4.37 6.94
N ARG A 68 -14.30 5.41 6.16
CA ARG A 68 -15.27 6.02 5.24
C ARG A 68 -14.65 6.13 3.84
N PRO A 69 -14.26 5.03 3.18
CA PRO A 69 -13.75 5.10 1.82
C PRO A 69 -14.85 5.65 0.91
N LYS A 70 -14.55 6.61 0.05
CA LYS A 70 -15.41 6.93 -1.07
C LYS A 70 -15.36 5.76 -2.06
N PRO A 71 -16.40 5.61 -2.90
CA PRO A 71 -16.39 4.63 -3.97
C PRO A 71 -15.33 5.05 -5.00
N TRP A 72 -14.83 4.10 -5.78
CA TRP A 72 -13.79 4.33 -6.78
C TRP A 72 -14.20 5.43 -7.75
N HIS A 73 -15.46 5.44 -8.21
CA HIS A 73 -15.94 6.46 -9.14
C HIS A 73 -15.94 7.87 -8.53
N LYS A 74 -16.14 8.02 -7.21
CA LYS A 74 -16.10 9.32 -6.54
C LYS A 74 -14.66 9.84 -6.46
N LEU A 75 -13.68 8.95 -6.47
CA LEU A 75 -12.28 9.31 -6.43
C LEU A 75 -11.82 9.61 -7.85
N SER A 76 -10.92 10.58 -7.98
CA SER A 76 -10.12 10.77 -9.18
C SER A 76 -8.82 9.95 -9.01
N LEU A 77 -7.91 9.93 -9.99
CA LEU A 77 -6.65 9.18 -9.88
C LEU A 77 -5.88 9.53 -8.60
N LYS A 78 -5.76 10.81 -8.29
CA LYS A 78 -5.19 11.31 -7.04
C LYS A 78 -5.91 10.79 -5.78
N GLY A 79 -7.20 10.47 -5.87
CA GLY A 79 -7.96 9.83 -4.81
C GLY A 79 -7.74 8.31 -4.76
N ARG A 80 -7.33 7.69 -5.86
CA ARG A 80 -7.20 6.25 -6.01
C ARG A 80 -5.79 5.75 -5.72
N GLU A 81 -4.80 6.64 -5.79
CA GLU A 81 -3.42 6.46 -5.35
C GLU A 81 -3.33 5.56 -4.12
N PRO A 82 -4.00 5.88 -2.99
CA PRO A 82 -3.85 5.09 -1.79
C PRO A 82 -4.42 3.69 -1.97
N PHE A 83 -5.66 3.56 -2.47
CA PHE A 83 -6.33 2.27 -2.59
C PHE A 83 -5.58 1.32 -3.54
N VAL A 84 -4.94 1.85 -4.58
CA VAL A 84 -4.01 1.07 -5.41
C VAL A 84 -2.86 0.57 -4.55
N ARG A 85 -2.15 1.45 -3.84
CA ARG A 85 -1.04 1.03 -3.00
C ARG A 85 -1.47 0.00 -1.97
N MET A 86 -2.68 0.11 -1.40
CA MET A 86 -3.24 -0.86 -0.50
C MET A 86 -3.46 -2.20 -1.19
N GLN A 87 -4.14 -2.27 -2.34
CA GLN A 87 -4.34 -3.51 -3.09
C GLN A 87 -2.99 -4.20 -3.38
N LEU A 88 -1.98 -3.44 -3.80
CA LEU A 88 -0.67 -3.99 -4.14
C LEU A 88 0.13 -4.37 -2.89
N TRP A 89 0.00 -3.63 -1.78
CA TRP A 89 0.59 -4.00 -0.50
C TRP A 89 -0.02 -5.32 -0.05
N LEU A 90 -1.34 -5.47 -0.19
CA LEU A 90 -2.08 -6.69 0.11
C LEU A 90 -1.74 -7.88 -0.82
N ASN A 91 -0.94 -7.65 -1.85
CA ASN A 91 -0.38 -8.71 -2.71
C ASN A 91 1.03 -9.11 -2.27
N ASP A 92 1.77 -8.19 -1.68
CA ASP A 92 3.18 -8.38 -1.35
C ASP A 92 3.25 -9.32 -0.14
N PRO A 93 4.22 -10.24 -0.07
CA PRO A 93 4.32 -11.15 1.06
C PRO A 93 4.89 -10.47 2.30
N HIS A 94 5.98 -9.70 2.16
CA HIS A 94 6.67 -9.05 3.27
C HIS A 94 6.06 -7.67 3.53
N ASN A 95 4.80 -7.48 3.12
CA ASN A 95 4.03 -6.27 3.31
C ASN A 95 3.88 -5.98 4.81
N VAL A 96 3.54 -6.99 5.61
CA VAL A 96 3.47 -6.88 7.04
C VAL A 96 4.88 -6.74 7.62
N GLU A 97 5.85 -7.52 7.16
CA GLU A 97 7.15 -7.57 7.80
C GLU A 97 7.89 -6.25 7.68
N LYS A 98 8.00 -5.69 6.47
CA LYS A 98 8.66 -4.40 6.29
C LYS A 98 7.88 -3.29 6.96
N LEU A 99 6.54 -3.41 7.09
CA LEU A 99 5.75 -2.50 7.91
C LEU A 99 6.22 -2.57 9.37
N ARG A 100 6.40 -3.77 9.90
CA ARG A 100 6.82 -4.00 11.27
C ARG A 100 8.20 -3.40 11.50
N ASP A 101 9.09 -3.55 10.52
CA ASP A 101 10.49 -3.12 10.60
C ASP A 101 10.67 -1.60 10.66
N MET A 102 9.61 -0.82 10.44
CA MET A 102 9.61 0.61 10.72
C MET A 102 9.66 0.83 12.24
N LYS A 103 8.73 0.19 12.97
CA LYS A 103 8.62 0.32 14.43
C LYS A 103 9.78 -0.38 15.11
N LYS A 104 10.08 -1.61 14.66
CA LYS A 104 11.11 -2.51 15.16
C LYS A 104 11.20 -2.51 16.70
N LEU A 105 12.43 -2.53 17.23
CA LEU A 105 12.81 -2.26 18.62
C LEU A 105 11.87 -2.92 19.62
N SER A 106 11.99 -4.26 19.72
CA SER A 106 11.34 -5.17 20.66
C SER A 106 10.19 -5.93 19.97
N GLY A 107 10.23 -6.10 18.65
CA GLY A 107 9.12 -6.63 17.87
C GLY A 107 9.26 -8.12 17.56
N PRO A 108 8.60 -9.04 18.30
CA PRO A 108 8.64 -10.46 17.99
C PRO A 108 8.10 -10.76 16.58
N SER A 109 8.43 -11.93 16.06
CA SER A 109 8.26 -12.26 14.65
C SER A 109 7.63 -13.64 14.51
N SER A 110 6.45 -13.69 13.90
CA SER A 110 6.23 -14.68 12.86
C SER A 110 7.28 -14.43 11.76
N GLY A 111 7.78 -15.51 11.17
CA GLY A 111 8.72 -15.51 10.08
C GLY A 111 8.74 -16.94 9.59
N GLY A 1 26.91 -21.92 -41.90
CA GLY A 1 27.44 -20.56 -41.70
C GLY A 1 26.33 -19.55 -41.92
N SER A 2 26.66 -18.25 -41.94
CA SER A 2 25.73 -17.13 -41.89
C SER A 2 25.05 -17.10 -40.51
N SER A 3 24.13 -18.02 -40.23
CA SER A 3 23.41 -18.21 -38.97
C SER A 3 22.39 -17.07 -38.71
N GLY A 4 22.79 -15.81 -38.84
CA GLY A 4 21.94 -14.65 -38.59
C GLY A 4 21.91 -14.31 -37.10
N SER A 5 21.23 -13.21 -36.77
CA SER A 5 21.00 -12.72 -35.41
C SER A 5 19.86 -11.71 -35.48
N SER A 6 18.77 -11.95 -34.77
CA SER A 6 17.59 -11.08 -34.71
C SER A 6 16.76 -11.46 -33.47
N GLY A 7 15.68 -10.70 -33.19
CA GLY A 7 14.69 -11.06 -32.17
C GLY A 7 14.53 -10.00 -31.07
N TYR A 8 15.61 -9.30 -30.74
CA TYR A 8 15.77 -8.59 -29.49
C TYR A 8 15.04 -7.24 -29.48
N SER A 9 13.99 -7.12 -28.67
CA SER A 9 13.45 -5.85 -28.18
C SER A 9 12.73 -6.13 -26.86
N GLY A 10 12.52 -5.10 -26.04
CA GLY A 10 11.90 -5.18 -24.73
C GLY A 10 12.07 -3.83 -24.04
N SER A 11 11.02 -3.01 -23.97
CA SER A 11 11.10 -1.63 -23.50
C SER A 11 9.95 -1.32 -22.55
N GLN A 12 10.24 -0.79 -21.36
CA GLN A 12 9.27 -0.20 -20.41
C GLN A 12 9.96 0.92 -19.60
N ALA A 13 9.19 1.64 -18.77
CA ALA A 13 9.68 2.47 -17.67
C ALA A 13 8.61 2.52 -16.57
N PRO A 14 8.98 2.58 -15.27
CA PRO A 14 8.07 2.30 -14.17
C PRO A 14 7.02 3.37 -13.88
N GLY A 15 7.29 4.63 -14.21
CA GLY A 15 6.35 5.73 -14.09
C GLY A 15 6.01 6.13 -12.65
N GLY A 16 5.30 7.26 -12.55
CA GLY A 16 4.81 7.81 -11.29
C GLY A 16 3.56 7.03 -10.84
N ILE A 17 3.30 7.05 -9.53
CA ILE A 17 2.16 6.38 -8.91
C ILE A 17 0.86 6.76 -9.64
N GLN A 18 0.74 8.02 -10.09
CA GLN A 18 -0.47 8.55 -10.70
C GLN A 18 -0.79 7.98 -12.09
N GLU A 19 0.16 7.32 -12.76
CA GLU A 19 -0.01 6.57 -13.99
C GLU A 19 -0.34 5.12 -13.65
N ILE A 20 0.39 4.52 -12.72
CA ILE A 20 0.16 3.16 -12.27
C ILE A 20 -1.27 3.00 -11.72
N VAL A 21 -1.81 4.05 -11.09
CA VAL A 21 -3.18 4.15 -10.62
C VAL A 21 -4.15 4.38 -11.78
N ALA A 22 -3.72 5.10 -12.80
CA ALA A 22 -4.51 5.32 -14.01
C ALA A 22 -4.74 3.98 -14.74
N MET A 23 -3.71 3.15 -14.76
CA MET A 23 -3.68 1.80 -15.31
C MET A 23 -4.41 0.77 -14.43
N SER A 24 -4.83 1.13 -13.21
CA SER A 24 -5.46 0.19 -12.29
C SER A 24 -6.86 -0.17 -12.79
N PRO A 25 -7.30 -1.42 -12.62
CA PRO A 25 -8.71 -1.77 -12.72
C PRO A 25 -9.49 -1.15 -11.54
N GLU A 26 -10.81 -1.34 -11.50
CA GLU A 26 -11.69 -0.84 -10.46
C GLU A 26 -11.37 -1.57 -9.14
N LEU A 27 -10.63 -0.89 -8.27
CA LEU A 27 -10.15 -1.44 -7.01
C LEU A 27 -11.14 -1.11 -5.91
N ASP A 28 -11.69 -2.15 -5.31
CA ASP A 28 -12.99 -2.06 -4.67
C ASP A 28 -12.81 -1.55 -3.24
N THR A 29 -12.96 -0.24 -3.08
CA THR A 29 -12.43 0.51 -1.93
C THR A 29 -12.87 -0.08 -0.59
N TYR A 30 -14.13 -0.49 -0.44
CA TYR A 30 -14.66 -1.04 0.78
C TYR A 30 -14.05 -2.40 1.14
N SER A 31 -13.86 -3.24 0.14
CA SER A 31 -13.23 -4.54 0.34
C SER A 31 -11.75 -4.33 0.66
N ILE A 32 -11.04 -3.49 -0.08
CA ILE A 32 -9.62 -3.19 0.19
C ILE A 32 -9.46 -2.68 1.62
N THR A 33 -10.16 -1.59 1.99
CA THR A 33 -10.01 -1.00 3.32
C THR A 33 -10.23 -2.04 4.42
N LYS A 34 -11.28 -2.86 4.28
CA LYS A 34 -11.56 -3.98 5.17
C LYS A 34 -10.39 -4.94 5.21
N ARG A 35 -10.02 -5.56 4.09
CA ARG A 35 -8.94 -6.53 4.02
C ARG A 35 -7.66 -5.98 4.65
N VAL A 36 -7.36 -4.69 4.46
CA VAL A 36 -6.24 -3.98 5.06
C VAL A 36 -6.39 -3.93 6.59
N LYS A 37 -7.49 -3.35 7.08
CA LYS A 37 -7.75 -3.18 8.51
C LYS A 37 -7.65 -4.52 9.22
N GLU A 38 -8.16 -5.59 8.61
CA GLU A 38 -8.06 -6.93 9.17
C GLU A 38 -6.59 -7.28 9.37
N VAL A 39 -5.72 -7.20 8.35
CA VAL A 39 -4.28 -7.49 8.49
C VAL A 39 -3.66 -6.69 9.65
N LEU A 40 -3.98 -5.40 9.74
CA LEU A 40 -3.41 -4.53 10.75
C LEU A 40 -3.89 -4.94 12.15
N THR A 41 -5.17 -5.29 12.29
CA THR A 41 -5.75 -5.74 13.53
C THR A 41 -5.09 -7.05 13.95
N ASP A 42 -5.02 -8.02 13.03
CA ASP A 42 -4.46 -9.36 13.18
C ASP A 42 -3.06 -9.28 13.78
N ASN A 43 -2.26 -8.38 13.20
CA ASN A 43 -0.82 -8.26 13.44
C ASN A 43 -0.50 -7.14 14.44
N ASN A 44 -1.52 -6.61 15.11
CA ASN A 44 -1.47 -5.61 16.18
C ASN A 44 -0.68 -4.37 15.79
N LEU A 45 -1.01 -3.81 14.63
CA LEU A 45 -0.36 -2.67 14.00
C LEU A 45 -1.23 -1.43 14.12
N GLY A 46 -0.58 -0.27 14.09
CA GLY A 46 -1.23 1.03 14.04
C GLY A 46 -1.63 1.35 12.61
N GLN A 47 -2.90 1.67 12.41
CA GLN A 47 -3.40 2.34 11.20
C GLN A 47 -2.48 3.49 10.81
N ARG A 48 -2.04 4.29 11.80
CA ARG A 48 -1.13 5.40 11.59
C ARG A 48 0.10 4.96 10.80
N LEU A 49 0.84 3.95 11.28
CA LEU A 49 2.13 3.57 10.73
C LEU A 49 1.98 3.09 9.30
N PHE A 50 1.05 2.15 9.11
CA PHE A 50 0.58 1.75 7.78
C PHE A 50 0.35 2.97 6.90
N GLY A 51 -0.44 3.92 7.39
CA GLY A 51 -0.81 5.11 6.65
C GLY A 51 0.30 6.13 6.53
N GLU A 52 1.38 6.06 7.29
CA GLU A 52 2.52 6.95 7.19
C GLU A 52 3.53 6.38 6.18
N SER A 53 3.79 5.08 6.28
CA SER A 53 4.71 4.31 5.46
C SER A 53 4.14 4.18 4.05
N ILE A 54 3.07 3.39 3.92
CA ILE A 54 2.56 2.95 2.63
C ILE A 54 1.90 4.16 1.99
N LEU A 55 1.00 4.82 2.72
CA LEU A 55 0.24 5.92 2.13
C LEU A 55 1.09 7.19 2.19
N GLY A 56 1.20 7.81 3.34
CA GLY A 56 1.84 9.09 3.60
C GLY A 56 0.81 10.07 4.13
N LEU A 57 0.05 9.71 5.16
CA LEU A 57 -1.05 10.47 5.75
C LEU A 57 -0.89 10.49 7.28
N THR A 58 -1.57 11.40 7.94
CA THR A 58 -1.72 11.42 9.40
C THR A 58 -2.68 10.32 9.88
N GLN A 59 -2.68 10.03 11.19
CA GLN A 59 -3.59 9.04 11.77
C GLN A 59 -5.04 9.41 11.47
N GLY A 60 -5.42 10.67 11.67
CA GLY A 60 -6.79 11.12 11.45
C GLY A 60 -7.22 10.94 10.02
N SER A 61 -6.35 11.31 9.07
CA SER A 61 -6.62 11.22 7.64
C SER A 61 -6.80 9.76 7.24
N VAL A 62 -5.86 8.89 7.60
CA VAL A 62 -5.98 7.47 7.29
C VAL A 62 -7.17 6.84 8.02
N SER A 63 -7.56 7.36 9.19
CA SER A 63 -8.72 6.88 9.90
C SER A 63 -9.95 7.12 9.05
N ASP A 64 -10.16 8.33 8.55
CA ASP A 64 -11.29 8.62 7.66
C ASP A 64 -11.25 7.72 6.44
N LEU A 65 -10.07 7.50 5.86
CA LEU A 65 -9.92 6.71 4.65
C LEU A 65 -10.39 5.26 4.86
N LEU A 66 -9.97 4.67 5.98
CA LEU A 66 -10.25 3.27 6.30
C LEU A 66 -11.64 3.09 6.91
N SER A 67 -12.14 4.11 7.60
CA SER A 67 -13.48 4.25 8.15
C SER A 67 -14.49 4.34 7.00
N ARG A 68 -14.48 5.43 6.24
CA ARG A 68 -15.49 5.78 5.27
C ARG A 68 -14.79 6.06 3.94
N PRO A 69 -14.26 5.03 3.25
CA PRO A 69 -13.73 5.20 1.91
C PRO A 69 -14.87 5.67 1.00
N LYS A 70 -14.62 6.63 0.11
CA LYS A 70 -15.51 6.92 -0.99
C LYS A 70 -15.41 5.79 -2.04
N PRO A 71 -16.40 5.69 -2.94
CA PRO A 71 -16.39 4.70 -4.02
C PRO A 71 -15.31 5.04 -5.05
N TRP A 72 -14.89 4.06 -5.84
CA TRP A 72 -13.84 4.23 -6.83
C TRP A 72 -14.20 5.34 -7.84
N HIS A 73 -15.46 5.45 -8.28
CA HIS A 73 -15.87 6.52 -9.21
C HIS A 73 -15.67 7.91 -8.61
N LYS A 74 -15.91 8.08 -7.30
CA LYS A 74 -15.78 9.37 -6.60
C LYS A 74 -14.33 9.78 -6.51
N LEU A 75 -13.46 8.81 -6.28
CA LEU A 75 -12.07 9.07 -6.10
C LEU A 75 -11.54 9.32 -7.50
N SER A 76 -11.00 10.51 -7.73
CA SER A 76 -10.24 10.77 -8.95
C SER A 76 -8.92 10.01 -8.87
N LEU A 77 -8.02 10.12 -9.85
CA LEU A 77 -6.79 9.32 -9.88
C LEU A 77 -5.96 9.52 -8.62
N LYS A 78 -5.61 10.76 -8.30
CA LYS A 78 -5.04 11.16 -7.01
C LYS A 78 -5.86 10.65 -5.81
N GLY A 79 -7.19 10.64 -5.91
CA GLY A 79 -8.10 10.02 -4.94
C GLY A 79 -7.79 8.56 -4.67
N ARG A 80 -7.51 7.80 -5.73
CA ARG A 80 -7.31 6.36 -5.74
C ARG A 80 -5.89 5.99 -5.40
N GLU A 81 -4.94 6.92 -5.58
CA GLU A 81 -3.51 6.76 -5.36
C GLU A 81 -3.20 5.83 -4.17
N PRO A 82 -3.72 6.09 -2.96
CA PRO A 82 -3.41 5.26 -1.82
C PRO A 82 -4.11 3.90 -1.86
N PHE A 83 -5.35 3.80 -2.35
CA PHE A 83 -6.08 2.53 -2.38
C PHE A 83 -5.40 1.52 -3.30
N VAL A 84 -4.82 2.00 -4.40
CA VAL A 84 -4.01 1.15 -5.26
C VAL A 84 -2.78 0.67 -4.47
N ARG A 85 -2.06 1.55 -3.73
CA ARG A 85 -0.94 1.11 -2.91
C ARG A 85 -1.42 0.02 -1.94
N MET A 86 -2.58 0.19 -1.29
CA MET A 86 -3.13 -0.77 -0.34
C MET A 86 -3.37 -2.13 -0.98
N GLN A 87 -4.01 -2.17 -2.16
CA GLN A 87 -4.20 -3.43 -2.87
C GLN A 87 -2.85 -4.12 -3.10
N LEU A 88 -1.85 -3.39 -3.59
CA LEU A 88 -0.55 -3.98 -3.89
C LEU A 88 0.20 -4.40 -2.63
N TRP A 89 0.03 -3.66 -1.54
CA TRP A 89 0.58 -4.01 -0.24
C TRP A 89 -0.02 -5.35 0.17
N LEU A 90 -1.34 -5.51 0.10
CA LEU A 90 -2.02 -6.76 0.42
C LEU A 90 -1.51 -7.92 -0.45
N ASN A 91 -1.18 -7.66 -1.72
CA ASN A 91 -0.65 -8.66 -2.64
C ASN A 91 0.77 -9.11 -2.25
N ASP A 92 1.57 -8.21 -1.67
CA ASP A 92 2.92 -8.54 -1.19
C ASP A 92 2.82 -9.58 -0.06
N PRO A 93 3.67 -10.62 -0.05
CA PRO A 93 3.66 -11.62 1.01
C PRO A 93 4.17 -11.01 2.32
N HIS A 94 5.43 -10.56 2.33
CA HIS A 94 6.10 -9.92 3.46
C HIS A 94 5.58 -8.50 3.72
N ASN A 95 4.41 -8.10 3.24
CA ASN A 95 3.90 -6.73 3.42
C ASN A 95 3.90 -6.32 4.89
N VAL A 96 3.54 -7.25 5.77
CA VAL A 96 3.43 -7.05 7.19
C VAL A 96 4.82 -6.84 7.78
N GLU A 97 5.78 -7.68 7.40
CA GLU A 97 7.14 -7.66 7.91
C GLU A 97 7.85 -6.39 7.46
N LYS A 98 7.74 -6.04 6.18
CA LYS A 98 8.24 -4.79 5.65
C LYS A 98 7.62 -3.58 6.36
N LEU A 99 6.36 -3.68 6.82
CA LEU A 99 5.75 -2.62 7.62
C LEU A 99 6.32 -2.65 9.05
N ARG A 100 6.70 -3.81 9.57
CA ARG A 100 7.30 -3.96 10.88
C ARG A 100 8.72 -3.39 10.90
N ASP A 101 9.47 -3.56 9.81
CA ASP A 101 10.79 -2.95 9.58
C ASP A 101 10.71 -1.45 9.83
N MET A 102 9.71 -0.78 9.28
CA MET A 102 9.48 0.65 9.51
C MET A 102 9.46 1.00 11.00
N LYS A 103 8.90 0.12 11.83
CA LYS A 103 8.87 0.29 13.28
C LYS A 103 10.19 -0.04 13.95
N LYS A 104 10.80 -1.20 13.64
CA LYS A 104 11.99 -1.75 14.30
C LYS A 104 12.00 -1.55 15.82
N LEU A 105 13.18 -1.26 16.39
CA LEU A 105 13.43 -0.79 17.76
C LEU A 105 12.57 -1.51 18.79
N SER A 106 12.89 -2.78 19.04
CA SER A 106 12.05 -3.65 19.84
C SER A 106 12.84 -4.86 20.31
N GLY A 107 13.32 -5.66 19.36
CA GLY A 107 13.90 -6.98 19.60
C GLY A 107 14.54 -7.45 18.30
N PRO A 108 14.95 -8.73 18.22
CA PRO A 108 15.59 -9.27 17.02
C PRO A 108 14.66 -9.22 15.81
N SER A 109 15.25 -9.31 14.62
CA SER A 109 14.71 -9.32 13.26
C SER A 109 15.83 -8.85 12.33
N SER A 110 16.51 -7.75 12.70
CA SER A 110 17.73 -7.22 12.08
C SER A 110 17.76 -7.31 10.55
N GLY A 111 16.78 -6.70 9.89
CA GLY A 111 16.76 -6.51 8.44
C GLY A 111 16.48 -5.05 8.21
N GLY A 1 15.92 -22.59 -39.32
CA GLY A 1 14.87 -21.71 -38.78
C GLY A 1 14.91 -20.38 -39.51
N SER A 2 13.96 -19.50 -39.24
CA SER A 2 13.82 -18.18 -39.86
C SER A 2 13.09 -17.28 -38.86
N SER A 3 12.94 -15.99 -39.20
CA SER A 3 12.09 -15.05 -38.48
C SER A 3 11.66 -14.00 -39.51
N GLY A 4 10.85 -13.02 -39.09
CA GLY A 4 10.29 -11.98 -39.94
C GLY A 4 9.04 -11.40 -39.28
N SER A 5 8.40 -10.47 -39.99
CA SER A 5 7.24 -9.64 -39.66
C SER A 5 7.73 -8.18 -39.59
N SER A 6 6.84 -7.24 -39.27
CA SER A 6 7.13 -5.84 -38.99
C SER A 6 5.98 -5.28 -38.15
N GLY A 7 6.15 -4.08 -37.59
CA GLY A 7 5.14 -3.43 -36.77
C GLY A 7 5.75 -2.17 -36.14
N TYR A 8 4.93 -1.42 -35.40
CA TYR A 8 5.32 -0.17 -34.77
C TYR A 8 4.74 -0.19 -33.36
N SER A 9 5.58 0.01 -32.35
CA SER A 9 5.20 0.09 -30.95
C SER A 9 6.27 0.89 -30.20
N GLY A 10 5.97 1.33 -28.99
CA GLY A 10 6.93 1.98 -28.11
C GLY A 10 6.33 2.05 -26.72
N SER A 11 7.13 1.76 -25.70
CA SER A 11 6.73 1.72 -24.31
C SER A 11 7.97 2.12 -23.53
N GLN A 12 7.99 3.35 -23.03
CA GLN A 12 9.06 3.93 -22.23
C GLN A 12 8.41 5.06 -21.44
N ALA A 13 8.52 5.02 -20.12
CA ALA A 13 8.00 6.00 -19.19
C ALA A 13 8.89 6.00 -17.95
N PRO A 14 8.84 7.03 -17.09
CA PRO A 14 9.56 7.02 -15.83
C PRO A 14 8.92 6.04 -14.85
N GLY A 15 7.62 5.76 -14.95
CA GLY A 15 6.83 5.10 -13.92
C GLY A 15 6.50 6.09 -12.81
N GLY A 16 5.58 5.71 -11.92
CA GLY A 16 5.12 6.50 -10.79
C GLY A 16 3.79 5.95 -10.30
N ILE A 17 3.30 6.41 -9.16
CA ILE A 17 2.04 5.93 -8.61
C ILE A 17 0.88 6.27 -9.55
N GLN A 18 0.79 7.51 -10.04
CA GLN A 18 -0.31 7.95 -10.88
C GLN A 18 -0.43 7.13 -12.17
N GLU A 19 0.66 6.55 -12.65
CA GLU A 19 0.76 5.74 -13.85
C GLU A 19 0.35 4.28 -13.60
N ILE A 20 0.45 3.77 -12.37
CA ILE A 20 -0.18 2.50 -11.99
C ILE A 20 -1.67 2.76 -11.79
N VAL A 21 -2.01 3.81 -11.05
CA VAL A 21 -3.37 4.19 -10.74
C VAL A 21 -4.18 4.41 -12.02
N ALA A 22 -3.53 4.94 -13.05
CA ALA A 22 -4.11 5.15 -14.37
C ALA A 22 -4.74 3.86 -14.89
N MET A 23 -3.94 2.79 -14.90
CA MET A 23 -4.29 1.50 -15.46
C MET A 23 -5.24 0.74 -14.53
N SER A 24 -5.08 0.92 -13.22
CA SER A 24 -5.64 0.07 -12.18
C SER A 24 -7.16 -0.11 -12.39
N PRO A 25 -7.67 -1.36 -12.34
CA PRO A 25 -9.10 -1.67 -12.44
C PRO A 25 -9.96 -0.93 -11.40
N GLU A 26 -11.27 -1.14 -11.47
CA GLU A 26 -12.14 -0.81 -10.36
C GLU A 26 -11.74 -1.62 -9.13
N LEU A 27 -11.07 -0.94 -8.21
CA LEU A 27 -10.45 -1.47 -7.01
C LEU A 27 -11.42 -1.21 -5.88
N ASP A 28 -12.17 -2.25 -5.51
CA ASP A 28 -13.26 -2.25 -4.53
C ASP A 28 -12.81 -1.52 -3.27
N THR A 29 -13.16 -0.24 -3.13
CA THR A 29 -12.57 0.58 -2.08
C THR A 29 -12.96 -0.02 -0.73
N TYR A 30 -14.22 -0.41 -0.56
CA TYR A 30 -14.70 -1.03 0.65
C TYR A 30 -13.92 -2.31 0.98
N SER A 31 -13.90 -3.26 0.04
CA SER A 31 -13.26 -4.55 0.22
C SER A 31 -11.78 -4.37 0.57
N ILE A 32 -11.03 -3.50 -0.13
CA ILE A 32 -9.64 -3.19 0.21
C ILE A 32 -9.60 -2.61 1.63
N THR A 33 -10.34 -1.55 1.96
CA THR A 33 -10.26 -0.96 3.30
C THR A 33 -10.51 -1.98 4.41
N LYS A 34 -11.51 -2.86 4.20
CA LYS A 34 -11.82 -3.98 5.07
C LYS A 34 -10.59 -4.87 5.19
N ARG A 35 -10.17 -5.52 4.10
CA ARG A 35 -9.06 -6.47 4.11
C ARG A 35 -7.80 -5.85 4.74
N VAL A 36 -7.54 -4.57 4.50
CA VAL A 36 -6.44 -3.83 5.09
C VAL A 36 -6.63 -3.73 6.61
N LYS A 37 -7.73 -3.13 7.07
CA LYS A 37 -8.04 -2.97 8.50
C LYS A 37 -7.92 -4.31 9.22
N GLU A 38 -8.46 -5.34 8.60
CA GLU A 38 -8.51 -6.68 9.12
C GLU A 38 -7.08 -7.23 9.23
N VAL A 39 -6.24 -7.17 8.18
CA VAL A 39 -4.82 -7.55 8.24
C VAL A 39 -4.08 -6.79 9.36
N LEU A 40 -4.33 -5.48 9.53
CA LEU A 40 -3.68 -4.68 10.56
C LEU A 40 -4.14 -5.11 11.95
N THR A 41 -5.39 -5.50 12.11
CA THR A 41 -5.90 -6.09 13.33
C THR A 41 -5.24 -7.46 13.54
N ASP A 42 -5.22 -8.32 12.53
CA ASP A 42 -4.73 -9.70 12.57
C ASP A 42 -3.32 -9.70 13.14
N ASN A 43 -2.46 -8.87 12.57
CA ASN A 43 -1.02 -8.78 12.84
C ASN A 43 -0.71 -7.76 13.95
N ASN A 44 -1.74 -7.21 14.58
CA ASN A 44 -1.79 -6.11 15.55
C ASN A 44 -0.77 -5.00 15.28
N LEU A 45 -1.14 -4.10 14.38
CA LEU A 45 -0.31 -3.04 13.84
C LEU A 45 -0.95 -1.68 14.06
N GLY A 46 -0.19 -0.62 13.75
CA GLY A 46 -0.65 0.75 13.75
C GLY A 46 -1.26 1.09 12.39
N GLN A 47 -2.53 1.50 12.37
CA GLN A 47 -3.13 2.14 11.20
C GLN A 47 -2.27 3.34 10.78
N ARG A 48 -1.78 4.13 11.74
CA ARG A 48 -0.92 5.26 11.46
C ARG A 48 0.31 4.83 10.66
N LEU A 49 1.04 3.83 11.15
CA LEU A 49 2.24 3.26 10.55
C LEU A 49 1.99 2.93 9.09
N PHE A 50 0.92 2.18 8.83
CA PHE A 50 0.54 1.82 7.49
C PHE A 50 0.25 3.06 6.64
N GLY A 51 -0.36 4.10 7.19
CA GLY A 51 -0.56 5.37 6.51
C GLY A 51 0.67 6.25 6.44
N GLU A 52 1.78 5.93 7.10
CA GLU A 52 3.02 6.69 7.09
C GLU A 52 3.87 6.15 5.94
N SER A 53 4.27 4.90 6.09
CA SER A 53 5.24 4.24 5.23
C SER A 53 4.64 3.87 3.88
N ILE A 54 3.40 3.36 3.86
CA ILE A 54 2.77 2.94 2.61
C ILE A 54 2.15 4.16 1.97
N LEU A 55 1.29 4.89 2.69
CA LEU A 55 0.68 6.08 2.13
C LEU A 55 1.63 7.28 2.30
N GLY A 56 1.42 8.11 3.30
CA GLY A 56 2.16 9.34 3.57
C GLY A 56 1.27 10.38 4.26
N LEU A 57 0.29 9.96 5.05
CA LEU A 57 -0.77 10.78 5.63
C LEU A 57 -0.60 10.86 7.14
N THR A 58 -1.31 11.78 7.78
CA THR A 58 -1.52 11.77 9.23
C THR A 58 -2.47 10.63 9.62
N GLN A 59 -2.46 10.24 10.91
CA GLN A 59 -3.35 9.23 11.47
C GLN A 59 -4.80 9.56 11.13
N GLY A 60 -5.23 10.78 11.47
CA GLY A 60 -6.62 11.19 11.36
C GLY A 60 -7.16 10.97 9.95
N SER A 61 -6.41 11.40 8.95
CA SER A 61 -6.75 11.26 7.54
C SER A 61 -6.88 9.78 7.15
N VAL A 62 -5.98 8.90 7.59
CA VAL A 62 -6.03 7.49 7.22
C VAL A 62 -7.17 6.77 7.96
N SER A 63 -7.39 7.11 9.23
CA SER A 63 -8.41 6.52 10.06
C SER A 63 -9.78 6.83 9.45
N ASP A 64 -9.98 8.07 9.00
CA ASP A 64 -11.17 8.51 8.26
C ASP A 64 -11.30 7.73 6.95
N LEU A 65 -10.21 7.59 6.17
CA LEU A 65 -10.21 6.83 4.91
C LEU A 65 -10.72 5.41 5.10
N LEU A 66 -10.21 4.70 6.11
CA LEU A 66 -10.51 3.30 6.37
C LEU A 66 -11.87 3.12 7.03
N SER A 67 -12.35 4.16 7.71
CA SER A 67 -13.75 4.29 8.13
C SER A 67 -14.64 4.38 6.90
N ARG A 68 -14.50 5.45 6.10
CA ARG A 68 -15.47 5.84 5.08
C ARG A 68 -14.80 6.04 3.74
N PRO A 69 -14.45 4.95 3.03
CA PRO A 69 -13.95 5.06 1.68
C PRO A 69 -15.04 5.67 0.78
N LYS A 70 -14.63 6.64 -0.03
CA LYS A 70 -15.41 7.02 -1.21
C LYS A 70 -15.41 5.83 -2.19
N PRO A 71 -16.42 5.71 -3.06
CA PRO A 71 -16.40 4.76 -4.16
C PRO A 71 -15.19 5.01 -5.08
N TRP A 72 -14.69 3.97 -5.76
CA TRP A 72 -13.68 4.11 -6.79
C TRP A 72 -14.15 5.06 -7.90
N HIS A 73 -15.43 4.98 -8.29
CA HIS A 73 -15.99 5.87 -9.33
C HIS A 73 -15.92 7.34 -8.90
N LYS A 74 -16.07 7.61 -7.59
CA LYS A 74 -16.08 8.95 -7.00
C LYS A 74 -14.67 9.51 -6.85
N LEU A 75 -13.69 8.64 -6.61
CA LEU A 75 -12.32 9.04 -6.42
C LEU A 75 -11.74 9.37 -7.78
N SER A 76 -11.14 10.55 -7.94
CA SER A 76 -10.30 10.84 -9.10
C SER A 76 -9.00 10.04 -8.96
N LEU A 77 -8.04 10.11 -9.90
CA LEU A 77 -6.78 9.36 -9.78
C LEU A 77 -6.01 9.74 -8.50
N LYS A 78 -5.96 11.02 -8.14
CA LYS A 78 -5.46 11.49 -6.84
C LYS A 78 -6.20 10.85 -5.66
N GLY A 79 -7.47 10.53 -5.84
CA GLY A 79 -8.29 9.82 -4.87
C GLY A 79 -7.89 8.35 -4.75
N ARG A 80 -7.48 7.74 -5.85
CA ARG A 80 -7.27 6.30 -5.99
C ARG A 80 -5.87 5.88 -5.58
N GLU A 81 -4.91 6.81 -5.64
CA GLU A 81 -3.52 6.68 -5.20
C GLU A 81 -3.38 5.78 -3.97
N PRO A 82 -4.02 6.08 -2.84
CA PRO A 82 -3.81 5.29 -1.65
C PRO A 82 -4.33 3.86 -1.83
N PHE A 83 -5.57 3.69 -2.29
CA PHE A 83 -6.19 2.37 -2.42
C PHE A 83 -5.40 1.46 -3.36
N VAL A 84 -4.74 2.00 -4.39
CA VAL A 84 -3.82 1.24 -5.23
C VAL A 84 -2.65 0.75 -4.38
N ARG A 85 -1.98 1.64 -3.64
CA ARG A 85 -0.86 1.25 -2.79
C ARG A 85 -1.30 0.20 -1.78
N MET A 86 -2.51 0.27 -1.24
CA MET A 86 -3.07 -0.72 -0.34
C MET A 86 -3.27 -2.05 -1.05
N GLN A 87 -3.89 -2.08 -2.23
CA GLN A 87 -4.10 -3.30 -3.02
C GLN A 87 -2.75 -3.98 -3.29
N LEU A 88 -1.73 -3.23 -3.72
CA LEU A 88 -0.41 -3.78 -4.01
C LEU A 88 0.32 -4.17 -2.72
N TRP A 89 0.15 -3.45 -1.60
CA TRP A 89 0.79 -3.82 -0.32
C TRP A 89 0.15 -5.10 0.20
N LEU A 90 -1.15 -5.27 0.04
CA LEU A 90 -1.82 -6.52 0.36
C LEU A 90 -1.28 -7.67 -0.50
N ASN A 91 -0.67 -7.36 -1.66
CA ASN A 91 -0.14 -8.33 -2.63
C ASN A 91 1.34 -8.59 -2.42
N ASP A 92 1.98 -8.00 -1.40
CA ASP A 92 3.36 -8.29 -1.04
C ASP A 92 3.34 -9.34 0.07
N PRO A 93 4.13 -10.43 0.00
CA PRO A 93 4.10 -11.45 1.03
C PRO A 93 4.83 -10.97 2.30
N HIS A 94 5.91 -10.20 2.13
CA HIS A 94 6.68 -9.56 3.19
C HIS A 94 6.05 -8.22 3.62
N ASN A 95 4.81 -7.94 3.24
CA ASN A 95 4.16 -6.67 3.53
C ASN A 95 4.12 -6.37 5.02
N VAL A 96 3.73 -7.32 5.85
CA VAL A 96 3.71 -7.19 7.29
C VAL A 96 5.13 -6.97 7.82
N GLU A 97 6.11 -7.72 7.31
CA GLU A 97 7.49 -7.67 7.74
C GLU A 97 8.10 -6.29 7.48
N LYS A 98 8.05 -5.82 6.24
CA LYS A 98 8.59 -4.52 5.85
C LYS A 98 7.82 -3.37 6.48
N LEU A 99 6.55 -3.57 6.83
CA LEU A 99 5.80 -2.60 7.61
C LEU A 99 6.35 -2.58 9.05
N ARG A 100 6.53 -3.74 9.68
CA ARG A 100 7.01 -3.80 11.06
C ARG A 100 8.40 -3.20 11.19
N ASP A 101 9.23 -3.37 10.16
CA ASP A 101 10.62 -2.94 10.13
C ASP A 101 10.80 -1.43 10.26
N MET A 102 9.72 -0.67 10.07
CA MET A 102 9.64 0.78 10.21
C MET A 102 9.63 1.22 11.68
N LYS A 103 8.92 0.44 12.51
CA LYS A 103 8.68 0.69 13.92
C LYS A 103 9.88 0.22 14.72
N LYS A 104 10.33 -1.02 14.48
CA LYS A 104 11.63 -1.46 14.94
C LYS A 104 12.71 -0.73 14.12
N LEU A 105 13.98 -1.12 14.28
CA LEU A 105 15.12 -0.57 13.54
C LEU A 105 15.10 0.97 13.49
N SER A 106 14.69 1.59 14.59
CA SER A 106 14.52 3.02 14.73
C SER A 106 14.90 3.33 16.18
N GLY A 107 13.95 3.71 17.03
CA GLY A 107 14.16 3.76 18.47
C GLY A 107 14.31 2.35 19.05
N PRO A 108 14.62 2.24 20.35
CA PRO A 108 14.88 0.96 21.02
C PRO A 108 13.61 0.10 21.08
N SER A 109 13.75 -1.10 21.62
CA SER A 109 12.66 -2.05 21.79
C SER A 109 12.64 -2.57 23.23
N SER A 110 11.58 -3.32 23.56
CA SER A 110 11.54 -4.26 24.66
C SER A 110 10.47 -5.28 24.27
N GLY A 111 10.86 -6.53 24.10
CA GLY A 111 9.95 -7.62 23.79
C GLY A 111 9.75 -7.70 22.30
N GLY A 1 39.28 -17.29 -30.52
CA GLY A 1 37.83 -17.27 -30.82
C GLY A 1 37.55 -16.09 -31.73
N SER A 2 36.47 -16.16 -32.50
CA SER A 2 36.13 -15.15 -33.49
C SER A 2 34.61 -14.99 -33.47
N SER A 3 34.12 -13.78 -33.77
CA SER A 3 32.71 -13.42 -33.69
C SER A 3 32.13 -13.68 -32.28
N GLY A 4 30.81 -13.60 -32.12
CA GLY A 4 30.10 -13.85 -30.89
C GLY A 4 28.60 -13.91 -31.19
N SER A 5 27.80 -14.30 -30.20
CA SER A 5 26.35 -14.26 -30.26
C SER A 5 25.85 -12.84 -29.96
N SER A 6 24.66 -12.50 -30.45
CA SER A 6 23.97 -11.25 -30.17
C SER A 6 22.50 -11.54 -29.87
N GLY A 7 21.80 -10.62 -29.20
CA GLY A 7 20.38 -10.72 -28.88
C GLY A 7 19.99 -9.55 -27.98
N TYR A 8 18.70 -9.40 -27.71
CA TYR A 8 18.13 -8.35 -26.86
C TYR A 8 16.73 -8.78 -26.41
N SER A 9 16.13 -8.04 -25.45
CA SER A 9 14.78 -8.08 -24.88
C SER A 9 14.82 -7.56 -23.44
N GLY A 10 13.65 -7.31 -22.83
CA GLY A 10 13.55 -6.80 -21.47
C GLY A 10 13.65 -5.29 -21.46
N SER A 11 12.54 -4.59 -21.27
CA SER A 11 12.49 -3.14 -21.21
C SER A 11 12.04 -2.69 -19.82
N GLN A 12 12.51 -1.53 -19.37
CA GLN A 12 11.99 -0.82 -18.22
C GLN A 12 12.08 0.69 -18.48
N ALA A 13 11.36 1.47 -17.68
CA ALA A 13 11.31 2.92 -17.67
C ALA A 13 10.76 3.38 -16.32
N PRO A 14 10.92 4.66 -15.97
CA PRO A 14 10.20 5.25 -14.84
C PRO A 14 8.69 5.16 -15.04
N GLY A 15 7.96 5.28 -13.94
CA GLY A 15 6.57 5.68 -13.91
C GLY A 15 6.32 6.39 -12.58
N GLY A 16 5.13 6.95 -12.40
CA GLY A 16 4.67 7.53 -11.15
C GLY A 16 3.40 6.83 -10.68
N ILE A 17 2.97 7.10 -9.44
CA ILE A 17 1.77 6.48 -8.89
C ILE A 17 0.53 6.82 -9.74
N GLN A 18 0.44 8.02 -10.33
CA GLN A 18 -0.67 8.38 -11.20
C GLN A 18 -0.78 7.41 -12.38
N GLU A 19 0.34 6.98 -12.96
CA GLU A 19 0.37 6.06 -14.07
C GLU A 19 -0.18 4.71 -13.63
N ILE A 20 0.31 4.17 -12.52
CA ILE A 20 -0.16 2.90 -11.99
C ILE A 20 -1.65 2.98 -11.67
N VAL A 21 -2.14 4.09 -11.13
CA VAL A 21 -3.58 4.27 -10.89
C VAL A 21 -4.32 4.30 -12.23
N ALA A 22 -3.73 4.91 -13.25
CA ALA A 22 -4.32 5.04 -14.57
C ALA A 22 -4.42 3.68 -15.27
N MET A 23 -3.49 2.76 -15.00
CA MET A 23 -3.55 1.37 -15.46
C MET A 23 -4.25 0.44 -14.44
N SER A 24 -4.64 0.90 -13.25
CA SER A 24 -5.36 0.05 -12.30
C SER A 24 -6.77 -0.23 -12.83
N PRO A 25 -7.31 -1.45 -12.64
CA PRO A 25 -8.70 -1.77 -12.88
C PRO A 25 -9.59 -1.17 -11.78
N GLU A 26 -10.91 -1.35 -11.88
CA GLU A 26 -11.84 -0.93 -10.84
C GLU A 26 -11.51 -1.67 -9.54
N LEU A 27 -11.07 -0.93 -8.53
CA LEU A 27 -10.59 -1.44 -7.25
C LEU A 27 -11.67 -1.21 -6.20
N ASP A 28 -12.09 -2.26 -5.50
CA ASP A 28 -13.18 -2.17 -4.52
C ASP A 28 -12.69 -1.49 -3.25
N THR A 29 -12.87 -0.17 -3.16
CA THR A 29 -12.30 0.62 -2.10
C THR A 29 -12.75 0.13 -0.73
N TYR A 30 -14.04 -0.16 -0.53
CA TYR A 30 -14.56 -0.73 0.69
C TYR A 30 -13.85 -2.03 1.05
N SER A 31 -13.90 -3.02 0.17
CA SER A 31 -13.35 -4.35 0.39
C SER A 31 -11.85 -4.26 0.68
N ILE A 32 -11.10 -3.39 -0.02
CA ILE A 32 -9.69 -3.14 0.25
C ILE A 32 -9.58 -2.61 1.68
N THR A 33 -10.31 -1.54 2.07
CA THR A 33 -10.17 -1.01 3.43
C THR A 33 -10.43 -2.05 4.51
N LYS A 34 -11.44 -2.90 4.31
CA LYS A 34 -11.75 -4.05 5.17
C LYS A 34 -10.50 -4.93 5.26
N ARG A 35 -10.07 -5.53 4.15
CA ARG A 35 -8.94 -6.45 4.10
C ARG A 35 -7.65 -5.85 4.65
N VAL A 36 -7.44 -4.54 4.49
CA VAL A 36 -6.32 -3.82 5.07
C VAL A 36 -6.47 -3.84 6.60
N LYS A 37 -7.63 -3.42 7.13
CA LYS A 37 -7.90 -3.41 8.57
C LYS A 37 -7.76 -4.79 9.17
N GLU A 38 -8.15 -5.84 8.45
CA GLU A 38 -7.94 -7.22 8.88
C GLU A 38 -6.47 -7.44 9.25
N VAL A 39 -5.56 -7.22 8.30
CA VAL A 39 -4.14 -7.46 8.46
C VAL A 39 -3.57 -6.60 9.60
N LEU A 40 -4.05 -5.35 9.75
CA LEU A 40 -3.58 -4.49 10.84
C LEU A 40 -4.09 -5.01 12.20
N THR A 41 -5.33 -5.50 12.29
CA THR A 41 -5.84 -6.16 13.49
C THR A 41 -5.03 -7.42 13.80
N ASP A 42 -4.78 -8.28 12.80
CA ASP A 42 -4.03 -9.52 12.93
C ASP A 42 -2.68 -9.25 13.58
N ASN A 43 -1.98 -8.24 13.07
CA ASN A 43 -0.61 -7.91 13.46
C ASN A 43 -0.57 -6.82 14.52
N ASN A 44 -1.73 -6.40 15.01
CA ASN A 44 -1.99 -5.36 16.00
C ASN A 44 -1.36 -3.99 15.69
N LEU A 45 -1.11 -3.74 14.41
CA LEU A 45 -0.35 -2.62 13.93
C LEU A 45 -1.12 -1.31 14.11
N GLY A 46 -0.37 -0.23 14.33
CA GLY A 46 -0.92 1.11 14.32
C GLY A 46 -1.34 1.45 12.90
N GLN A 47 -2.59 1.87 12.71
CA GLN A 47 -3.06 2.41 11.44
C GLN A 47 -2.14 3.54 10.97
N ARG A 48 -1.65 4.39 11.87
CA ARG A 48 -0.74 5.48 11.53
C ARG A 48 0.49 4.92 10.84
N LEU A 49 1.08 3.83 11.35
CA LEU A 49 2.27 3.24 10.77
C LEU A 49 2.00 2.89 9.31
N PHE A 50 0.88 2.21 9.07
CA PHE A 50 0.51 1.82 7.73
C PHE A 50 0.31 3.06 6.84
N GLY A 51 -0.37 4.09 7.34
CA GLY A 51 -0.58 5.31 6.59
C GLY A 51 0.74 6.01 6.32
N GLU A 52 1.68 6.05 7.26
CA GLU A 52 3.02 6.60 7.11
C GLU A 52 3.76 5.83 6.01
N SER A 53 4.01 4.55 6.27
CA SER A 53 4.83 3.66 5.48
C SER A 53 4.37 3.57 4.03
N ILE A 54 3.06 3.48 3.81
CA ILE A 54 2.50 3.13 2.51
C ILE A 54 1.93 4.38 1.87
N LEU A 55 1.06 5.08 2.60
CA LEU A 55 0.17 6.09 2.03
C LEU A 55 0.67 7.52 2.19
N GLY A 56 1.70 7.75 3.00
CA GLY A 56 2.10 9.07 3.47
C GLY A 56 0.97 9.83 4.20
N LEU A 57 -0.06 9.18 4.74
CA LEU A 57 -1.22 9.86 5.32
C LEU A 57 -1.08 10.04 6.83
N THR A 58 -1.76 11.04 7.40
CA THR A 58 -1.77 11.28 8.84
C THR A 58 -2.60 10.18 9.53
N GLN A 59 -2.52 10.07 10.86
CA GLN A 59 -3.43 9.21 11.61
C GLN A 59 -4.89 9.60 11.33
N GLY A 60 -5.23 10.89 11.27
CA GLY A 60 -6.59 11.33 11.02
C GLY A 60 -7.04 10.93 9.62
N SER A 61 -6.22 11.27 8.63
CA SER A 61 -6.52 11.04 7.23
C SER A 61 -6.71 9.55 6.97
N VAL A 62 -5.85 8.70 7.53
CA VAL A 62 -5.91 7.27 7.31
C VAL A 62 -7.02 6.62 8.14
N SER A 63 -7.34 7.14 9.34
CA SER A 63 -8.49 6.68 10.11
C SER A 63 -9.72 6.85 9.23
N ASP A 64 -9.92 8.06 8.71
CA ASP A 64 -11.05 8.38 7.88
C ASP A 64 -11.04 7.56 6.59
N LEU A 65 -9.88 7.35 5.96
CA LEU A 65 -9.79 6.58 4.74
C LEU A 65 -10.27 5.15 4.95
N LEU A 66 -9.73 4.48 5.97
CA LEU A 66 -9.97 3.07 6.24
C LEU A 66 -11.36 2.85 6.83
N SER A 67 -11.81 3.80 7.64
CA SER A 67 -13.18 3.84 8.13
C SER A 67 -14.13 3.98 6.95
N ARG A 68 -13.98 5.04 6.17
CA ARG A 68 -14.97 5.58 5.26
C ARG A 68 -14.33 5.90 3.91
N PRO A 69 -14.06 4.88 3.07
CA PRO A 69 -13.70 5.12 1.69
C PRO A 69 -14.94 5.62 0.94
N LYS A 70 -14.76 6.55 0.00
CA LYS A 70 -15.73 6.79 -1.05
C LYS A 70 -15.56 5.71 -2.13
N PRO A 71 -16.57 5.51 -3.00
CA PRO A 71 -16.51 4.46 -4.01
C PRO A 71 -15.49 4.82 -5.09
N TRP A 72 -15.07 3.83 -5.87
CA TRP A 72 -14.12 4.02 -6.95
C TRP A 72 -14.66 5.00 -7.99
N HIS A 73 -15.98 5.02 -8.24
CA HIS A 73 -16.58 5.97 -9.18
C HIS A 73 -16.53 7.42 -8.67
N LYS A 74 -16.31 7.64 -7.36
CA LYS A 74 -16.27 8.97 -6.73
C LYS A 74 -14.86 9.45 -6.53
N LEU A 75 -13.92 8.54 -6.32
CA LEU A 75 -12.52 8.89 -6.20
C LEU A 75 -11.98 9.08 -7.60
N SER A 76 -11.44 10.24 -7.90
CA SER A 76 -10.65 10.49 -9.11
C SER A 76 -9.30 9.76 -8.98
N LEU A 77 -8.39 9.86 -9.96
CA LEU A 77 -7.07 9.21 -9.86
C LEU A 77 -6.37 9.59 -8.55
N LYS A 78 -6.36 10.89 -8.20
CA LYS A 78 -5.90 11.43 -6.94
C LYS A 78 -6.60 10.85 -5.71
N GLY A 79 -7.87 10.46 -5.85
CA GLY A 79 -8.62 9.76 -4.84
C GLY A 79 -8.19 8.31 -4.70
N ARG A 80 -7.81 7.67 -5.81
CA ARG A 80 -7.54 6.24 -5.90
C ARG A 80 -6.10 5.91 -5.56
N GLU A 81 -5.19 6.88 -5.66
CA GLU A 81 -3.78 6.80 -5.31
C GLU A 81 -3.52 5.90 -4.09
N PRO A 82 -4.13 6.16 -2.91
CA PRO A 82 -3.85 5.35 -1.74
C PRO A 82 -4.42 3.94 -1.89
N PHE A 83 -5.64 3.77 -2.40
CA PHE A 83 -6.30 2.47 -2.52
C PHE A 83 -5.56 1.53 -3.47
N VAL A 84 -4.95 2.07 -4.52
CA VAL A 84 -4.06 1.30 -5.39
C VAL A 84 -2.87 0.81 -4.57
N ARG A 85 -2.19 1.69 -3.84
CA ARG A 85 -1.07 1.29 -3.01
C ARG A 85 -1.49 0.17 -2.03
N MET A 86 -2.65 0.30 -1.36
CA MET A 86 -3.21 -0.69 -0.46
C MET A 86 -3.43 -2.03 -1.16
N GLN A 87 -4.09 -2.04 -2.32
CA GLN A 87 -4.37 -3.26 -3.07
C GLN A 87 -3.07 -4.04 -3.33
N LEU A 88 -2.01 -3.39 -3.81
CA LEU A 88 -0.75 -4.07 -4.08
C LEU A 88 -0.06 -4.49 -2.79
N TRP A 89 -0.14 -3.68 -1.72
CA TRP A 89 0.38 -4.02 -0.40
C TRP A 89 -0.34 -5.23 0.19
N LEU A 90 -1.57 -5.50 -0.23
CA LEU A 90 -2.36 -6.65 0.20
C LEU A 90 -2.09 -7.92 -0.62
N ASN A 91 -1.28 -7.83 -1.65
CA ASN A 91 -0.77 -8.96 -2.43
C ASN A 91 0.64 -9.30 -1.97
N ASP A 92 1.50 -8.29 -1.87
CA ASP A 92 2.92 -8.44 -1.54
C ASP A 92 3.03 -9.25 -0.25
N PRO A 93 3.72 -10.42 -0.25
CA PRO A 93 3.65 -11.34 0.88
C PRO A 93 4.50 -10.88 2.07
N HIS A 94 5.46 -9.97 1.88
CA HIS A 94 6.31 -9.46 2.97
C HIS A 94 5.91 -8.05 3.41
N ASN A 95 4.80 -7.55 2.86
CA ASN A 95 4.06 -6.35 3.24
C ASN A 95 4.13 -6.06 4.75
N VAL A 96 3.63 -6.95 5.62
CA VAL A 96 3.52 -6.73 7.04
C VAL A 96 4.90 -6.67 7.69
N GLU A 97 5.86 -7.44 7.21
CA GLU A 97 7.18 -7.50 7.80
C GLU A 97 7.92 -6.19 7.57
N LYS A 98 7.94 -5.69 6.33
CA LYS A 98 8.46 -4.36 6.04
C LYS A 98 7.74 -3.31 6.90
N LEU A 99 6.42 -3.40 6.98
CA LEU A 99 5.63 -2.45 7.77
C LEU A 99 6.02 -2.49 9.25
N ARG A 100 6.26 -3.68 9.80
CA ARG A 100 6.73 -3.84 11.16
C ARG A 100 8.13 -3.30 11.33
N ASP A 101 9.02 -3.53 10.36
CA ASP A 101 10.42 -3.13 10.38
C ASP A 101 10.57 -1.63 10.54
N MET A 102 9.67 -0.86 9.93
CA MET A 102 9.61 0.58 10.06
C MET A 102 9.60 1.04 11.53
N LYS A 103 9.00 0.24 12.42
CA LYS A 103 9.01 0.50 13.85
C LYS A 103 10.15 -0.25 14.55
N LYS A 104 10.25 -1.57 14.34
CA LYS A 104 11.07 -2.53 15.09
C LYS A 104 11.02 -2.27 16.61
N LEU A 105 11.98 -2.77 17.41
CA LEU A 105 12.12 -2.38 18.80
C LEU A 105 12.66 -0.95 18.95
N SER A 106 12.78 -0.48 20.18
CA SER A 106 13.58 0.70 20.51
C SER A 106 14.15 0.42 21.89
N GLY A 107 15.45 0.13 21.96
CA GLY A 107 16.13 -0.35 23.15
C GLY A 107 16.35 -1.87 23.07
N PRO A 108 17.07 -2.46 24.03
CA PRO A 108 17.41 -3.88 24.07
C PRO A 108 16.22 -4.78 24.46
N SER A 109 15.05 -4.55 23.87
CA SER A 109 13.91 -5.45 23.99
C SER A 109 14.30 -6.77 23.34
N SER A 110 14.16 -7.87 24.08
CA SER A 110 14.35 -9.22 23.57
C SER A 110 13.28 -9.50 22.50
N GLY A 111 13.58 -10.38 21.55
CA GLY A 111 12.67 -10.72 20.47
C GLY A 111 13.46 -11.10 19.25
N GLY A 1 36.16 -26.60 -31.12
CA GLY A 1 34.98 -26.59 -32.00
C GLY A 1 33.84 -26.06 -31.15
N SER A 2 33.33 -24.88 -31.49
CA SER A 2 32.59 -24.03 -30.58
C SER A 2 32.05 -22.85 -31.40
N SER A 3 31.17 -22.05 -30.82
CA SER A 3 30.74 -20.76 -31.34
C SER A 3 30.37 -19.90 -30.13
N GLY A 4 29.99 -18.65 -30.38
CA GLY A 4 29.64 -17.67 -29.37
C GLY A 4 29.27 -16.37 -30.08
N SER A 5 28.08 -16.33 -30.67
CA SER A 5 27.57 -15.17 -31.38
C SER A 5 26.11 -15.04 -30.99
N SER A 6 25.82 -14.11 -30.08
CA SER A 6 24.51 -13.68 -29.63
C SER A 6 24.71 -12.34 -28.94
N GLY A 7 23.62 -11.65 -28.61
CA GLY A 7 23.63 -10.43 -27.82
C GLY A 7 22.20 -10.13 -27.40
N TYR A 8 22.04 -9.19 -26.48
CA TYR A 8 20.75 -8.74 -26.00
C TYR A 8 20.93 -7.32 -25.47
N SER A 9 19.81 -6.65 -25.24
CA SER A 9 19.65 -5.49 -24.38
C SER A 9 18.17 -5.45 -24.02
N GLY A 10 17.81 -4.77 -22.95
CA GLY A 10 16.44 -4.51 -22.59
C GLY A 10 16.40 -3.23 -21.77
N SER A 11 15.21 -2.66 -21.60
CA SER A 11 15.00 -1.53 -20.73
C SER A 11 13.65 -1.70 -20.03
N GLN A 12 13.37 -0.85 -19.04
CA GLN A 12 12.15 -0.77 -18.26
C GLN A 12 11.93 0.72 -17.98
N ALA A 13 10.96 1.09 -17.16
CA ALA A 13 10.77 2.47 -16.69
C ALA A 13 10.50 2.43 -15.18
N PRO A 14 10.72 3.53 -14.45
CA PRO A 14 10.38 3.60 -13.04
C PRO A 14 8.85 3.62 -12.85
N GLY A 15 8.09 4.05 -13.86
CA GLY A 15 6.67 4.26 -13.76
C GLY A 15 6.37 5.36 -12.75
N GLY A 16 5.13 5.40 -12.26
CA GLY A 16 4.80 6.09 -11.04
C GLY A 16 3.46 5.61 -10.51
N ILE A 17 3.01 6.17 -9.40
CA ILE A 17 1.72 5.81 -8.83
C ILE A 17 0.59 6.25 -9.76
N GLN A 18 0.59 7.50 -10.25
CA GLN A 18 -0.53 8.00 -11.04
C GLN A 18 -0.73 7.19 -12.32
N GLU A 19 0.34 6.71 -12.93
CA GLU A 19 0.38 5.82 -14.08
C GLU A 19 -0.25 4.47 -13.75
N ILE A 20 0.13 3.83 -12.64
CA ILE A 20 -0.47 2.57 -12.24
C ILE A 20 -1.95 2.77 -11.94
N VAL A 21 -2.32 3.85 -11.25
CA VAL A 21 -3.70 4.19 -10.96
C VAL A 21 -4.47 4.39 -12.27
N ALA A 22 -3.84 5.00 -13.28
CA ALA A 22 -4.46 5.20 -14.59
C ALA A 22 -4.87 3.85 -15.19
N MET A 23 -3.96 2.89 -15.07
CA MET A 23 -4.10 1.53 -15.56
C MET A 23 -4.90 0.63 -14.60
N SER A 24 -5.39 1.15 -13.47
CA SER A 24 -6.09 0.36 -12.48
C SER A 24 -7.49 0.04 -13.00
N PRO A 25 -8.00 -1.18 -12.76
CA PRO A 25 -9.42 -1.46 -12.86
C PRO A 25 -10.15 -0.83 -11.65
N GLU A 26 -11.47 -0.96 -11.63
CA GLU A 26 -12.30 -0.63 -10.47
C GLU A 26 -11.85 -1.45 -9.27
N LEU A 27 -11.19 -0.81 -8.32
CA LEU A 27 -10.65 -1.38 -7.09
C LEU A 27 -11.64 -1.07 -5.97
N ASP A 28 -12.31 -2.10 -5.45
CA ASP A 28 -13.36 -1.97 -4.45
C ASP A 28 -12.84 -1.36 -3.16
N THR A 29 -13.10 -0.05 -2.97
CA THR A 29 -12.49 0.74 -1.91
C THR A 29 -12.78 0.10 -0.56
N TYR A 30 -14.06 -0.11 -0.24
CA TYR A 30 -14.54 -0.80 0.95
C TYR A 30 -13.81 -2.13 1.17
N SER A 31 -13.85 -3.03 0.18
CA SER A 31 -13.25 -4.37 0.25
C SER A 31 -11.76 -4.27 0.60
N ILE A 32 -11.03 -3.37 -0.05
CA ILE A 32 -9.62 -3.11 0.27
C ILE A 32 -9.55 -2.62 1.71
N THR A 33 -10.28 -1.58 2.13
CA THR A 33 -10.16 -1.05 3.49
C THR A 33 -10.40 -2.12 4.55
N LYS A 34 -11.38 -2.99 4.32
CA LYS A 34 -11.72 -4.12 5.16
C LYS A 34 -10.49 -5.01 5.21
N ARG A 35 -10.03 -5.53 4.08
CA ARG A 35 -8.92 -6.47 4.03
C ARG A 35 -7.63 -5.87 4.63
N VAL A 36 -7.41 -4.56 4.47
CA VAL A 36 -6.30 -3.84 5.06
C VAL A 36 -6.47 -3.81 6.58
N LYS A 37 -7.64 -3.40 7.08
CA LYS A 37 -7.92 -3.36 8.51
C LYS A 37 -7.82 -4.74 9.12
N GLU A 38 -8.30 -5.78 8.44
CA GLU A 38 -8.16 -7.16 8.86
C GLU A 38 -6.69 -7.43 9.18
N VAL A 39 -5.78 -7.21 8.23
CA VAL A 39 -4.34 -7.44 8.39
C VAL A 39 -3.75 -6.61 9.56
N LEU A 40 -4.14 -5.33 9.68
CA LEU A 40 -3.60 -4.47 10.75
C LEU A 40 -4.19 -4.83 12.11
N THR A 41 -5.42 -5.33 12.16
CA THR A 41 -5.99 -5.93 13.35
C THR A 41 -5.26 -7.22 13.69
N ASP A 42 -5.02 -8.10 12.71
CA ASP A 42 -4.39 -9.42 12.86
C ASP A 42 -3.05 -9.24 13.54
N ASN A 43 -2.22 -8.39 12.94
CA ASN A 43 -0.86 -8.12 13.38
C ASN A 43 -0.83 -7.11 14.52
N ASN A 44 -1.96 -6.52 14.89
CA ASN A 44 -2.10 -5.49 15.94
C ASN A 44 -1.29 -4.23 15.60
N LEU A 45 -1.10 -3.95 14.31
CA LEU A 45 -0.32 -2.84 13.80
C LEU A 45 -1.17 -1.57 13.79
N GLY A 46 -0.54 -0.43 14.09
CA GLY A 46 -1.19 0.86 14.13
C GLY A 46 -1.48 1.37 12.73
N GLN A 47 -2.64 2.01 12.53
CA GLN A 47 -3.05 2.56 11.27
C GLN A 47 -2.12 3.69 10.83
N ARG A 48 -1.67 4.59 11.73
CA ARG A 48 -0.75 5.67 11.33
C ARG A 48 0.47 5.06 10.68
N LEU A 49 1.05 4.02 11.29
CA LEU A 49 2.25 3.36 10.80
C LEU A 49 2.05 2.99 9.33
N PHE A 50 0.98 2.24 9.06
CA PHE A 50 0.60 1.82 7.72
C PHE A 50 0.45 3.03 6.78
N GLY A 51 -0.25 4.08 7.21
CA GLY A 51 -0.40 5.28 6.40
C GLY A 51 0.96 5.89 6.11
N GLU A 52 1.74 6.21 7.13
CA GLU A 52 3.04 6.85 7.03
C GLU A 52 4.04 6.05 6.17
N SER A 53 3.95 4.72 6.16
CA SER A 53 4.77 3.84 5.33
C SER A 53 4.23 3.84 3.90
N ILE A 54 3.01 3.34 3.71
CA ILE A 54 2.54 2.90 2.41
C ILE A 54 1.89 4.07 1.69
N LEU A 55 1.12 4.87 2.41
CA LEU A 55 0.22 5.87 1.83
C LEU A 55 0.71 7.31 1.92
N GLY A 56 1.68 7.58 2.80
CA GLY A 56 2.08 8.92 3.18
C GLY A 56 0.94 9.71 3.83
N LEU A 57 0.17 9.14 4.76
CA LEU A 57 -0.93 9.82 5.45
C LEU A 57 -0.77 9.77 6.97
N THR A 58 -1.23 10.83 7.66
CA THR A 58 -1.30 10.86 9.12
C THR A 58 -2.43 9.96 9.65
N GLN A 59 -2.43 9.74 10.97
CA GLN A 59 -3.35 8.83 11.66
C GLN A 59 -4.80 9.16 11.34
N GLY A 60 -5.19 10.43 11.51
CA GLY A 60 -6.56 10.85 11.32
C GLY A 60 -7.01 10.62 9.88
N SER A 61 -6.22 11.10 8.92
CA SER A 61 -6.55 10.99 7.51
C SER A 61 -6.72 9.53 7.13
N VAL A 62 -5.80 8.66 7.54
CA VAL A 62 -5.82 7.26 7.15
C VAL A 62 -6.95 6.51 7.88
N SER A 63 -7.21 6.81 9.16
CA SER A 63 -8.34 6.25 9.87
C SER A 63 -9.62 6.62 9.13
N ASP A 64 -9.80 7.90 8.79
CA ASP A 64 -10.95 8.36 8.03
C ASP A 64 -11.07 7.58 6.74
N LEU A 65 -9.96 7.40 6.02
CA LEU A 65 -9.93 6.69 4.74
C LEU A 65 -10.41 5.25 4.90
N LEU A 66 -10.05 4.61 6.01
CA LEU A 66 -10.40 3.21 6.33
C LEU A 66 -11.78 3.05 6.96
N SER A 67 -12.29 4.13 7.54
CA SER A 67 -13.61 4.23 8.15
C SER A 67 -14.71 4.53 7.14
N ARG A 68 -14.47 5.46 6.21
CA ARG A 68 -15.49 6.03 5.33
C ARG A 68 -15.06 6.02 3.85
N PRO A 69 -14.47 4.93 3.33
CA PRO A 69 -13.83 4.92 2.03
C PRO A 69 -14.79 5.38 0.94
N LYS A 70 -14.53 6.56 0.37
CA LYS A 70 -15.35 7.03 -0.73
C LYS A 70 -15.27 6.00 -1.88
N PRO A 71 -16.32 5.89 -2.69
CA PRO A 71 -16.39 4.89 -3.74
C PRO A 71 -15.36 5.15 -4.84
N TRP A 72 -15.00 4.13 -5.61
CA TRP A 72 -14.06 4.28 -6.71
C TRP A 72 -14.52 5.35 -7.71
N HIS A 73 -15.82 5.46 -7.98
CA HIS A 73 -16.37 6.50 -8.86
C HIS A 73 -16.12 7.91 -8.32
N LYS A 74 -16.13 8.10 -6.99
CA LYS A 74 -15.93 9.40 -6.34
C LYS A 74 -14.48 9.80 -6.38
N LEU A 75 -13.58 8.84 -6.25
CA LEU A 75 -12.17 9.14 -6.11
C LEU A 75 -11.63 9.47 -7.49
N SER A 76 -11.01 10.65 -7.61
CA SER A 76 -10.19 11.01 -8.78
C SER A 76 -8.96 10.10 -8.84
N LEU A 77 -8.05 10.22 -9.83
CA LEU A 77 -6.79 9.48 -9.82
C LEU A 77 -6.04 9.75 -8.50
N LYS A 78 -6.00 11.01 -8.08
CA LYS A 78 -5.42 11.41 -6.79
C LYS A 78 -6.16 10.86 -5.58
N GLY A 79 -7.44 10.53 -5.73
CA GLY A 79 -8.22 9.86 -4.70
C GLY A 79 -7.89 8.37 -4.60
N ARG A 80 -7.48 7.77 -5.71
CA ARG A 80 -7.29 6.33 -5.82
C ARG A 80 -5.87 5.94 -5.48
N GLU A 81 -4.91 6.87 -5.61
CA GLU A 81 -3.50 6.74 -5.26
C GLU A 81 -3.31 5.85 -4.02
N PRO A 82 -3.89 6.19 -2.85
CA PRO A 82 -3.64 5.41 -1.65
C PRO A 82 -4.20 4.00 -1.80
N PHE A 83 -5.45 3.84 -2.25
CA PHE A 83 -6.10 2.54 -2.32
C PHE A 83 -5.38 1.59 -3.27
N VAL A 84 -4.86 2.08 -4.40
CA VAL A 84 -4.08 1.25 -5.31
C VAL A 84 -2.83 0.75 -4.58
N ARG A 85 -2.11 1.62 -3.86
CA ARG A 85 -0.97 1.20 -3.05
C ARG A 85 -1.38 0.12 -2.05
N MET A 86 -2.53 0.26 -1.36
CA MET A 86 -3.03 -0.76 -0.46
C MET A 86 -3.27 -2.09 -1.16
N GLN A 87 -3.95 -2.11 -2.31
CA GLN A 87 -4.26 -3.34 -3.04
C GLN A 87 -2.99 -4.14 -3.35
N LEU A 88 -1.93 -3.46 -3.80
CA LEU A 88 -0.63 -4.09 -4.05
C LEU A 88 0.02 -4.52 -2.75
N TRP A 89 0.03 -3.69 -1.70
CA TRP A 89 0.64 -4.03 -0.42
C TRP A 89 0.00 -5.31 0.11
N LEU A 90 -1.31 -5.46 -0.04
CA LEU A 90 -2.04 -6.65 0.37
C LEU A 90 -1.64 -7.93 -0.37
N ASN A 91 -0.98 -7.83 -1.53
CA ASN A 91 -0.50 -8.97 -2.32
C ASN A 91 1.01 -9.20 -2.14
N ASP A 92 1.74 -8.24 -1.58
CA ASP A 92 3.19 -8.27 -1.46
C ASP A 92 3.55 -9.24 -0.33
N PRO A 93 4.52 -10.16 -0.49
CA PRO A 93 4.70 -11.23 0.48
C PRO A 93 5.33 -10.76 1.80
N HIS A 94 6.18 -9.73 1.78
CA HIS A 94 6.85 -9.15 2.96
C HIS A 94 6.23 -7.80 3.34
N ASN A 95 5.04 -7.49 2.83
CA ASN A 95 4.24 -6.31 3.12
C ASN A 95 4.23 -5.89 4.59
N VAL A 96 3.76 -6.78 5.46
CA VAL A 96 3.61 -6.56 6.87
C VAL A 96 4.97 -6.65 7.52
N GLU A 97 5.83 -7.56 7.10
CA GLU A 97 7.18 -7.69 7.64
C GLU A 97 7.91 -6.34 7.57
N LYS A 98 7.97 -5.72 6.38
CA LYS A 98 8.52 -4.39 6.21
C LYS A 98 7.73 -3.31 6.94
N LEU A 99 6.44 -3.50 7.21
CA LEU A 99 5.67 -2.57 8.04
C LEU A 99 6.09 -2.69 9.49
N ARG A 100 6.21 -3.92 10.02
CA ARG A 100 6.64 -4.18 11.38
C ARG A 100 8.04 -3.62 11.56
N ASP A 101 8.93 -3.81 10.58
CA ASP A 101 10.31 -3.36 10.66
C ASP A 101 10.46 -1.84 10.84
N MET A 102 9.47 -1.06 10.38
CA MET A 102 9.44 0.38 10.63
C MET A 102 9.30 0.70 12.13
N LYS A 103 8.84 -0.26 12.93
CA LYS A 103 8.84 -0.27 14.39
C LYS A 103 9.99 -1.10 14.97
N LYS A 104 10.26 -2.26 14.36
CA LYS A 104 10.98 -3.41 14.90
C LYS A 104 10.54 -3.71 16.33
N LEU A 105 11.44 -4.29 17.14
CA LEU A 105 11.47 -4.37 18.60
C LEU A 105 10.14 -4.09 19.29
N SER A 106 9.25 -5.06 19.24
CA SER A 106 8.06 -5.18 20.08
C SER A 106 7.62 -6.63 20.23
N GLY A 107 7.88 -7.49 19.24
CA GLY A 107 7.32 -8.82 19.20
C GLY A 107 8.00 -9.80 20.17
N PRO A 108 7.42 -11.00 20.30
CA PRO A 108 7.96 -12.04 21.16
C PRO A 108 9.24 -12.61 20.54
N SER A 109 10.39 -12.22 21.09
CA SER A 109 11.74 -12.71 20.81
C SER A 109 12.25 -12.40 19.40
N SER A 110 11.50 -12.70 18.34
CA SER A 110 11.81 -12.31 16.98
C SER A 110 11.74 -10.78 16.89
N GLY A 111 12.90 -10.14 16.82
CA GLY A 111 13.11 -8.71 16.74
C GLY A 111 14.54 -8.47 16.35
N GLY A 1 36.94 -27.73 -2.47
CA GLY A 1 37.21 -26.30 -2.31
C GLY A 1 36.04 -25.61 -2.96
N SER A 2 35.11 -25.08 -2.16
CA SER A 2 33.71 -25.15 -2.51
C SER A 2 32.94 -24.44 -1.42
N SER A 3 32.52 -23.20 -1.66
CA SER A 3 31.64 -22.41 -0.81
C SER A 3 31.11 -21.24 -1.66
N GLY A 4 30.31 -20.36 -1.07
CA GLY A 4 29.68 -19.23 -1.72
C GLY A 4 28.18 -19.45 -1.81
N SER A 5 27.40 -18.42 -1.46
CA SER A 5 25.94 -18.43 -1.52
C SER A 5 25.53 -16.96 -1.54
N SER A 6 25.44 -16.35 -2.72
CA SER A 6 24.89 -15.01 -2.89
C SER A 6 24.48 -14.78 -4.33
N GLY A 7 23.94 -13.59 -4.62
CA GLY A 7 23.42 -13.17 -5.91
C GLY A 7 22.29 -12.19 -5.67
N TYR A 8 21.59 -11.81 -6.74
CA TYR A 8 20.26 -11.23 -6.75
C TYR A 8 20.15 -9.97 -5.85
N SER A 9 20.56 -8.82 -6.36
CA SER A 9 20.43 -7.53 -5.71
C SER A 9 20.40 -6.43 -6.78
N GLY A 10 19.22 -5.90 -7.08
CA GLY A 10 19.01 -4.85 -8.06
C GLY A 10 17.50 -4.64 -8.24
N SER A 11 17.05 -4.46 -9.49
CA SER A 11 15.64 -4.31 -9.86
C SER A 11 15.05 -3.03 -9.27
N GLN A 12 15.45 -1.89 -9.82
CA GLN A 12 14.75 -0.61 -9.71
C GLN A 12 14.35 -0.15 -11.12
N ALA A 13 13.17 0.46 -11.23
CA ALA A 13 12.61 1.09 -12.41
C ALA A 13 11.57 2.12 -11.95
N PRO A 14 11.44 3.27 -12.63
CA PRO A 14 10.58 4.37 -12.19
C PRO A 14 9.11 4.04 -12.41
N GLY A 15 8.33 4.01 -11.33
CA GLY A 15 6.89 3.75 -11.33
C GLY A 15 6.16 4.94 -10.72
N GLY A 16 5.78 5.94 -11.52
CA GLY A 16 4.91 7.03 -11.10
C GLY A 16 3.53 6.48 -10.74
N ILE A 17 3.11 6.65 -9.48
CA ILE A 17 1.88 6.06 -8.94
C ILE A 17 0.67 6.39 -9.81
N GLN A 18 0.54 7.62 -10.31
CA GLN A 18 -0.62 8.05 -11.07
C GLN A 18 -0.79 7.28 -12.38
N GLU A 19 0.29 6.76 -12.97
CA GLU A 19 0.23 5.90 -14.12
C GLU A 19 -0.38 4.56 -13.74
N ILE A 20 0.06 3.99 -12.62
CA ILE A 20 -0.45 2.72 -12.10
C ILE A 20 -1.93 2.89 -11.74
N VAL A 21 -2.32 4.00 -11.12
CA VAL A 21 -3.72 4.30 -10.85
C VAL A 21 -4.46 4.43 -12.17
N ALA A 22 -3.84 5.01 -13.19
CA ALA A 22 -4.46 5.19 -14.50
C ALA A 22 -4.68 3.83 -15.17
N MET A 23 -3.74 2.90 -15.07
CA MET A 23 -3.92 1.52 -15.54
C MET A 23 -4.66 0.65 -14.51
N SER A 24 -5.10 1.17 -13.36
CA SER A 24 -5.85 0.36 -12.41
C SER A 24 -7.26 0.14 -12.97
N PRO A 25 -7.80 -1.10 -12.87
CA PRO A 25 -9.21 -1.39 -13.09
C PRO A 25 -10.05 -0.77 -11.97
N GLU A 26 -11.37 -0.91 -12.03
CA GLU A 26 -12.19 -0.57 -10.87
C GLU A 26 -11.77 -1.45 -9.70
N LEU A 27 -11.59 -0.83 -8.54
CA LEU A 27 -11.06 -1.41 -7.31
C LEU A 27 -12.14 -1.28 -6.25
N ASP A 28 -12.35 -2.32 -5.45
CA ASP A 28 -13.39 -2.32 -4.42
C ASP A 28 -12.84 -1.57 -3.21
N THR A 29 -13.04 -0.25 -3.16
CA THR A 29 -12.55 0.63 -2.09
C THR A 29 -12.82 0.01 -0.71
N TYR A 30 -14.09 -0.27 -0.42
CA TYR A 30 -14.59 -0.90 0.77
C TYR A 30 -13.87 -2.21 1.10
N SER A 31 -13.81 -3.13 0.13
CA SER A 31 -13.18 -4.42 0.36
C SER A 31 -11.70 -4.25 0.71
N ILE A 32 -10.98 -3.40 -0.02
CA ILE A 32 -9.59 -3.08 0.27
C ILE A 32 -9.51 -2.57 1.70
N THR A 33 -10.29 -1.55 2.09
CA THR A 33 -10.17 -0.99 3.44
C THR A 33 -10.39 -2.03 4.54
N LYS A 34 -11.40 -2.89 4.36
CA LYS A 34 -11.71 -3.97 5.27
C LYS A 34 -10.50 -4.87 5.34
N ARG A 35 -10.09 -5.47 4.23
CA ARG A 35 -9.00 -6.44 4.16
C ARG A 35 -7.71 -5.85 4.75
N VAL A 36 -7.43 -4.58 4.50
CA VAL A 36 -6.29 -3.88 5.05
C VAL A 36 -6.44 -3.81 6.58
N LYS A 37 -7.58 -3.34 7.09
CA LYS A 37 -7.84 -3.29 8.53
C LYS A 37 -7.75 -4.66 9.18
N GLU A 38 -8.26 -5.70 8.53
CA GLU A 38 -8.13 -7.07 9.00
C GLU A 38 -6.65 -7.35 9.23
N VAL A 39 -5.81 -7.28 8.19
CA VAL A 39 -4.38 -7.55 8.28
C VAL A 39 -3.71 -6.71 9.38
N LEU A 40 -4.02 -5.42 9.49
CA LEU A 40 -3.43 -4.55 10.52
C LEU A 40 -3.87 -4.98 11.92
N THR A 41 -5.15 -5.31 12.11
CA THR A 41 -5.69 -5.80 13.35
C THR A 41 -5.00 -7.12 13.71
N ASP A 42 -4.95 -8.05 12.76
CA ASP A 42 -4.48 -9.42 12.88
C ASP A 42 -2.97 -9.49 13.16
N ASN A 43 -2.25 -8.36 13.08
CA ASN A 43 -0.84 -8.22 13.43
C ASN A 43 -0.62 -7.16 14.50
N ASN A 44 -1.70 -6.62 15.07
CA ASN A 44 -1.81 -5.52 16.02
C ASN A 44 -0.91 -4.34 15.68
N LEU A 45 -1.21 -3.72 14.54
CA LEU A 45 -0.49 -2.61 13.96
C LEU A 45 -1.36 -1.36 14.04
N GLY A 46 -0.74 -0.28 14.52
CA GLY A 46 -1.30 1.06 14.53
C GLY A 46 -1.46 1.53 13.09
N GLN A 47 -2.69 1.84 12.69
CA GLN A 47 -3.05 2.32 11.36
C GLN A 47 -2.17 3.48 10.88
N ARG A 48 -1.73 4.37 11.78
CA ARG A 48 -0.87 5.50 11.39
C ARG A 48 0.37 5.01 10.67
N LEU A 49 1.00 3.95 11.16
CA LEU A 49 2.28 3.49 10.66
C LEU A 49 2.12 3.05 9.22
N PHE A 50 1.14 2.18 8.99
CA PHE A 50 0.69 1.85 7.64
C PHE A 50 0.45 3.11 6.77
N GLY A 51 -0.27 4.11 7.28
CA GLY A 51 -0.51 5.34 6.54
C GLY A 51 0.77 6.08 6.22
N GLU A 52 1.73 6.14 7.14
CA GLU A 52 3.02 6.80 7.00
C GLU A 52 3.88 6.04 5.97
N SER A 53 4.03 4.72 6.17
CA SER A 53 4.85 3.82 5.38
C SER A 53 4.42 3.79 3.92
N ILE A 54 3.10 3.76 3.67
CA ILE A 54 2.56 3.39 2.35
C ILE A 54 1.83 4.59 1.73
N LEU A 55 0.95 5.22 2.50
CA LEU A 55 -0.12 6.06 1.95
C LEU A 55 0.11 7.57 2.02
N GLY A 56 1.06 8.02 2.82
CA GLY A 56 1.32 9.43 3.06
C GLY A 56 0.16 10.13 3.75
N LEU A 57 -0.50 9.48 4.73
CA LEU A 57 -1.64 10.06 5.44
C LEU A 57 -1.40 10.10 6.95
N THR A 58 -1.89 11.17 7.58
CA THR A 58 -1.92 11.31 9.03
C THR A 58 -2.84 10.24 9.63
N GLN A 59 -2.72 9.97 10.94
CA GLN A 59 -3.51 8.96 11.64
C GLN A 59 -5.01 9.20 11.45
N GLY A 60 -5.49 10.42 11.72
CA GLY A 60 -6.90 10.74 11.55
C GLY A 60 -7.35 10.55 10.09
N SER A 61 -6.52 10.93 9.13
CA SER A 61 -6.83 10.86 7.70
C SER A 61 -6.88 9.41 7.22
N VAL A 62 -5.93 8.57 7.64
CA VAL A 62 -5.97 7.16 7.29
C VAL A 62 -7.13 6.49 8.04
N SER A 63 -7.51 6.99 9.24
CA SER A 63 -8.71 6.55 9.93
C SER A 63 -9.91 6.85 9.03
N ASP A 64 -10.09 8.10 8.58
CA ASP A 64 -11.17 8.51 7.67
C ASP A 64 -11.18 7.66 6.40
N LEU A 65 -10.00 7.30 5.87
CA LEU A 65 -9.94 6.52 4.65
C LEU A 65 -10.50 5.12 4.89
N LEU A 66 -10.03 4.46 5.96
CA LEU A 66 -10.36 3.08 6.30
C LEU A 66 -11.71 2.93 7.00
N SER A 67 -12.18 4.01 7.61
CA SER A 67 -13.42 4.10 8.38
C SER A 67 -14.59 4.48 7.47
N ARG A 68 -14.39 5.41 6.52
CA ARG A 68 -15.44 5.86 5.62
C ARG A 68 -14.88 5.97 4.20
N PRO A 69 -14.46 4.87 3.56
CA PRO A 69 -13.96 4.90 2.20
C PRO A 69 -15.05 5.38 1.26
N LYS A 70 -14.76 6.41 0.47
CA LYS A 70 -15.67 6.82 -0.59
C LYS A 70 -15.67 5.75 -1.70
N PRO A 71 -16.73 5.68 -2.52
CA PRO A 71 -16.81 4.70 -3.59
C PRO A 71 -15.77 5.06 -4.69
N TRP A 72 -15.48 4.13 -5.60
CA TRP A 72 -14.40 4.30 -6.57
C TRP A 72 -14.72 5.39 -7.62
N HIS A 73 -15.95 5.46 -8.14
CA HIS A 73 -16.36 6.56 -9.02
C HIS A 73 -16.20 7.94 -8.35
N LYS A 74 -16.31 8.06 -7.02
CA LYS A 74 -16.24 9.29 -6.25
C LYS A 74 -14.82 9.77 -6.10
N LEU A 75 -13.86 8.86 -6.09
CA LEU A 75 -12.45 9.17 -5.96
C LEU A 75 -11.92 9.45 -7.35
N SER A 76 -11.30 10.61 -7.55
CA SER A 76 -10.49 10.92 -8.72
C SER A 76 -9.18 10.10 -8.65
N LEU A 77 -8.30 10.20 -9.64
CA LEU A 77 -6.99 9.53 -9.64
C LEU A 77 -6.23 9.80 -8.34
N LYS A 78 -6.07 11.07 -7.96
CA LYS A 78 -5.47 11.48 -6.68
C LYS A 78 -6.16 10.87 -5.45
N GLY A 79 -7.46 10.58 -5.55
CA GLY A 79 -8.23 9.90 -4.51
C GLY A 79 -7.90 8.42 -4.42
N ARG A 80 -7.55 7.78 -5.53
CA ARG A 80 -7.35 6.34 -5.62
C ARG A 80 -5.92 5.94 -5.34
N GLU A 81 -4.96 6.86 -5.49
CA GLU A 81 -3.55 6.69 -5.17
C GLU A 81 -3.34 5.80 -3.95
N PRO A 82 -3.89 6.12 -2.76
CA PRO A 82 -3.66 5.30 -1.59
C PRO A 82 -4.30 3.91 -1.76
N PHE A 83 -5.55 3.80 -2.23
CA PHE A 83 -6.22 2.50 -2.36
C PHE A 83 -5.51 1.57 -3.34
N VAL A 84 -4.91 2.08 -4.41
CA VAL A 84 -4.09 1.30 -5.32
C VAL A 84 -2.87 0.78 -4.55
N ARG A 85 -2.15 1.67 -3.84
CA ARG A 85 -1.02 1.24 -3.02
C ARG A 85 -1.43 0.17 -2.01
N MET A 86 -2.61 0.27 -1.37
CA MET A 86 -3.16 -0.72 -0.47
C MET A 86 -3.38 -2.05 -1.18
N GLN A 87 -4.08 -2.07 -2.31
CA GLN A 87 -4.29 -3.27 -3.11
C GLN A 87 -2.94 -3.96 -3.37
N LEU A 88 -1.92 -3.23 -3.86
CA LEU A 88 -0.62 -3.83 -4.16
C LEU A 88 0.18 -4.18 -2.90
N TRP A 89 -0.03 -3.50 -1.77
CA TRP A 89 0.59 -3.85 -0.49
C TRP A 89 0.01 -5.16 0.02
N LEU A 90 -1.29 -5.40 -0.18
CA LEU A 90 -1.95 -6.66 0.16
C LEU A 90 -1.50 -7.84 -0.73
N ASN A 91 -0.71 -7.55 -1.75
CA ASN A 91 -0.11 -8.50 -2.69
C ASN A 91 1.40 -8.66 -2.48
N ASP A 92 2.01 -7.95 -1.52
CA ASP A 92 3.43 -8.10 -1.21
C ASP A 92 3.57 -9.20 -0.15
N PRO A 93 4.46 -10.19 -0.31
CA PRO A 93 4.63 -11.27 0.65
C PRO A 93 5.31 -10.79 1.93
N HIS A 94 6.18 -9.77 1.87
CA HIS A 94 6.83 -9.16 3.03
C HIS A 94 6.05 -7.97 3.59
N ASN A 95 4.87 -7.64 3.07
CA ASN A 95 4.12 -6.43 3.41
C ASN A 95 4.09 -6.11 4.91
N VAL A 96 3.58 -7.01 5.74
CA VAL A 96 3.41 -6.77 7.15
C VAL A 96 4.76 -6.88 7.88
N GLU A 97 5.65 -7.74 7.39
CA GLU A 97 7.01 -7.88 7.91
C GLU A 97 7.80 -6.57 7.77
N LYS A 98 7.83 -6.03 6.56
CA LYS A 98 8.52 -4.80 6.21
C LYS A 98 7.85 -3.62 6.91
N LEU A 99 6.52 -3.62 7.06
CA LEU A 99 5.84 -2.59 7.85
C LEU A 99 6.27 -2.65 9.31
N ARG A 100 6.36 -3.85 9.91
CA ARG A 100 6.79 -4.00 11.30
C ARG A 100 8.23 -3.49 11.50
N ASP A 101 9.09 -3.69 10.50
CA ASP A 101 10.49 -3.28 10.51
C ASP A 101 10.68 -1.76 10.52
N MET A 102 9.68 -0.98 10.11
CA MET A 102 9.65 0.47 10.31
C MET A 102 9.53 0.87 11.78
N LYS A 103 8.75 0.11 12.56
CA LYS A 103 8.40 0.43 13.94
C LYS A 103 9.61 0.21 14.85
N LYS A 104 10.28 -0.92 14.65
CA LYS A 104 11.58 -1.20 15.24
C LYS A 104 12.65 -0.45 14.47
N LEU A 105 13.91 -0.69 14.81
CA LEU A 105 15.10 -0.24 14.10
C LEU A 105 15.14 1.28 13.89
N SER A 106 14.47 2.04 14.76
CA SER A 106 14.32 3.48 14.64
C SER A 106 14.97 4.11 15.88
N GLY A 107 16.24 4.49 15.77
CA GLY A 107 16.96 5.07 16.90
C GLY A 107 17.23 4.02 17.99
N PRO A 108 17.55 4.46 19.22
CA PRO A 108 18.12 3.59 20.25
C PRO A 108 17.14 2.51 20.71
N SER A 109 17.69 1.44 21.27
CA SER A 109 16.94 0.34 21.85
C SER A 109 16.22 0.84 23.10
N SER A 110 14.91 0.60 23.19
CA SER A 110 14.04 0.91 24.32
C SER A 110 13.21 -0.33 24.73
N GLY A 111 13.38 -1.47 24.06
CA GLY A 111 13.35 -2.74 24.74
C GLY A 111 14.79 -2.92 25.15
N GLY A 1 29.82 -33.27 -3.92
CA GLY A 1 29.45 -31.85 -3.87
C GLY A 1 28.42 -31.55 -4.94
N SER A 2 28.04 -30.28 -5.12
CA SER A 2 27.07 -29.87 -6.12
C SER A 2 27.45 -28.47 -6.61
N SER A 3 27.29 -27.46 -5.76
CA SER A 3 27.21 -26.03 -6.11
C SER A 3 26.04 -25.76 -7.07
N GLY A 4 25.95 -24.54 -7.60
CA GLY A 4 24.87 -24.08 -8.46
C GLY A 4 24.92 -22.56 -8.57
N SER A 5 24.04 -21.98 -9.38
CA SER A 5 23.74 -20.55 -9.44
C SER A 5 22.46 -20.38 -10.25
N SER A 6 21.71 -19.31 -9.96
CA SER A 6 20.69 -18.76 -10.84
C SER A 6 20.38 -17.33 -10.35
N GLY A 7 19.43 -16.67 -11.01
CA GLY A 7 18.92 -15.37 -10.65
C GLY A 7 18.28 -14.71 -11.87
N TYR A 8 17.53 -13.65 -11.66
CA TYR A 8 16.80 -12.94 -12.71
C TYR A 8 16.66 -11.49 -12.29
N SER A 9 17.06 -10.58 -13.19
CA SER A 9 16.48 -9.25 -13.17
C SER A 9 15.01 -9.38 -13.58
N GLY A 10 14.18 -8.46 -13.10
CA GLY A 10 12.77 -8.39 -13.44
C GLY A 10 12.31 -6.96 -13.25
N SER A 11 11.03 -6.79 -12.92
CA SER A 11 10.43 -5.51 -12.63
C SER A 11 11.02 -4.91 -11.34
N GLN A 12 12.03 -4.05 -11.45
CA GLN A 12 12.58 -3.29 -10.33
C GLN A 12 11.46 -2.43 -9.70
N ALA A 13 10.93 -1.48 -10.47
CA ALA A 13 9.76 -0.68 -10.13
C ALA A 13 9.26 0.03 -11.40
N PRO A 14 7.96 0.34 -11.52
CA PRO A 14 7.42 0.98 -12.72
C PRO A 14 7.82 2.45 -12.79
N GLY A 15 7.35 3.28 -11.86
CA GLY A 15 7.37 4.73 -11.97
C GLY A 15 6.04 5.29 -11.49
N GLY A 16 5.75 6.53 -11.89
CA GLY A 16 4.56 7.33 -11.65
C GLY A 16 3.33 6.53 -11.19
N ILE A 17 3.03 6.59 -9.89
CA ILE A 17 1.85 5.97 -9.28
C ILE A 17 0.58 6.37 -10.04
N GLN A 18 0.48 7.61 -10.53
CA GLN A 18 -0.73 8.13 -11.13
C GLN A 18 -1.11 7.33 -12.39
N GLU A 19 -0.13 6.94 -13.19
CA GLU A 19 -0.32 6.18 -14.41
C GLU A 19 -0.61 4.71 -14.09
N ILE A 20 0.04 4.16 -13.06
CA ILE A 20 -0.28 2.81 -12.59
C ILE A 20 -1.74 2.77 -12.11
N VAL A 21 -2.17 3.77 -11.37
CA VAL A 21 -3.55 3.94 -10.93
C VAL A 21 -4.48 4.07 -12.14
N ALA A 22 -4.04 4.79 -13.17
CA ALA A 22 -4.81 4.98 -14.40
C ALA A 22 -5.06 3.63 -15.05
N MET A 23 -4.01 2.80 -15.14
CA MET A 23 -4.00 1.47 -15.70
C MET A 23 -4.74 0.44 -14.83
N SER A 24 -4.93 0.67 -13.53
CA SER A 24 -5.64 -0.28 -12.66
C SER A 24 -7.11 -0.41 -13.09
N PRO A 25 -7.74 -1.59 -12.90
CA PRO A 25 -9.19 -1.77 -13.01
C PRO A 25 -9.88 -1.02 -11.87
N GLU A 26 -11.22 -1.06 -11.85
CA GLU A 26 -11.92 -0.82 -10.61
C GLU A 26 -11.34 -1.70 -9.50
N LEU A 27 -11.17 -1.08 -8.34
CA LEU A 27 -10.58 -1.63 -7.14
C LEU A 27 -11.62 -1.37 -6.06
N ASP A 28 -12.09 -2.43 -5.41
CA ASP A 28 -13.19 -2.32 -4.46
C ASP A 28 -12.66 -1.71 -3.18
N THR A 29 -12.69 -0.38 -3.12
CA THR A 29 -12.14 0.42 -2.05
C THR A 29 -12.62 -0.12 -0.70
N TYR A 30 -13.92 -0.40 -0.53
CA TYR A 30 -14.45 -1.00 0.67
C TYR A 30 -13.73 -2.29 1.03
N SER A 31 -13.70 -3.27 0.13
CA SER A 31 -13.04 -4.54 0.35
C SER A 31 -11.58 -4.34 0.74
N ILE A 32 -10.83 -3.52 -0.01
CA ILE A 32 -9.45 -3.20 0.26
C ILE A 32 -9.36 -2.63 1.68
N THR A 33 -10.19 -1.65 2.06
CA THR A 33 -10.12 -1.06 3.39
C THR A 33 -10.29 -2.09 4.50
N LYS A 34 -11.30 -2.94 4.35
CA LYS A 34 -11.60 -4.06 5.20
C LYS A 34 -10.37 -4.94 5.28
N ARG A 35 -9.92 -5.55 4.18
CA ARG A 35 -8.83 -6.50 4.16
C ARG A 35 -7.54 -5.91 4.74
N VAL A 36 -7.28 -4.62 4.49
CA VAL A 36 -6.16 -3.90 5.05
C VAL A 36 -6.32 -3.81 6.57
N LYS A 37 -7.45 -3.30 7.05
CA LYS A 37 -7.71 -3.22 8.49
C LYS A 37 -7.58 -4.59 9.12
N GLU A 38 -8.08 -5.63 8.47
CA GLU A 38 -8.04 -6.99 8.97
C GLU A 38 -6.58 -7.41 9.16
N VAL A 39 -5.73 -7.23 8.15
CA VAL A 39 -4.30 -7.55 8.23
C VAL A 39 -3.61 -6.71 9.32
N LEU A 40 -3.96 -5.44 9.50
CA LEU A 40 -3.38 -4.62 10.57
C LEU A 40 -3.85 -5.12 11.93
N THR A 41 -5.15 -5.33 12.08
CA THR A 41 -5.82 -5.84 13.27
C THR A 41 -5.18 -7.15 13.68
N ASP A 42 -5.04 -8.07 12.73
CA ASP A 42 -4.48 -9.39 12.85
C ASP A 42 -3.13 -9.31 13.52
N ASN A 43 -2.24 -8.46 13.00
CA ASN A 43 -0.87 -8.36 13.46
C ASN A 43 -0.72 -7.52 14.74
N ASN A 44 -1.84 -7.05 15.31
CA ASN A 44 -1.92 -5.97 16.28
C ASN A 44 -1.03 -4.78 15.86
N LEU A 45 -1.03 -4.48 14.57
CA LEU A 45 -0.32 -3.37 13.95
C LEU A 45 -1.25 -2.17 13.89
N GLY A 46 -0.66 -0.99 13.70
CA GLY A 46 -1.36 0.28 13.78
C GLY A 46 -1.66 0.85 12.40
N GLN A 47 -2.84 1.46 12.27
CA GLN A 47 -3.21 2.23 11.10
C GLN A 47 -2.25 3.40 10.89
N ARG A 48 -1.71 4.03 11.97
CA ARG A 48 -0.83 5.19 11.80
C ARG A 48 0.38 4.81 10.95
N LEU A 49 1.17 3.84 11.42
CA LEU A 49 2.40 3.40 10.79
C LEU A 49 2.11 3.05 9.33
N PHE A 50 1.09 2.24 9.09
CA PHE A 50 0.67 1.87 7.75
C PHE A 50 0.43 3.11 6.87
N GLY A 51 -0.33 4.09 7.37
CA GLY A 51 -0.64 5.30 6.63
C GLY A 51 0.55 6.23 6.49
N GLU A 52 1.53 6.20 7.39
CA GLU A 52 2.74 7.00 7.31
C GLU A 52 3.71 6.36 6.31
N SER A 53 3.90 5.05 6.39
CA SER A 53 4.79 4.26 5.55
C SER A 53 4.28 4.23 4.11
N ILE A 54 3.15 3.56 3.90
CA ILE A 54 2.66 3.21 2.57
C ILE A 54 2.02 4.45 1.96
N LEU A 55 1.15 5.12 2.71
CA LEU A 55 0.35 6.18 2.13
C LEU A 55 1.13 7.50 2.09
N GLY A 56 1.21 8.20 3.20
CA GLY A 56 1.74 9.55 3.37
C GLY A 56 0.78 10.41 4.20
N LEU A 57 -0.06 9.78 5.04
CA LEU A 57 -1.19 10.40 5.72
C LEU A 57 -1.01 10.23 7.22
N THR A 58 -1.53 11.19 7.98
CA THR A 58 -1.55 11.13 9.43
C THR A 58 -2.64 10.16 9.93
N GLN A 59 -2.62 9.82 11.22
CA GLN A 59 -3.56 8.83 11.77
C GLN A 59 -5.00 9.24 11.51
N GLY A 60 -5.36 10.51 11.75
CA GLY A 60 -6.73 10.95 11.57
C GLY A 60 -7.15 10.84 10.12
N SER A 61 -6.28 11.26 9.21
CA SER A 61 -6.50 11.26 7.78
C SER A 61 -6.67 9.84 7.24
N VAL A 62 -5.83 8.89 7.69
CA VAL A 62 -5.93 7.50 7.29
C VAL A 62 -7.11 6.81 7.99
N SER A 63 -7.42 7.21 9.23
CA SER A 63 -8.55 6.69 9.97
C SER A 63 -9.79 7.02 9.16
N ASP A 64 -9.97 8.28 8.73
CA ASP A 64 -11.10 8.72 7.92
C ASP A 64 -11.16 7.97 6.59
N LEU A 65 -10.00 7.76 5.93
CA LEU A 65 -9.94 7.03 4.67
C LEU A 65 -10.51 5.62 4.84
N LEU A 66 -10.13 4.96 5.93
CA LEU A 66 -10.62 3.63 6.26
C LEU A 66 -12.05 3.69 6.78
N SER A 67 -12.40 4.68 7.56
CA SER A 67 -13.74 4.90 8.12
C SER A 67 -14.75 4.87 6.99
N ARG A 68 -14.60 5.78 6.03
CA ARG A 68 -15.60 6.03 5.01
C ARG A 68 -14.87 6.14 3.67
N PRO A 69 -14.43 4.99 3.09
CA PRO A 69 -13.83 5.00 1.77
C PRO A 69 -14.91 5.41 0.78
N LYS A 70 -14.58 6.33 -0.14
CA LYS A 70 -15.43 6.57 -1.28
C LYS A 70 -15.31 5.40 -2.28
N PRO A 71 -16.32 5.20 -3.14
CA PRO A 71 -16.26 4.24 -4.23
C PRO A 71 -15.24 4.69 -5.28
N TRP A 72 -14.81 3.78 -6.16
CA TRP A 72 -13.77 4.06 -7.15
C TRP A 72 -14.16 5.21 -8.07
N HIS A 73 -15.41 5.32 -8.53
CA HIS A 73 -15.87 6.42 -9.38
C HIS A 73 -15.67 7.78 -8.70
N LYS A 74 -16.06 7.88 -7.43
CA LYS A 74 -15.97 9.10 -6.62
C LYS A 74 -14.55 9.60 -6.42
N LEU A 75 -13.54 8.82 -6.77
CA LEU A 75 -12.13 9.13 -6.61
C LEU A 75 -11.57 9.27 -8.02
N SER A 76 -10.85 10.35 -8.30
CA SER A 76 -10.09 10.47 -9.55
C SER A 76 -8.72 9.81 -9.33
N LEU A 77 -7.76 9.90 -10.26
CA LEU A 77 -6.46 9.22 -10.11
C LEU A 77 -5.79 9.55 -8.77
N LYS A 78 -5.66 10.85 -8.48
CA LYS A 78 -5.22 11.39 -7.21
C LYS A 78 -5.98 10.84 -5.99
N GLY A 79 -7.24 10.45 -6.17
CA GLY A 79 -8.09 9.83 -5.15
C GLY A 79 -7.86 8.34 -5.00
N ARG A 80 -7.46 7.67 -6.07
CA ARG A 80 -7.34 6.22 -6.14
C ARG A 80 -5.92 5.79 -5.79
N GLU A 81 -4.95 6.70 -5.93
CA GLU A 81 -3.56 6.57 -5.55
C GLU A 81 -3.34 5.74 -4.29
N PRO A 82 -3.95 6.09 -3.14
CA PRO A 82 -3.72 5.34 -1.93
C PRO A 82 -4.32 3.94 -2.06
N PHE A 83 -5.58 3.81 -2.49
CA PHE A 83 -6.27 2.51 -2.56
C PHE A 83 -5.56 1.52 -3.48
N VAL A 84 -4.91 2.00 -4.54
CA VAL A 84 -4.03 1.18 -5.37
C VAL A 84 -2.87 0.70 -4.52
N ARG A 85 -2.13 1.57 -3.84
CA ARG A 85 -1.04 1.15 -2.98
C ARG A 85 -1.54 0.13 -1.95
N MET A 86 -2.69 0.34 -1.28
CA MET A 86 -3.29 -0.61 -0.37
C MET A 86 -3.55 -1.98 -1.03
N GLN A 87 -4.19 -2.01 -2.19
CA GLN A 87 -4.43 -3.26 -2.94
C GLN A 87 -3.10 -3.98 -3.21
N LEU A 88 -2.10 -3.28 -3.74
CA LEU A 88 -0.82 -3.91 -4.08
C LEU A 88 -0.04 -4.28 -2.81
N TRP A 89 -0.15 -3.53 -1.71
CA TRP A 89 0.45 -3.88 -0.43
C TRP A 89 -0.19 -5.17 0.09
N LEU A 90 -1.47 -5.39 -0.16
CA LEU A 90 -2.14 -6.66 0.18
C LEU A 90 -1.75 -7.81 -0.74
N ASN A 91 -1.13 -7.53 -1.89
CA ASN A 91 -0.64 -8.58 -2.78
C ASN A 91 0.79 -8.99 -2.42
N ASP A 92 1.57 -8.08 -1.83
CA ASP A 92 2.94 -8.33 -1.39
C ASP A 92 2.93 -9.32 -0.21
N PRO A 93 3.89 -10.28 -0.14
CA PRO A 93 4.07 -11.16 1.01
C PRO A 93 4.86 -10.52 2.14
N HIS A 94 5.94 -9.76 1.90
CA HIS A 94 6.73 -9.10 2.94
C HIS A 94 6.07 -7.77 3.35
N ASN A 95 4.82 -7.56 2.95
CA ASN A 95 4.02 -6.38 3.21
C ASN A 95 4.03 -6.01 4.68
N VAL A 96 3.62 -6.95 5.53
CA VAL A 96 3.60 -6.79 6.96
C VAL A 96 5.02 -6.85 7.50
N GLU A 97 5.88 -7.74 7.00
CA GLU A 97 7.26 -7.85 7.51
C GLU A 97 7.95 -6.48 7.50
N LYS A 98 7.98 -5.81 6.35
CA LYS A 98 8.59 -4.51 6.23
C LYS A 98 7.82 -3.44 7.01
N LEU A 99 6.49 -3.58 7.18
CA LEU A 99 5.72 -2.66 8.02
C LEU A 99 6.11 -2.80 9.49
N ARG A 100 6.27 -4.03 9.99
CA ARG A 100 6.70 -4.25 11.36
C ARG A 100 8.08 -3.61 11.52
N ASP A 101 9.00 -3.89 10.59
CA ASP A 101 10.42 -3.54 10.66
C ASP A 101 10.72 -2.06 10.92
N MET A 102 9.78 -1.17 10.56
CA MET A 102 9.84 0.26 10.83
C MET A 102 10.10 0.53 12.32
N LYS A 103 9.35 -0.16 13.19
CA LYS A 103 9.48 -0.15 14.63
C LYS A 103 10.24 -1.40 15.10
N LYS A 104 9.69 -2.56 14.76
CA LYS A 104 9.86 -3.89 15.29
C LYS A 104 9.70 -3.90 16.82
N LEU A 105 9.63 -5.10 17.41
CA LEU A 105 9.52 -5.39 18.84
C LEU A 105 8.30 -4.80 19.56
N SER A 106 7.39 -4.11 18.86
CA SER A 106 6.31 -3.34 19.45
C SER A 106 5.41 -4.22 20.32
N GLY A 107 4.86 -5.30 19.76
CA GLY A 107 3.88 -6.14 20.43
C GLY A 107 4.25 -7.62 20.31
N PRO A 108 3.89 -8.45 21.31
CA PRO A 108 4.18 -9.87 21.34
C PRO A 108 3.09 -10.67 20.61
N SER A 109 2.92 -10.46 19.32
CA SER A 109 2.00 -11.27 18.51
C SER A 109 2.45 -11.24 17.05
N SER A 110 1.97 -12.19 16.24
CA SER A 110 2.42 -12.46 14.87
C SER A 110 1.21 -12.53 13.93
N GLY A 111 1.45 -12.85 12.66
CA GLY A 111 0.53 -12.82 11.54
C GLY A 111 1.36 -12.91 10.28
N GLY A 1 38.72 -0.82 12.30
CA GLY A 1 38.58 -0.82 10.83
C GLY A 1 37.50 -1.82 10.44
N SER A 2 36.75 -1.54 9.38
CA SER A 2 35.62 -2.35 8.93
C SER A 2 35.53 -2.21 7.41
N SER A 3 34.77 -3.07 6.74
CA SER A 3 34.39 -2.95 5.34
C SER A 3 33.18 -3.86 5.11
N GLY A 4 32.74 -4.03 3.86
CA GLY A 4 31.62 -4.87 3.48
C GLY A 4 30.46 -3.99 3.03
N SER A 5 30.14 -4.02 1.74
CA SER A 5 29.02 -3.34 1.12
C SER A 5 28.43 -4.27 0.06
N SER A 6 27.13 -4.21 -0.19
CA SER A 6 26.43 -5.21 -0.99
C SER A 6 25.23 -4.58 -1.68
N GLY A 7 24.78 -5.15 -2.80
CA GLY A 7 23.58 -4.71 -3.45
C GLY A 7 23.31 -5.42 -4.76
N TYR A 8 22.05 -5.40 -5.18
CA TYR A 8 21.52 -6.11 -6.33
C TYR A 8 20.32 -5.29 -6.79
N SER A 9 20.34 -4.81 -8.03
CA SER A 9 19.22 -4.09 -8.61
C SER A 9 18.51 -5.02 -9.61
N GLY A 10 17.37 -4.57 -10.14
CA GLY A 10 16.58 -5.31 -11.11
C GLY A 10 16.68 -4.61 -12.46
N SER A 11 15.54 -4.32 -13.05
CA SER A 11 15.37 -3.38 -14.15
C SER A 11 13.93 -2.88 -14.10
N GLN A 12 13.69 -1.58 -14.30
CA GLN A 12 12.35 -1.02 -14.41
C GLN A 12 12.34 0.09 -15.47
N ALA A 13 11.17 0.69 -15.70
CA ALA A 13 10.94 1.80 -16.61
C ALA A 13 10.56 3.06 -15.82
N PRO A 14 10.59 4.26 -16.44
CA PRO A 14 10.02 5.46 -15.83
C PRO A 14 8.49 5.32 -15.67
N GLY A 15 7.89 6.21 -14.88
CA GLY A 15 6.47 6.16 -14.53
C GLY A 15 6.26 6.64 -13.10
N GLY A 16 5.02 6.66 -12.65
CA GLY A 16 4.65 7.21 -11.35
C GLY A 16 3.37 6.58 -10.82
N ILE A 17 3.02 6.83 -9.56
CA ILE A 17 1.85 6.21 -8.95
C ILE A 17 0.60 6.57 -9.73
N GLN A 18 0.37 7.83 -10.13
CA GLN A 18 -0.85 8.19 -10.82
C GLN A 18 -0.93 7.56 -12.21
N GLU A 19 0.21 7.36 -12.88
CA GLU A 19 0.31 6.66 -14.15
C GLU A 19 0.01 5.17 -14.01
N ILE A 20 0.31 4.58 -12.85
CA ILE A 20 0.01 3.20 -12.52
C ILE A 20 -1.46 3.05 -12.12
N VAL A 21 -1.97 3.97 -11.29
CA VAL A 21 -3.38 4.08 -10.91
C VAL A 21 -4.24 4.23 -12.17
N ALA A 22 -3.75 4.99 -13.16
CA ALA A 22 -4.42 5.20 -14.43
C ALA A 22 -4.81 3.89 -15.10
N MET A 23 -3.95 2.86 -14.94
CA MET A 23 -4.02 1.55 -15.55
C MET A 23 -4.74 0.54 -14.64
N SER A 24 -5.08 0.90 -13.41
CA SER A 24 -5.70 0.01 -12.46
C SER A 24 -7.14 -0.31 -12.91
N PRO A 25 -7.67 -1.50 -12.61
CA PRO A 25 -9.09 -1.78 -12.71
C PRO A 25 -9.85 -1.09 -11.56
N GLU A 26 -11.19 -1.22 -11.53
CA GLU A 26 -12.09 -0.61 -10.57
C GLU A 26 -11.92 -1.21 -9.17
N LEU A 27 -10.86 -0.77 -8.48
CA LEU A 27 -10.41 -1.30 -7.22
C LEU A 27 -11.40 -1.00 -6.12
N ASP A 28 -11.88 -2.07 -5.50
CA ASP A 28 -13.01 -2.05 -4.61
C ASP A 28 -12.64 -1.41 -3.29
N THR A 29 -12.79 -0.09 -3.19
CA THR A 29 -12.31 0.66 -2.04
C THR A 29 -12.84 0.08 -0.74
N TYR A 30 -14.13 -0.29 -0.69
CA TYR A 30 -14.74 -0.89 0.46
C TYR A 30 -14.02 -2.17 0.88
N SER A 31 -14.01 -3.19 0.01
CA SER A 31 -13.35 -4.46 0.29
C SER A 31 -11.89 -4.21 0.68
N ILE A 32 -11.14 -3.39 -0.06
CA ILE A 32 -9.75 -3.07 0.25
C ILE A 32 -9.67 -2.52 1.68
N THR A 33 -10.47 -1.52 2.07
CA THR A 33 -10.36 -0.96 3.43
C THR A 33 -10.63 -2.00 4.50
N LYS A 34 -11.59 -2.89 4.27
CA LYS A 34 -11.88 -4.02 5.14
C LYS A 34 -10.63 -4.89 5.21
N ARG A 35 -10.22 -5.49 4.10
CA ARG A 35 -9.15 -6.46 4.00
C ARG A 35 -7.86 -5.92 4.62
N VAL A 36 -7.60 -4.62 4.44
CA VAL A 36 -6.49 -3.93 5.04
C VAL A 36 -6.67 -3.87 6.57
N LYS A 37 -7.79 -3.34 7.08
CA LYS A 37 -8.05 -3.24 8.53
C LYS A 37 -7.91 -4.59 9.21
N GLU A 38 -8.44 -5.63 8.58
CA GLU A 38 -8.38 -7.00 9.06
C GLU A 38 -6.91 -7.39 9.25
N VAL A 39 -6.07 -7.25 8.21
CA VAL A 39 -4.64 -7.55 8.29
C VAL A 39 -3.94 -6.73 9.40
N LEU A 40 -4.25 -5.44 9.54
CA LEU A 40 -3.60 -4.60 10.53
C LEU A 40 -4.01 -5.00 11.94
N THR A 41 -5.29 -5.25 12.20
CA THR A 41 -5.78 -5.79 13.46
C THR A 41 -5.12 -7.14 13.76
N ASP A 42 -5.05 -8.03 12.77
CA ASP A 42 -4.51 -9.38 12.92
C ASP A 42 -3.05 -9.33 13.35
N ASN A 43 -2.31 -8.30 12.92
CA ASN A 43 -0.90 -8.14 13.26
C ASN A 43 -0.71 -7.07 14.34
N ASN A 44 -1.82 -6.60 14.91
CA ASN A 44 -1.95 -5.60 15.98
C ASN A 44 -1.26 -4.27 15.64
N LEU A 45 -1.04 -3.98 14.35
CA LEU A 45 -0.29 -2.86 13.80
C LEU A 45 -1.07 -1.55 13.88
N GLY A 46 -0.44 -0.52 14.43
CA GLY A 46 -1.01 0.81 14.61
C GLY A 46 -1.22 1.50 13.27
N GLN A 47 -2.48 1.80 12.94
CA GLN A 47 -2.94 2.35 11.65
C GLN A 47 -2.05 3.46 11.11
N ARG A 48 -1.55 4.35 11.99
CA ARG A 48 -0.74 5.49 11.57
C ARG A 48 0.45 5.01 10.76
N LEU A 49 1.20 4.01 11.24
CA LEU A 49 2.43 3.53 10.65
C LEU A 49 2.17 3.08 9.22
N PHE A 50 1.15 2.24 9.04
CA PHE A 50 0.69 1.80 7.74
C PHE A 50 0.36 2.99 6.81
N GLY A 51 -0.16 4.11 7.32
CA GLY A 51 -0.33 5.32 6.52
C GLY A 51 1.01 5.94 6.23
N GLU A 52 1.72 6.40 7.26
CA GLU A 52 2.96 7.14 7.22
C GLU A 52 3.99 6.48 6.29
N SER A 53 4.04 5.15 6.29
CA SER A 53 4.91 4.36 5.44
C SER A 53 4.34 4.20 4.03
N ILE A 54 3.22 3.49 3.87
CA ILE A 54 2.77 3.06 2.54
C ILE A 54 2.20 4.28 1.83
N LEU A 55 1.28 4.98 2.48
CA LEU A 55 0.43 6.01 1.90
C LEU A 55 0.94 7.43 2.10
N GLY A 56 1.92 7.65 2.98
CA GLY A 56 2.29 8.97 3.45
C GLY A 56 1.10 9.75 4.02
N LEU A 57 0.16 9.09 4.71
CA LEU A 57 -0.99 9.73 5.38
C LEU A 57 -0.83 9.56 6.89
N THR A 58 -1.34 10.52 7.66
CA THR A 58 -1.28 10.46 9.11
C THR A 58 -2.58 9.87 9.68
N GLN A 59 -2.65 9.63 11.00
CA GLN A 59 -3.66 8.77 11.60
C GLN A 59 -5.07 9.32 11.41
N GLY A 60 -5.31 10.61 11.62
CA GLY A 60 -6.64 11.19 11.45
C GLY A 60 -7.14 11.06 10.02
N SER A 61 -6.23 11.08 9.04
CA SER A 61 -6.54 10.97 7.62
C SER A 61 -6.84 9.51 7.26
N VAL A 62 -5.95 8.60 7.63
CA VAL A 62 -6.02 7.19 7.26
C VAL A 62 -7.09 6.46 8.07
N SER A 63 -7.40 6.93 9.29
CA SER A 63 -8.57 6.55 10.07
C SER A 63 -9.78 6.73 9.17
N ASP A 64 -9.94 7.92 8.59
CA ASP A 64 -11.11 8.24 7.81
C ASP A 64 -11.15 7.46 6.51
N LEU A 65 -9.99 7.23 5.90
CA LEU A 65 -9.92 6.46 4.67
C LEU A 65 -10.42 5.04 4.90
N LEU A 66 -9.91 4.40 5.96
CA LEU A 66 -10.23 3.02 6.30
C LEU A 66 -11.65 2.89 6.85
N SER A 67 -12.10 3.89 7.60
CA SER A 67 -13.46 3.97 8.11
C SER A 67 -14.47 4.15 6.99
N ARG A 68 -14.39 5.26 6.26
CA ARG A 68 -15.40 5.68 5.30
C ARG A 68 -14.69 5.92 3.97
N PRO A 69 -14.38 4.86 3.21
CA PRO A 69 -13.87 5.02 1.86
C PRO A 69 -14.93 5.72 1.02
N LYS A 70 -14.48 6.55 0.08
CA LYS A 70 -15.33 7.00 -1.01
C LYS A 70 -15.16 6.01 -2.17
N PRO A 71 -16.14 5.90 -3.07
CA PRO A 71 -16.14 4.84 -4.08
C PRO A 71 -15.13 5.16 -5.18
N TRP A 72 -14.72 4.14 -5.94
CA TRP A 72 -13.79 4.31 -7.05
C TRP A 72 -14.32 5.33 -8.06
N HIS A 73 -15.63 5.36 -8.32
CA HIS A 73 -16.23 6.33 -9.24
C HIS A 73 -16.11 7.79 -8.77
N LYS A 74 -15.99 8.04 -7.46
CA LYS A 74 -15.87 9.38 -6.90
C LYS A 74 -14.43 9.83 -6.87
N LEU A 75 -13.51 8.91 -6.57
CA LEU A 75 -12.10 9.22 -6.40
C LEU A 75 -11.49 9.37 -7.79
N SER A 76 -10.71 10.43 -8.02
CA SER A 76 -9.90 10.59 -9.23
C SER A 76 -8.55 9.86 -9.05
N LEU A 77 -7.61 9.94 -9.99
CA LEU A 77 -6.29 9.28 -9.89
C LEU A 77 -5.62 9.57 -8.53
N LYS A 78 -5.45 10.85 -8.22
CA LYS A 78 -4.96 11.35 -6.94
C LYS A 78 -5.80 10.90 -5.74
N GLY A 79 -7.08 10.63 -5.95
CA GLY A 79 -8.00 9.98 -5.02
C GLY A 79 -7.69 8.51 -4.79
N ARG A 80 -7.34 7.81 -5.87
CA ARG A 80 -7.22 6.36 -5.92
C ARG A 80 -5.82 5.88 -5.56
N GLU A 81 -4.83 6.78 -5.63
CA GLU A 81 -3.43 6.60 -5.24
C GLU A 81 -3.29 5.66 -4.04
N PRO A 82 -3.90 5.97 -2.88
CA PRO A 82 -3.67 5.15 -1.70
C PRO A 82 -4.30 3.77 -1.85
N PHE A 83 -5.55 3.69 -2.32
CA PHE A 83 -6.27 2.42 -2.43
C PHE A 83 -5.58 1.47 -3.41
N VAL A 84 -4.97 1.99 -4.48
CA VAL A 84 -4.10 1.20 -5.34
C VAL A 84 -2.94 0.69 -4.51
N ARG A 85 -2.22 1.55 -3.77
CA ARG A 85 -1.10 1.08 -2.98
C ARG A 85 -1.55 0.00 -1.99
N MET A 86 -2.67 0.19 -1.29
CA MET A 86 -3.25 -0.77 -0.37
C MET A 86 -3.50 -2.12 -1.02
N GLN A 87 -4.14 -2.14 -2.20
CA GLN A 87 -4.39 -3.37 -2.93
C GLN A 87 -3.07 -4.11 -3.18
N LEU A 88 -2.03 -3.41 -3.66
CA LEU A 88 -0.76 -4.06 -3.98
C LEU A 88 0.03 -4.40 -2.72
N TRP A 89 -0.09 -3.63 -1.64
CA TRP A 89 0.51 -3.95 -0.36
C TRP A 89 -0.10 -5.26 0.14
N LEU A 90 -1.41 -5.44 -0.01
CA LEU A 90 -2.06 -6.70 0.32
C LEU A 90 -1.55 -7.86 -0.55
N ASN A 91 -1.03 -7.61 -1.76
CA ASN A 91 -0.54 -8.66 -2.66
C ASN A 91 0.92 -9.02 -2.39
N ASP A 92 1.64 -8.30 -1.53
CA ASP A 92 3.03 -8.55 -1.21
C ASP A 92 3.10 -9.55 -0.04
N PRO A 93 4.09 -10.46 0.01
CA PRO A 93 4.25 -11.39 1.12
C PRO A 93 4.90 -10.69 2.32
N HIS A 94 6.04 -10.04 2.11
CA HIS A 94 6.79 -9.30 3.12
C HIS A 94 6.12 -7.95 3.48
N ASN A 95 4.83 -7.78 3.18
CA ASN A 95 4.10 -6.52 3.31
C ASN A 95 4.05 -6.05 4.77
N VAL A 96 3.52 -6.87 5.66
CA VAL A 96 3.45 -6.67 7.09
C VAL A 96 4.87 -6.71 7.66
N GLU A 97 5.73 -7.54 7.09
CA GLU A 97 7.07 -7.79 7.60
C GLU A 97 7.96 -6.55 7.53
N LYS A 98 8.15 -5.99 6.33
CA LYS A 98 8.90 -4.75 6.14
C LYS A 98 8.20 -3.60 6.87
N LEU A 99 6.85 -3.58 6.89
CA LEU A 99 6.09 -2.59 7.64
C LEU A 99 6.46 -2.62 9.13
N ARG A 100 6.56 -3.80 9.75
CA ARG A 100 6.95 -3.88 11.16
C ARG A 100 8.33 -3.28 11.40
N ASP A 101 9.25 -3.54 10.47
CA ASP A 101 10.65 -3.19 10.60
C ASP A 101 10.88 -1.68 10.69
N MET A 102 9.91 -0.87 10.25
CA MET A 102 9.81 0.56 10.47
C MET A 102 9.95 0.91 11.96
N LYS A 103 9.11 0.30 12.81
CA LYS A 103 9.15 0.48 14.26
C LYS A 103 10.25 -0.36 14.89
N LYS A 104 10.58 -1.50 14.28
CA LYS A 104 11.33 -2.58 14.85
C LYS A 104 10.91 -2.80 16.31
N LEU A 105 11.84 -2.68 17.26
CA LEU A 105 11.74 -3.09 18.66
C LEU A 105 10.40 -2.66 19.26
N SER A 106 9.47 -3.61 19.31
CA SER A 106 8.12 -3.56 19.80
C SER A 106 7.57 -4.99 19.65
N GLY A 107 6.42 -5.28 20.25
CA GLY A 107 5.60 -6.44 19.96
C GLY A 107 5.79 -7.56 20.97
N PRO A 108 4.86 -7.76 21.92
CA PRO A 108 4.71 -9.02 22.61
C PRO A 108 4.18 -10.05 21.61
N SER A 109 5.08 -10.68 20.87
CA SER A 109 4.80 -11.73 19.92
C SER A 109 6.17 -12.36 19.60
N SER A 110 6.29 -13.67 19.81
CA SER A 110 7.50 -14.44 19.54
C SER A 110 7.60 -14.73 18.03
N GLY A 111 8.78 -14.75 17.43
CA GLY A 111 8.96 -15.05 16.02
C GLY A 111 10.35 -14.65 15.57
N GLY A 1 43.01 10.53 17.18
CA GLY A 1 42.61 9.45 16.25
C GLY A 1 41.55 9.97 15.31
N SER A 2 40.85 9.10 14.60
CA SER A 2 39.63 9.41 13.86
C SER A 2 38.75 8.15 13.90
N SER A 3 37.51 8.24 13.44
CA SER A 3 36.57 7.14 13.28
C SER A 3 35.53 7.58 12.24
N GLY A 4 34.69 6.66 11.77
CA GLY A 4 33.58 6.93 10.89
C GLY A 4 32.80 5.64 10.67
N SER A 5 31.60 5.77 10.10
CA SER A 5 30.70 4.66 9.81
C SER A 5 29.72 5.13 8.73
N SER A 6 28.94 4.21 8.17
CA SER A 6 27.72 4.42 7.39
C SER A 6 27.26 3.07 6.86
N GLY A 7 25.99 2.98 6.49
CA GLY A 7 25.45 1.94 5.63
C GLY A 7 24.53 2.63 4.63
N TYR A 8 23.96 1.85 3.72
CA TYR A 8 22.94 2.30 2.76
C TYR A 8 22.36 1.07 2.06
N SER A 9 21.20 1.22 1.42
CA SER A 9 20.52 0.16 0.68
C SER A 9 19.69 0.78 -0.45
N GLY A 10 18.93 -0.03 -1.18
CA GLY A 10 17.97 0.46 -2.16
C GLY A 10 17.00 -0.66 -2.55
N SER A 11 15.78 -0.30 -2.93
CA SER A 11 14.69 -1.22 -3.20
C SER A 11 13.81 -0.65 -4.32
N GLN A 12 13.74 -1.34 -5.46
CA GLN A 12 13.00 -0.91 -6.65
C GLN A 12 13.40 0.52 -7.04
N ALA A 13 12.53 1.23 -7.77
CA ALA A 13 12.58 2.66 -7.97
C ALA A 13 11.16 3.21 -7.79
N PRO A 14 10.98 4.51 -7.47
CA PRO A 14 9.67 5.12 -7.32
C PRO A 14 9.06 5.41 -8.69
N GLY A 15 8.18 4.55 -9.16
CA GLY A 15 7.37 4.81 -10.34
C GLY A 15 6.41 5.97 -10.07
N GLY A 16 5.95 6.64 -11.13
CA GLY A 16 4.80 7.52 -11.13
C GLY A 16 3.58 6.70 -10.74
N ILE A 17 3.24 6.69 -9.46
CA ILE A 17 2.14 5.92 -8.89
C ILE A 17 0.86 6.22 -9.66
N GLN A 18 0.60 7.49 -10.02
CA GLN A 18 -0.62 7.85 -10.71
C GLN A 18 -0.72 7.18 -12.09
N GLU A 19 0.38 6.99 -12.82
CA GLU A 19 0.40 6.32 -14.12
C GLU A 19 -0.02 4.86 -13.97
N ILE A 20 0.37 4.20 -12.88
CA ILE A 20 0.00 2.82 -12.61
C ILE A 20 -1.46 2.77 -12.15
N VAL A 21 -1.88 3.69 -11.28
CA VAL A 21 -3.26 3.85 -10.83
C VAL A 21 -4.18 4.10 -12.03
N ALA A 22 -3.67 4.79 -13.05
CA ALA A 22 -4.39 5.06 -14.29
C ALA A 22 -4.78 3.76 -14.96
N MET A 23 -3.83 2.83 -14.98
CA MET A 23 -3.96 1.52 -15.57
C MET A 23 -4.77 0.59 -14.68
N SER A 24 -4.87 0.84 -13.37
CA SER A 24 -5.54 -0.05 -12.44
C SER A 24 -7.02 -0.21 -12.82
N PRO A 25 -7.59 -1.42 -12.68
CA PRO A 25 -9.02 -1.64 -12.79
C PRO A 25 -9.72 -0.99 -11.59
N GLU A 26 -11.05 -1.05 -11.58
CA GLU A 26 -11.86 -0.64 -10.44
C GLU A 26 -11.45 -1.41 -9.18
N LEU A 27 -10.64 -0.78 -8.33
CA LEU A 27 -10.14 -1.36 -7.11
C LEU A 27 -11.13 -1.05 -6.01
N ASP A 28 -11.86 -2.10 -5.61
CA ASP A 28 -13.09 -2.00 -4.85
C ASP A 28 -12.83 -1.44 -3.46
N THR A 29 -12.98 -0.13 -3.31
CA THR A 29 -12.31 0.59 -2.23
C THR A 29 -12.76 0.09 -0.86
N TYR A 30 -14.05 -0.16 -0.64
CA TYR A 30 -14.54 -0.70 0.61
C TYR A 30 -13.86 -2.01 0.95
N SER A 31 -13.86 -2.98 0.02
CA SER A 31 -13.28 -4.28 0.23
C SER A 31 -11.82 -4.12 0.66
N ILE A 32 -11.05 -3.27 -0.04
CA ILE A 32 -9.66 -2.99 0.27
C ILE A 32 -9.55 -2.39 1.68
N THR A 33 -10.38 -1.42 2.09
CA THR A 33 -10.28 -0.83 3.44
C THR A 33 -10.49 -1.86 4.54
N LYS A 34 -11.46 -2.75 4.33
CA LYS A 34 -11.76 -3.84 5.22
C LYS A 34 -10.54 -4.75 5.28
N ARG A 35 -10.14 -5.34 4.16
CA ARG A 35 -9.09 -6.35 4.10
C ARG A 35 -7.80 -5.83 4.74
N VAL A 36 -7.52 -4.54 4.57
CA VAL A 36 -6.39 -3.88 5.21
C VAL A 36 -6.59 -3.86 6.71
N LYS A 37 -7.73 -3.37 7.22
CA LYS A 37 -7.99 -3.35 8.65
C LYS A 37 -7.96 -4.75 9.25
N GLU A 38 -8.48 -5.75 8.55
CA GLU A 38 -8.38 -7.15 8.97
C GLU A 38 -6.92 -7.53 9.17
N VAL A 39 -6.08 -7.32 8.15
CA VAL A 39 -4.64 -7.57 8.24
C VAL A 39 -4.03 -6.82 9.41
N LEU A 40 -4.14 -5.49 9.45
CA LEU A 40 -3.48 -4.67 10.47
C LEU A 40 -3.90 -5.11 11.87
N THR A 41 -5.15 -5.51 12.05
CA THR A 41 -5.63 -6.08 13.29
C THR A 41 -4.86 -7.37 13.60
N ASP A 42 -4.89 -8.37 12.71
CA ASP A 42 -4.19 -9.65 12.89
C ASP A 42 -2.68 -9.44 13.11
N ASN A 43 -2.10 -8.43 12.45
CA ASN A 43 -0.69 -8.08 12.53
C ASN A 43 -0.35 -7.38 13.84
N ASN A 44 -1.34 -7.03 14.68
CA ASN A 44 -1.19 -6.20 15.87
C ASN A 44 -0.54 -4.84 15.54
N LEU A 45 -0.87 -4.26 14.38
CA LEU A 45 -0.25 -3.06 13.84
C LEU A 45 -1.19 -1.86 13.95
N GLY A 46 -0.70 -0.79 14.56
CA GLY A 46 -1.34 0.50 14.73
C GLY A 46 -1.56 1.21 13.40
N GLN A 47 -2.81 1.54 13.04
CA GLN A 47 -3.19 2.09 11.73
C GLN A 47 -2.30 3.24 11.25
N ARG A 48 -1.82 4.10 12.15
CA ARG A 48 -0.99 5.24 11.80
C ARG A 48 0.19 4.80 10.93
N LEU A 49 0.88 3.74 11.34
CA LEU A 49 2.17 3.35 10.80
C LEU A 49 2.05 2.98 9.33
N PHE A 50 1.11 2.10 9.03
CA PHE A 50 0.64 1.78 7.69
C PHE A 50 0.41 3.05 6.86
N GLY A 51 -0.41 3.99 7.36
CA GLY A 51 -0.70 5.20 6.60
C GLY A 51 0.54 6.05 6.40
N GLU A 52 1.37 6.21 7.41
CA GLU A 52 2.58 7.00 7.38
C GLU A 52 3.52 6.47 6.29
N SER A 53 3.93 5.20 6.41
CA SER A 53 4.93 4.61 5.54
C SER A 53 4.37 4.34 4.14
N ILE A 54 3.25 3.62 4.01
CA ILE A 54 2.76 3.21 2.70
C ILE A 54 2.11 4.40 2.01
N LEU A 55 1.21 5.09 2.72
CA LEU A 55 0.27 6.01 2.09
C LEU A 55 0.71 7.47 2.16
N GLY A 56 1.60 7.83 3.08
CA GLY A 56 1.91 9.22 3.40
C GLY A 56 0.67 9.95 3.92
N LEU A 57 -0.09 9.35 4.84
CA LEU A 57 -1.25 9.96 5.47
C LEU A 57 -1.10 9.89 7.00
N THR A 58 -1.64 10.88 7.72
CA THR A 58 -1.63 10.88 9.17
C THR A 58 -2.56 9.77 9.68
N GLN A 59 -2.49 9.47 10.98
CA GLN A 59 -3.46 8.62 11.65
C GLN A 59 -4.88 9.13 11.42
N GLY A 60 -5.09 10.45 11.48
CA GLY A 60 -6.37 11.06 11.23
C GLY A 60 -6.83 10.77 9.80
N SER A 61 -6.05 11.19 8.81
CA SER A 61 -6.38 11.05 7.40
C SER A 61 -6.66 9.59 7.05
N VAL A 62 -5.76 8.68 7.45
CA VAL A 62 -5.91 7.26 7.17
C VAL A 62 -7.11 6.67 7.92
N SER A 63 -7.48 7.20 9.09
CA SER A 63 -8.69 6.77 9.79
C SER A 63 -9.90 7.14 8.95
N ASP A 64 -9.97 8.38 8.47
CA ASP A 64 -11.07 8.81 7.63
C ASP A 64 -11.13 7.96 6.37
N LEU A 65 -9.98 7.59 5.80
CA LEU A 65 -9.90 6.75 4.62
C LEU A 65 -10.45 5.34 4.91
N LEU A 66 -9.95 4.69 5.97
CA LEU A 66 -10.24 3.29 6.25
C LEU A 66 -11.62 3.11 6.83
N SER A 67 -12.05 4.03 7.70
CA SER A 67 -13.40 4.05 8.25
C SER A 67 -14.41 4.35 7.14
N ARG A 68 -14.20 5.40 6.33
CA ARG A 68 -15.19 5.87 5.36
C ARG A 68 -14.52 6.12 3.99
N PRO A 69 -14.23 5.08 3.20
CA PRO A 69 -13.71 5.26 1.85
C PRO A 69 -14.82 5.69 0.89
N LYS A 70 -14.56 6.70 0.05
CA LYS A 70 -15.36 6.93 -1.14
C LYS A 70 -15.11 5.84 -2.18
N PRO A 71 -16.04 5.60 -3.11
CA PRO A 71 -15.90 4.61 -4.17
C PRO A 71 -14.88 5.06 -5.22
N TRP A 72 -14.40 4.11 -6.03
CA TRP A 72 -13.43 4.34 -7.10
C TRP A 72 -13.85 5.49 -8.01
N HIS A 73 -15.11 5.48 -8.48
CA HIS A 73 -15.62 6.48 -9.42
C HIS A 73 -15.69 7.90 -8.83
N LYS A 74 -15.81 8.03 -7.51
CA LYS A 74 -15.84 9.33 -6.82
C LYS A 74 -14.44 9.91 -6.79
N LEU A 75 -13.42 9.07 -6.68
CA LEU A 75 -12.02 9.46 -6.65
C LEU A 75 -11.53 9.69 -8.08
N SER A 76 -10.39 10.38 -8.22
CA SER A 76 -9.54 10.43 -9.42
C SER A 76 -8.21 9.75 -9.09
N LEU A 77 -7.23 9.76 -9.99
CA LEU A 77 -5.89 9.16 -9.79
C LEU A 77 -5.33 9.44 -8.40
N LYS A 78 -5.06 10.70 -8.06
CA LYS A 78 -4.60 11.14 -6.74
C LYS A 78 -5.46 10.68 -5.56
N GLY A 79 -6.77 10.50 -5.80
CA GLY A 79 -7.70 9.92 -4.85
C GLY A 79 -7.47 8.44 -4.66
N ARG A 80 -7.17 7.73 -5.74
CA ARG A 80 -7.05 6.28 -5.80
C ARG A 80 -5.64 5.82 -5.43
N GLU A 81 -4.64 6.71 -5.55
CA GLU A 81 -3.24 6.52 -5.20
C GLU A 81 -3.08 5.61 -3.98
N PRO A 82 -3.66 5.95 -2.81
CA PRO A 82 -3.51 5.13 -1.64
C PRO A 82 -4.19 3.79 -1.83
N PHE A 83 -5.45 3.72 -2.29
CA PHE A 83 -6.19 2.46 -2.40
C PHE A 83 -5.50 1.44 -3.28
N VAL A 84 -4.84 1.89 -4.34
CA VAL A 84 -4.02 1.01 -5.15
C VAL A 84 -2.82 0.54 -4.34
N ARG A 85 -2.12 1.44 -3.63
CA ARG A 85 -1.01 1.01 -2.77
C ARG A 85 -1.52 -0.02 -1.76
N MET A 86 -2.65 0.20 -1.08
CA MET A 86 -3.28 -0.77 -0.19
C MET A 86 -3.48 -2.12 -0.87
N GLN A 87 -4.14 -2.16 -2.04
CA GLN A 87 -4.40 -3.41 -2.75
C GLN A 87 -3.10 -4.19 -3.03
N LEU A 88 -2.04 -3.53 -3.49
CA LEU A 88 -0.79 -4.20 -3.80
C LEU A 88 0.01 -4.52 -2.54
N TRP A 89 -0.01 -3.68 -1.51
CA TRP A 89 0.62 -3.97 -0.23
C TRP A 89 0.00 -5.25 0.33
N LEU A 90 -1.32 -5.42 0.18
CA LEU A 90 -2.02 -6.64 0.59
C LEU A 90 -1.59 -7.88 -0.20
N ASN A 91 -0.98 -7.73 -1.37
CA ASN A 91 -0.51 -8.83 -2.22
C ASN A 91 0.99 -9.07 -2.08
N ASP A 92 1.77 -8.14 -1.53
CA ASP A 92 3.20 -8.36 -1.25
C ASP A 92 3.28 -9.38 -0.13
N PRO A 93 4.06 -10.46 -0.24
CA PRO A 93 4.21 -11.41 0.85
C PRO A 93 5.09 -10.81 1.96
N HIS A 94 5.96 -9.85 1.64
CA HIS A 94 6.86 -9.19 2.59
C HIS A 94 6.27 -7.88 3.10
N ASN A 95 4.95 -7.70 2.98
CA ASN A 95 4.19 -6.53 3.38
C ASN A 95 4.28 -6.23 4.88
N VAL A 96 3.75 -7.11 5.74
CA VAL A 96 3.76 -6.96 7.17
C VAL A 96 5.20 -6.89 7.68
N GLU A 97 6.10 -7.65 7.05
CA GLU A 97 7.52 -7.68 7.36
C GLU A 97 8.14 -6.29 7.21
N LYS A 98 8.06 -5.71 6.00
CA LYS A 98 8.58 -4.36 5.80
C LYS A 98 7.84 -3.35 6.68
N LEU A 99 6.55 -3.54 6.95
CA LEU A 99 5.83 -2.59 7.80
C LEU A 99 6.29 -2.67 9.25
N ARG A 100 6.55 -3.88 9.77
CA ARG A 100 7.05 -4.01 11.13
C ARG A 100 8.46 -3.46 11.24
N ASP A 101 9.28 -3.62 10.20
CA ASP A 101 10.64 -3.10 10.12
C ASP A 101 10.69 -1.58 10.30
N MET A 102 9.69 -0.86 9.78
CA MET A 102 9.52 0.58 9.99
C MET A 102 9.34 0.94 11.46
N LYS A 103 8.67 0.08 12.23
CA LYS A 103 8.40 0.34 13.65
C LYS A 103 9.68 0.18 14.45
N LYS A 104 10.43 -0.91 14.20
CA LYS A 104 11.74 -1.16 14.77
C LYS A 104 12.78 -0.29 14.04
N LEU A 105 14.06 -0.67 14.12
CA LEU A 105 15.19 -0.10 13.40
C LEU A 105 15.21 1.42 13.53
N SER A 106 15.20 1.87 14.79
CA SER A 106 15.10 3.27 15.18
C SER A 106 15.34 3.34 16.69
N GLY A 107 14.42 2.78 17.47
CA GLY A 107 14.47 2.83 18.92
C GLY A 107 15.23 1.62 19.49
N PRO A 108 14.71 0.93 20.52
CA PRO A 108 15.39 -0.22 21.12
C PRO A 108 15.45 -1.40 20.13
N SER A 109 16.17 -2.47 20.49
CA SER A 109 16.33 -3.69 19.70
C SER A 109 17.10 -3.42 18.39
N SER A 110 18.17 -2.62 18.46
CA SER A 110 19.16 -2.57 17.39
C SER A 110 20.02 -3.84 17.50
N GLY A 111 21.25 -3.71 17.99
CA GLY A 111 21.77 -4.61 19.00
C GLY A 111 21.45 -3.93 20.32
N GLY A 1 28.51 -24.73 -41.47
CA GLY A 1 27.22 -24.09 -41.19
C GLY A 1 27.42 -22.59 -41.17
N SER A 2 26.45 -21.84 -40.65
CA SER A 2 26.59 -20.44 -40.27
C SER A 2 25.78 -20.29 -38.98
N SER A 3 26.23 -19.44 -38.07
CA SER A 3 25.72 -19.36 -36.71
C SER A 3 26.43 -18.21 -35.99
N GLY A 4 25.69 -17.32 -35.32
CA GLY A 4 26.26 -16.28 -34.49
C GLY A 4 25.15 -15.35 -33.99
N SER A 5 25.49 -14.48 -33.05
CA SER A 5 24.69 -13.36 -32.56
C SER A 5 25.58 -12.56 -31.59
N SER A 6 25.18 -11.34 -31.22
CA SER A 6 25.83 -10.49 -30.21
C SER A 6 24.88 -9.33 -29.91
N GLY A 7 25.18 -8.57 -28.84
CA GLY A 7 24.37 -7.42 -28.43
C GLY A 7 23.06 -7.87 -27.78
N TYR A 8 22.22 -6.89 -27.47
CA TYR A 8 20.91 -7.02 -26.83
C TYR A 8 20.17 -5.70 -27.11
N SER A 9 18.97 -5.52 -26.56
CA SER A 9 18.31 -4.21 -26.49
C SER A 9 17.51 -4.15 -25.20
N GLY A 10 17.00 -2.97 -24.85
CA GLY A 10 16.21 -2.76 -23.64
C GLY A 10 15.59 -1.36 -23.63
N SER A 11 14.68 -1.11 -22.69
CA SER A 11 13.93 0.14 -22.61
C SER A 11 13.65 0.52 -21.15
N GLN A 12 13.03 1.68 -20.98
CA GLN A 12 12.69 2.34 -19.73
C GLN A 12 11.39 3.14 -19.93
N ALA A 13 10.78 3.63 -18.84
CA ALA A 13 9.89 4.78 -18.89
C ALA A 13 9.79 5.41 -17.50
N PRO A 14 9.57 6.73 -17.37
CA PRO A 14 9.32 7.40 -16.11
C PRO A 14 7.88 7.12 -15.64
N GLY A 15 7.68 6.00 -14.94
CA GLY A 15 6.40 5.63 -14.38
C GLY A 15 6.26 6.17 -12.96
N GLY A 16 5.04 6.22 -12.44
CA GLY A 16 4.76 6.59 -11.06
C GLY A 16 3.35 6.18 -10.70
N ILE A 17 2.98 6.31 -9.43
CA ILE A 17 1.73 5.79 -8.89
C ILE A 17 0.52 6.26 -9.70
N GLN A 18 0.53 7.50 -10.22
CA GLN A 18 -0.59 8.05 -10.95
C GLN A 18 -0.88 7.27 -12.24
N GLU A 19 0.16 6.80 -12.92
CA GLU A 19 0.06 5.99 -14.13
C GLU A 19 -0.39 4.57 -13.76
N ILE A 20 0.11 4.02 -12.65
CA ILE A 20 -0.30 2.72 -12.16
C ILE A 20 -1.80 2.74 -11.83
N VAL A 21 -2.26 3.76 -11.12
CA VAL A 21 -3.66 3.98 -10.83
C VAL A 21 -4.45 4.08 -12.14
N ALA A 22 -3.89 4.80 -13.13
CA ALA A 22 -4.52 4.99 -14.43
C ALA A 22 -4.59 3.69 -15.25
N MET A 23 -3.94 2.62 -14.79
CA MET A 23 -3.92 1.28 -15.36
C MET A 23 -4.68 0.28 -14.49
N SER A 24 -5.07 0.68 -13.28
CA SER A 24 -5.84 -0.16 -12.38
C SER A 24 -7.23 -0.36 -12.97
N PRO A 25 -7.85 -1.53 -12.72
CA PRO A 25 -9.29 -1.68 -12.86
C PRO A 25 -9.99 -0.88 -11.76
N GLU A 26 -11.33 -0.88 -11.81
CA GLU A 26 -12.13 -0.46 -10.68
C GLU A 26 -11.75 -1.33 -9.48
N LEU A 27 -11.27 -0.70 -8.42
CA LEU A 27 -10.75 -1.35 -7.23
C LEU A 27 -11.72 -1.10 -6.12
N ASP A 28 -12.19 -2.16 -5.47
CA ASP A 28 -13.22 -2.07 -4.43
C ASP A 28 -12.66 -1.37 -3.20
N THR A 29 -12.73 -0.04 -3.16
CA THR A 29 -12.11 0.78 -2.13
C THR A 29 -12.52 0.28 -0.75
N TYR A 30 -13.83 0.09 -0.56
CA TYR A 30 -14.43 -0.44 0.64
C TYR A 30 -13.79 -1.76 1.05
N SER A 31 -13.88 -2.77 0.19
CA SER A 31 -13.40 -4.11 0.54
C SER A 31 -11.88 -4.09 0.78
N ILE A 32 -11.11 -3.27 0.06
CA ILE A 32 -9.68 -3.09 0.31
C ILE A 32 -9.53 -2.51 1.71
N THR A 33 -10.26 -1.46 2.11
CA THR A 33 -10.13 -0.91 3.47
C THR A 33 -10.41 -1.97 4.54
N LYS A 34 -11.42 -2.80 4.29
CA LYS A 34 -11.81 -3.90 5.16
C LYS A 34 -10.65 -4.88 5.25
N ARG A 35 -10.16 -5.42 4.13
CA ARG A 35 -9.07 -6.38 4.07
C ARG A 35 -7.78 -5.80 4.67
N VAL A 36 -7.54 -4.52 4.51
CA VAL A 36 -6.40 -3.84 5.12
C VAL A 36 -6.60 -3.84 6.64
N LYS A 37 -7.77 -3.41 7.13
CA LYS A 37 -8.07 -3.42 8.56
C LYS A 37 -7.94 -4.82 9.14
N GLU A 38 -8.39 -5.83 8.41
CA GLU A 38 -8.23 -7.24 8.75
C GLU A 38 -6.76 -7.49 9.03
N VAL A 39 -5.89 -7.31 8.03
CA VAL A 39 -4.46 -7.56 8.10
C VAL A 39 -3.82 -6.75 9.24
N LEU A 40 -4.19 -5.47 9.42
CA LEU A 40 -3.64 -4.65 10.48
C LEU A 40 -3.99 -5.22 11.86
N THR A 41 -5.25 -5.57 12.12
CA THR A 41 -5.67 -6.17 13.37
C THR A 41 -5.03 -7.55 13.56
N ASP A 42 -5.05 -8.40 12.52
CA ASP A 42 -4.45 -9.74 12.48
C ASP A 42 -3.04 -9.66 13.04
N ASN A 43 -2.25 -8.76 12.46
CA ASN A 43 -0.82 -8.66 12.67
C ASN A 43 -0.46 -7.68 13.78
N ASN A 44 -1.48 -7.17 14.49
CA ASN A 44 -1.40 -6.22 15.60
C ASN A 44 -0.53 -5.02 15.23
N LEU A 45 -0.77 -4.46 14.06
CA LEU A 45 -0.06 -3.34 13.47
C LEU A 45 -0.67 -2.01 13.92
N GLY A 46 0.02 -0.90 13.67
CA GLY A 46 -0.49 0.45 13.87
C GLY A 46 -1.09 0.92 12.56
N GLN A 47 -2.39 1.23 12.55
CA GLN A 47 -3.09 1.83 11.44
C GLN A 47 -2.37 3.11 11.00
N ARG A 48 -1.96 3.99 11.93
CA ARG A 48 -1.13 5.16 11.59
C ARG A 48 0.07 4.76 10.75
N LEU A 49 0.87 3.79 11.21
CA LEU A 49 2.14 3.43 10.60
C LEU A 49 1.95 3.07 9.13
N PHE A 50 0.92 2.28 8.84
CA PHE A 50 0.57 1.91 7.49
C PHE A 50 0.28 3.14 6.63
N GLY A 51 -0.48 4.11 7.16
CA GLY A 51 -0.75 5.33 6.40
C GLY A 51 0.54 6.08 6.17
N GLU A 52 1.33 6.27 7.22
CA GLU A 52 2.58 7.00 7.21
C GLU A 52 3.51 6.45 6.13
N SER A 53 3.88 5.17 6.22
CA SER A 53 4.87 4.56 5.36
C SER A 53 4.34 4.17 3.98
N ILE A 54 3.15 3.58 3.87
CA ILE A 54 2.63 3.12 2.59
C ILE A 54 2.02 4.34 1.89
N LEU A 55 1.04 4.98 2.53
CA LEU A 55 0.13 5.92 1.88
C LEU A 55 0.62 7.37 1.92
N GLY A 56 1.64 7.67 2.72
CA GLY A 56 2.04 9.03 3.02
C GLY A 56 0.97 9.82 3.76
N LEU A 57 -0.01 9.16 4.40
CA LEU A 57 -1.12 9.82 5.08
C LEU A 57 -0.88 9.79 6.58
N THR A 58 -1.20 10.90 7.21
CA THR A 58 -1.17 11.03 8.67
C THR A 58 -2.32 10.22 9.31
N GLN A 59 -2.27 10.09 10.63
CA GLN A 59 -3.18 9.28 11.42
C GLN A 59 -4.64 9.56 11.06
N GLY A 60 -5.08 10.82 11.16
CA GLY A 60 -6.48 11.19 10.98
C GLY A 60 -6.95 10.96 9.55
N SER A 61 -6.12 11.32 8.57
CA SER A 61 -6.44 11.07 7.17
C SER A 61 -6.61 9.58 6.92
N VAL A 62 -5.75 8.72 7.47
CA VAL A 62 -5.84 7.29 7.22
C VAL A 62 -6.96 6.65 8.05
N SER A 63 -7.29 7.19 9.23
CA SER A 63 -8.49 6.84 9.97
C SER A 63 -9.70 7.08 9.09
N ASP A 64 -9.83 8.30 8.58
CA ASP A 64 -10.95 8.67 7.74
C ASP A 64 -10.98 7.86 6.44
N LEU A 65 -9.82 7.50 5.88
CA LEU A 65 -9.75 6.67 4.69
C LEU A 65 -10.33 5.29 4.96
N LEU A 66 -9.83 4.61 6.00
CA LEU A 66 -10.24 3.25 6.30
C LEU A 66 -11.69 3.19 6.77
N SER A 67 -12.06 4.10 7.67
CA SER A 67 -13.36 4.10 8.31
C SER A 67 -14.48 4.65 7.43
N ARG A 68 -14.22 5.54 6.47
CA ARG A 68 -15.22 6.00 5.49
C ARG A 68 -14.53 6.24 4.15
N PRO A 69 -14.17 5.18 3.41
CA PRO A 69 -13.67 5.33 2.07
C PRO A 69 -14.82 5.81 1.19
N LYS A 70 -14.54 6.65 0.20
CA LYS A 70 -15.43 6.90 -0.90
C LYS A 70 -15.22 5.83 -1.98
N PRO A 71 -16.21 5.63 -2.86
CA PRO A 71 -16.15 4.64 -3.93
C PRO A 71 -15.10 5.04 -4.96
N TRP A 72 -14.63 4.08 -5.75
CA TRP A 72 -13.70 4.32 -6.84
C TRP A 72 -14.28 5.35 -7.82
N HIS A 73 -15.59 5.29 -8.10
CA HIS A 73 -16.23 6.24 -9.01
C HIS A 73 -16.15 7.69 -8.49
N LYS A 74 -16.17 7.89 -7.17
CA LYS A 74 -16.06 9.22 -6.55
C LYS A 74 -14.63 9.72 -6.67
N LEU A 75 -13.67 8.84 -6.43
CA LEU A 75 -12.28 9.23 -6.31
C LEU A 75 -11.74 9.47 -7.71
N SER A 76 -11.02 10.56 -7.95
CA SER A 76 -10.18 10.68 -9.15
C SER A 76 -8.85 9.96 -8.90
N LEU A 77 -7.85 10.06 -9.80
CA LEU A 77 -6.61 9.30 -9.72
C LEU A 77 -5.89 9.56 -8.39
N LYS A 78 -5.74 10.84 -8.01
CA LYS A 78 -5.25 11.27 -6.71
C LYS A 78 -6.04 10.66 -5.54
N GLY A 79 -7.32 10.39 -5.74
CA GLY A 79 -8.19 9.77 -4.77
C GLY A 79 -7.90 8.29 -4.63
N ARG A 80 -7.60 7.62 -5.74
CA ARG A 80 -7.41 6.19 -5.85
C ARG A 80 -5.99 5.78 -5.48
N GLU A 81 -5.03 6.69 -5.61
CA GLU A 81 -3.62 6.57 -5.25
C GLU A 81 -3.41 5.70 -4.00
N PRO A 82 -3.97 6.07 -2.84
CA PRO A 82 -3.73 5.30 -1.64
C PRO A 82 -4.34 3.89 -1.75
N PHE A 83 -5.55 3.74 -2.27
CA PHE A 83 -6.22 2.44 -2.38
C PHE A 83 -5.47 1.49 -3.32
N VAL A 84 -4.82 1.99 -4.36
CA VAL A 84 -3.94 1.18 -5.20
C VAL A 84 -2.75 0.72 -4.37
N ARG A 85 -2.08 1.62 -3.64
CA ARG A 85 -0.97 1.22 -2.77
C ARG A 85 -1.44 0.19 -1.73
N MET A 86 -2.64 0.33 -1.16
CA MET A 86 -3.22 -0.65 -0.26
C MET A 86 -3.38 -2.00 -0.96
N GLN A 87 -3.99 -2.03 -2.14
CA GLN A 87 -4.15 -3.25 -2.92
C GLN A 87 -2.79 -3.94 -3.14
N LEU A 88 -1.74 -3.18 -3.47
CA LEU A 88 -0.42 -3.75 -3.73
C LEU A 88 0.32 -4.12 -2.45
N TRP A 89 0.16 -3.38 -1.35
CA TRP A 89 0.71 -3.77 -0.07
C TRP A 89 0.02 -5.05 0.42
N LEU A 90 -1.22 -5.29 0.00
CA LEU A 90 -1.92 -6.53 0.25
C LEU A 90 -1.49 -7.67 -0.69
N ASN A 91 -0.73 -7.40 -1.74
CA ASN A 91 -0.14 -8.42 -2.63
C ASN A 91 1.27 -8.80 -2.18
N ASP A 92 2.08 -7.80 -1.84
CA ASP A 92 3.49 -7.93 -1.50
C ASP A 92 3.65 -8.95 -0.34
N PRO A 93 4.38 -10.07 -0.50
CA PRO A 93 4.36 -11.18 0.45
C PRO A 93 5.12 -10.89 1.75
N HIS A 94 5.98 -9.87 1.77
CA HIS A 94 6.73 -9.44 2.95
C HIS A 94 6.33 -8.02 3.37
N ASN A 95 5.14 -7.60 2.96
CA ASN A 95 4.42 -6.42 3.40
C ASN A 95 4.43 -6.23 4.91
N VAL A 96 3.96 -7.20 5.71
CA VAL A 96 3.84 -7.07 7.14
C VAL A 96 5.23 -7.07 7.78
N GLU A 97 6.14 -7.90 7.28
CA GLU A 97 7.52 -7.95 7.75
C GLU A 97 8.14 -6.55 7.66
N LYS A 98 8.05 -5.94 6.48
CA LYS A 98 8.63 -4.63 6.20
C LYS A 98 7.89 -3.53 6.95
N LEU A 99 6.55 -3.60 7.05
CA LEU A 99 5.82 -2.62 7.85
C LEU A 99 6.21 -2.71 9.33
N ARG A 100 6.37 -3.91 9.90
CA ARG A 100 6.84 -4.02 11.27
C ARG A 100 8.24 -3.43 11.39
N ASP A 101 9.08 -3.63 10.38
CA ASP A 101 10.43 -3.10 10.32
C ASP A 101 10.48 -1.58 10.10
N MET A 102 9.38 -0.95 9.65
CA MET A 102 9.26 0.51 9.64
C MET A 102 9.28 1.02 11.07
N LYS A 103 8.45 0.42 11.94
CA LYS A 103 8.27 0.84 13.34
C LYS A 103 9.59 0.78 14.10
N LYS A 104 10.37 -0.28 13.87
CA LYS A 104 11.71 -0.38 14.38
C LYS A 104 12.51 0.76 13.76
N LEU A 105 13.11 1.61 14.60
CA LEU A 105 13.92 2.74 14.19
C LEU A 105 13.11 3.85 13.50
N SER A 106 11.79 3.92 13.69
CA SER A 106 11.00 5.07 13.28
C SER A 106 9.87 5.35 14.27
N GLY A 107 9.78 6.60 14.71
CA GLY A 107 8.67 7.13 15.49
C GLY A 107 8.65 6.65 16.94
N PRO A 108 7.74 7.21 17.76
CA PRO A 108 7.50 6.71 19.09
C PRO A 108 6.89 5.30 19.00
N SER A 109 7.58 4.32 19.60
CA SER A 109 7.16 2.94 19.64
C SER A 109 7.52 2.31 21.01
N SER A 110 7.35 1.00 21.12
CA SER A 110 7.54 0.16 22.30
C SER A 110 8.21 -1.15 21.86
N GLY A 111 8.15 -2.19 22.68
CA GLY A 111 8.58 -3.53 22.32
C GLY A 111 7.44 -4.26 21.65
N GLY A 1 50.44 -5.64 -14.45
CA GLY A 1 49.09 -5.24 -14.90
C GLY A 1 48.07 -6.22 -14.35
N SER A 2 46.79 -6.03 -14.67
CA SER A 2 45.67 -6.81 -14.20
C SER A 2 44.55 -6.69 -15.25
N SER A 3 43.43 -7.38 -15.05
CA SER A 3 42.20 -7.20 -15.81
C SER A 3 41.05 -7.65 -14.90
N GLY A 4 39.82 -7.52 -15.39
CA GLY A 4 38.58 -7.85 -14.68
C GLY A 4 37.79 -6.59 -14.39
N SER A 5 36.47 -6.67 -14.54
CA SER A 5 35.48 -5.68 -14.10
C SER A 5 34.13 -6.40 -14.06
N SER A 6 33.09 -5.77 -13.53
CA SER A 6 31.73 -6.29 -13.47
C SER A 6 30.77 -5.14 -13.10
N GLY A 7 29.49 -5.45 -12.94
CA GLY A 7 28.47 -4.51 -12.50
C GLY A 7 27.76 -3.85 -13.67
N TYR A 8 27.17 -2.68 -13.42
CA TYR A 8 26.41 -1.86 -14.35
C TYR A 8 25.17 -2.60 -14.84
N SER A 9 24.32 -3.05 -13.89
CA SER A 9 23.12 -3.82 -14.17
C SER A 9 22.06 -2.95 -14.85
N GLY A 10 21.45 -2.00 -14.13
CA GLY A 10 20.43 -1.13 -14.68
C GLY A 10 19.12 -1.86 -14.90
N SER A 11 18.46 -1.58 -16.03
CA SER A 11 17.09 -2.02 -16.35
C SER A 11 16.05 -1.55 -15.33
N GLN A 12 14.79 -2.02 -15.49
CA GLN A 12 13.64 -1.85 -14.60
C GLN A 12 13.18 -0.39 -14.40
N ALA A 13 11.96 -0.20 -13.89
CA ALA A 13 11.36 1.10 -13.59
C ALA A 13 10.48 1.01 -12.34
N PRO A 14 10.29 2.09 -11.57
CA PRO A 14 9.53 2.06 -10.33
C PRO A 14 8.01 2.11 -10.57
N GLY A 15 7.57 2.66 -11.71
CA GLY A 15 6.16 2.91 -11.97
C GLY A 15 5.64 3.95 -10.97
N GLY A 16 5.91 5.23 -11.24
CA GLY A 16 5.38 6.34 -10.45
C GLY A 16 3.87 6.15 -10.26
N ILE A 17 3.39 6.23 -9.01
CA ILE A 17 2.10 5.71 -8.59
C ILE A 17 0.95 6.18 -9.48
N GLN A 18 0.97 7.43 -9.95
CA GLN A 18 -0.07 7.97 -10.81
C GLN A 18 -0.34 7.08 -12.03
N GLU A 19 0.70 6.55 -12.67
CA GLU A 19 0.58 5.72 -13.86
C GLU A 19 -0.14 4.43 -13.52
N ILE A 20 0.33 3.70 -12.51
CA ILE A 20 -0.27 2.44 -12.08
C ILE A 20 -1.72 2.68 -11.66
N VAL A 21 -2.05 3.82 -11.05
CA VAL A 21 -3.42 4.15 -10.71
C VAL A 21 -4.25 4.40 -11.98
N ALA A 22 -3.63 4.96 -13.01
CA ALA A 22 -4.27 5.28 -14.28
C ALA A 22 -4.72 4.00 -14.98
N MET A 23 -3.86 2.97 -14.99
CA MET A 23 -4.15 1.65 -15.52
C MET A 23 -4.95 0.77 -14.54
N SER A 24 -5.11 1.15 -13.27
CA SER A 24 -5.75 0.28 -12.29
C SER A 24 -7.25 0.10 -12.61
N PRO A 25 -7.78 -1.12 -12.50
CA PRO A 25 -9.21 -1.42 -12.61
C PRO A 25 -10.00 -0.75 -11.49
N GLU A 26 -11.32 -0.90 -11.50
CA GLU A 26 -12.22 -0.43 -10.47
C GLU A 26 -12.00 -1.22 -9.19
N LEU A 27 -10.99 -0.79 -8.42
CA LEU A 27 -10.64 -1.38 -7.15
C LEU A 27 -11.80 -1.22 -6.18
N ASP A 28 -12.12 -2.29 -5.46
CA ASP A 28 -13.18 -2.26 -4.47
C ASP A 28 -12.63 -1.54 -3.25
N THR A 29 -12.74 -0.21 -3.23
CA THR A 29 -12.18 0.63 -2.18
C THR A 29 -12.61 0.10 -0.81
N TYR A 30 -13.91 -0.15 -0.66
CA TYR A 30 -14.52 -0.73 0.51
C TYR A 30 -13.86 -2.05 0.92
N SER A 31 -13.91 -3.07 0.07
CA SER A 31 -13.28 -4.37 0.29
C SER A 31 -11.84 -4.18 0.73
N ILE A 32 -11.03 -3.41 -0.03
CA ILE A 32 -9.64 -3.14 0.26
C ILE A 32 -9.53 -2.57 1.68
N THR A 33 -10.29 -1.55 2.05
CA THR A 33 -10.17 -0.98 3.40
C THR A 33 -10.40 -2.04 4.46
N LYS A 34 -11.38 -2.92 4.27
CA LYS A 34 -11.64 -4.03 5.17
C LYS A 34 -10.44 -4.98 5.17
N ARG A 35 -10.05 -5.51 4.02
CA ARG A 35 -8.93 -6.44 3.86
C ARG A 35 -7.66 -5.88 4.50
N VAL A 36 -7.41 -4.59 4.38
CA VAL A 36 -6.33 -3.87 5.04
C VAL A 36 -6.55 -3.92 6.55
N LYS A 37 -7.67 -3.39 7.04
CA LYS A 37 -7.96 -3.29 8.46
C LYS A 37 -7.82 -4.62 9.17
N GLU A 38 -8.36 -5.69 8.61
CA GLU A 38 -8.30 -7.04 9.17
C GLU A 38 -6.83 -7.43 9.37
N VAL A 39 -5.98 -7.26 8.35
CA VAL A 39 -4.55 -7.56 8.43
C VAL A 39 -3.87 -6.69 9.50
N LEU A 40 -4.20 -5.39 9.58
CA LEU A 40 -3.65 -4.50 10.60
C LEU A 40 -4.04 -5.00 11.99
N THR A 41 -5.31 -5.34 12.22
CA THR A 41 -5.80 -5.84 13.48
C THR A 41 -5.09 -7.15 13.85
N ASP A 42 -5.03 -8.13 12.94
CA ASP A 42 -4.41 -9.44 13.18
C ASP A 42 -3.00 -9.24 13.74
N ASN A 43 -2.24 -8.39 13.06
CA ASN A 43 -0.82 -8.19 13.29
C ASN A 43 -0.54 -7.10 14.33
N ASN A 44 -1.59 -6.57 14.99
CA ASN A 44 -1.59 -5.50 16.00
C ASN A 44 -0.80 -4.28 15.54
N LEU A 45 -0.97 -3.91 14.26
CA LEU A 45 -0.30 -2.82 13.59
C LEU A 45 -1.07 -1.53 13.84
N GLY A 46 -0.37 -0.49 14.26
CA GLY A 46 -0.93 0.84 14.36
C GLY A 46 -1.33 1.33 12.97
N GLN A 47 -2.60 1.72 12.79
CA GLN A 47 -3.09 2.27 11.51
C GLN A 47 -2.18 3.38 10.99
N ARG A 48 -1.70 4.25 11.89
CA ARG A 48 -0.87 5.38 11.49
C ARG A 48 0.31 4.90 10.66
N LEU A 49 1.03 3.88 11.10
CA LEU A 49 2.26 3.44 10.46
C LEU A 49 1.98 3.07 9.01
N PHE A 50 1.01 2.20 8.78
CA PHE A 50 0.58 1.83 7.43
C PHE A 50 0.32 3.07 6.56
N GLY A 51 -0.30 4.11 7.12
CA GLY A 51 -0.46 5.37 6.42
C GLY A 51 0.89 5.99 6.15
N GLU A 52 1.64 6.36 7.19
CA GLU A 52 2.93 7.04 7.12
C GLU A 52 3.87 6.38 6.11
N SER A 53 4.11 5.08 6.29
CA SER A 53 4.91 4.19 5.46
C SER A 53 4.43 4.24 4.02
N ILE A 54 3.24 3.69 3.76
CA ILE A 54 2.84 3.34 2.40
C ILE A 54 2.20 4.55 1.74
N LEU A 55 1.24 5.17 2.43
CA LEU A 55 0.34 6.18 1.86
C LEU A 55 0.82 7.62 2.05
N GLY A 56 1.73 7.87 2.99
CA GLY A 56 2.00 9.20 3.51
C GLY A 56 0.72 9.88 3.99
N LEU A 57 0.03 9.31 4.99
CA LEU A 57 -1.09 9.98 5.66
C LEU A 57 -0.92 9.89 7.17
N THR A 58 -1.44 10.91 7.87
CA THR A 58 -1.53 10.94 9.32
C THR A 58 -2.49 9.84 9.80
N GLN A 59 -2.50 9.52 11.11
CA GLN A 59 -3.48 8.58 11.65
C GLN A 59 -4.89 9.08 11.33
N GLY A 60 -5.21 10.33 11.66
CA GLY A 60 -6.56 10.85 11.52
C GLY A 60 -7.05 10.72 10.08
N SER A 61 -6.19 11.04 9.11
CA SER A 61 -6.49 11.00 7.69
C SER A 61 -6.61 9.55 7.19
N VAL A 62 -5.71 8.64 7.60
CA VAL A 62 -5.78 7.26 7.16
C VAL A 62 -6.99 6.56 7.80
N SER A 63 -7.29 6.88 9.06
CA SER A 63 -8.43 6.32 9.76
C SER A 63 -9.73 6.79 9.12
N ASP A 64 -9.86 8.03 8.67
CA ASP A 64 -10.99 8.46 7.83
C ASP A 64 -11.12 7.56 6.60
N LEU A 65 -9.99 7.32 5.91
CA LEU A 65 -9.98 6.51 4.69
C LEU A 65 -10.53 5.12 4.94
N LEU A 66 -10.10 4.49 6.03
CA LEU A 66 -10.46 3.11 6.38
C LEU A 66 -11.82 3.01 7.07
N SER A 67 -12.22 4.08 7.73
CA SER A 67 -13.50 4.26 8.41
C SER A 67 -14.61 4.31 7.37
N ARG A 68 -14.58 5.29 6.46
CA ARG A 68 -15.66 5.54 5.51
C ARG A 68 -15.05 5.86 4.15
N PRO A 69 -14.48 4.88 3.43
CA PRO A 69 -13.90 5.11 2.10
C PRO A 69 -15.00 5.55 1.14
N LYS A 70 -14.64 6.38 0.15
CA LYS A 70 -15.51 6.66 -0.98
C LYS A 70 -15.34 5.56 -2.04
N PRO A 71 -16.32 5.38 -2.93
CA PRO A 71 -16.24 4.42 -4.05
C PRO A 71 -15.19 4.88 -5.06
N TRP A 72 -14.72 3.94 -5.90
CA TRP A 72 -13.72 4.21 -6.93
C TRP A 72 -14.13 5.37 -7.85
N HIS A 73 -15.40 5.47 -8.24
CA HIS A 73 -15.85 6.58 -9.11
C HIS A 73 -15.71 7.93 -8.41
N LYS A 74 -16.04 8.01 -7.11
CA LYS A 74 -15.96 9.26 -6.33
C LYS A 74 -14.53 9.74 -6.13
N LEU A 75 -13.56 8.88 -6.40
CA LEU A 75 -12.17 9.20 -6.24
C LEU A 75 -11.63 9.50 -7.63
N SER A 76 -11.02 10.67 -7.80
CA SER A 76 -10.17 10.96 -8.94
C SER A 76 -8.91 10.09 -8.84
N LEU A 77 -8.00 10.19 -9.82
CA LEU A 77 -6.73 9.45 -9.77
C LEU A 77 -5.98 9.75 -8.46
N LYS A 78 -5.91 11.02 -8.03
CA LYS A 78 -5.38 11.43 -6.72
C LYS A 78 -6.13 10.84 -5.52
N GLY A 79 -7.40 10.49 -5.71
CA GLY A 79 -8.21 9.79 -4.72
C GLY A 79 -7.89 8.31 -4.65
N ARG A 80 -7.52 7.71 -5.78
CA ARG A 80 -7.29 6.29 -5.92
C ARG A 80 -5.88 5.90 -5.57
N GLU A 81 -4.95 6.86 -5.67
CA GLU A 81 -3.54 6.75 -5.30
C GLU A 81 -3.30 5.87 -4.07
N PRO A 82 -3.95 6.12 -2.91
CA PRO A 82 -3.72 5.31 -1.75
C PRO A 82 -4.30 3.90 -1.91
N PHE A 83 -5.55 3.76 -2.35
CA PHE A 83 -6.22 2.45 -2.44
C PHE A 83 -5.49 1.50 -3.39
N VAL A 84 -4.83 2.00 -4.43
CA VAL A 84 -3.97 1.19 -5.28
C VAL A 84 -2.82 0.64 -4.45
N ARG A 85 -2.07 1.49 -3.74
CA ARG A 85 -1.00 1.00 -2.88
C ARG A 85 -1.54 0.07 -1.80
N MET A 86 -2.74 0.27 -1.27
CA MET A 86 -3.34 -0.64 -0.32
C MET A 86 -3.53 -2.01 -0.97
N GLN A 87 -4.12 -2.07 -2.16
CA GLN A 87 -4.30 -3.29 -2.91
C GLN A 87 -2.97 -4.01 -3.14
N LEU A 88 -1.97 -3.32 -3.69
CA LEU A 88 -0.69 -3.96 -3.99
C LEU A 88 0.06 -4.31 -2.70
N TRP A 89 -0.04 -3.54 -1.62
CA TRP A 89 0.60 -3.85 -0.34
C TRP A 89 0.00 -5.13 0.21
N LEU A 90 -1.32 -5.30 0.14
CA LEU A 90 -1.97 -6.56 0.49
C LEU A 90 -1.51 -7.73 -0.37
N ASN A 91 -0.91 -7.46 -1.53
CA ASN A 91 -0.54 -8.45 -2.53
C ASN A 91 0.94 -8.83 -2.42
N ASP A 92 1.76 -7.98 -1.78
CA ASP A 92 3.14 -8.23 -1.42
C ASP A 92 3.16 -9.26 -0.28
N PRO A 93 4.17 -10.13 -0.19
CA PRO A 93 4.24 -11.17 0.83
C PRO A 93 4.87 -10.67 2.13
N HIS A 94 5.99 -9.92 2.04
CA HIS A 94 6.69 -9.32 3.18
C HIS A 94 6.12 -7.93 3.50
N ASN A 95 4.85 -7.71 3.15
CA ASN A 95 4.13 -6.47 3.37
C ASN A 95 4.03 -6.13 4.85
N VAL A 96 3.63 -7.09 5.68
CA VAL A 96 3.57 -6.93 7.11
C VAL A 96 4.99 -6.78 7.64
N GLU A 97 5.94 -7.57 7.15
CA GLU A 97 7.32 -7.54 7.62
C GLU A 97 7.96 -6.18 7.40
N LYS A 98 7.91 -5.60 6.19
CA LYS A 98 8.45 -4.25 5.98
C LYS A 98 7.73 -3.26 6.89
N LEU A 99 6.41 -3.40 7.05
CA LEU A 99 5.66 -2.51 7.92
C LEU A 99 6.06 -2.64 9.39
N ARG A 100 6.48 -3.83 9.83
CA ARG A 100 6.95 -4.04 11.20
C ARG A 100 8.40 -3.60 11.33
N ASP A 101 9.21 -3.77 10.29
CA ASP A 101 10.61 -3.36 10.24
C ASP A 101 10.73 -1.86 10.50
N MET A 102 9.77 -1.08 9.99
CA MET A 102 9.65 0.35 10.28
C MET A 102 9.58 0.64 11.78
N LYS A 103 8.92 -0.22 12.55
CA LYS A 103 8.69 -0.07 13.98
C LYS A 103 9.89 -0.60 14.76
N LYS A 104 10.33 -1.82 14.46
CA LYS A 104 11.33 -2.60 15.18
C LYS A 104 11.18 -2.50 16.70
N LEU A 105 12.26 -2.73 17.46
CA LEU A 105 12.40 -2.63 18.92
C LEU A 105 11.14 -3.07 19.67
N SER A 106 10.71 -4.31 19.43
CA SER A 106 9.52 -4.86 20.07
C SER A 106 9.53 -6.39 20.27
N GLY A 107 10.53 -7.14 19.80
CA GLY A 107 10.58 -8.58 20.04
C GLY A 107 11.50 -9.31 19.06
N PRO A 108 11.43 -10.67 19.01
CA PRO A 108 12.30 -11.49 18.18
C PRO A 108 12.18 -11.06 16.72
N SER A 109 13.29 -10.53 16.21
CA SER A 109 13.46 -9.88 14.92
C SER A 109 14.85 -10.24 14.40
N SER A 110 15.05 -10.15 13.08
CA SER A 110 15.96 -11.06 12.39
C SER A 110 15.58 -12.53 12.73
N GLY A 111 16.48 -13.49 12.54
CA GLY A 111 16.20 -14.89 12.77
C GLY A 111 17.49 -15.64 12.94
#